data_9DTQ
#
_entry.id   9DTQ
#
_cell.length_a   1.00
_cell.length_b   1.00
_cell.length_c   1.00
_cell.angle_alpha   90.00
_cell.angle_beta   90.00
_cell.angle_gamma   90.00
#
_symmetry.space_group_name_H-M   'P 1'
#
loop_
_entity.id
_entity.type
_entity.pdbx_description
1 polymer 'Histone deacetylase 2'
2 polymer 'Kelch repeat and BTB domain-containing protein 4'
3 polymer 'REST corepressor 1'
4 non-polymer 'INOSITOL HEXAKISPHOSPHATE'
#
loop_
_entity_poly.entity_id
_entity_poly.type
_entity_poly.pdbx_seq_one_letter_code
_entity_poly.pdbx_strand_id
1 'polypeptide(L)'
;AYSQGGGKKKVCYYYDGDIGNYYYGQGHPMKPHRIRMTHNLLLNYGLYRKMEIYRPHKATAEEMTKYHSDEYIKFLRSIR
PDNMSEYSKQMQRFNVGEDCPVFDGLFEFCQLSTGGSVAGAVKLNRQQTDMAVNWAGGLHHAKKSEASGFCYVNDIVLAI
LELLKYHQRVLYIDIDIHHGDGVEEAFYTTDRVMTVSFHKYGEYFPGTGDLRDIGAGKGKYYAVNFPMRDGIDDESYGQI
FKPIISKVMEMYQPSAVVLQCGADSLSGDRLGCFNLTVKGHAKCVEVVKTFNLPLLMLGGGGYTIRNVARCWTYETAVAL
DCEIPNELPYNDYFEYFGPDFKLHISPSNMTNQNTPEYMEKIKQRLFENLRMLPHAPGVQMQAIPEDAVHEDSGDEDGED
PDKRISIRASDKRIACDEEFSDSEDEGEGGRRNVADHKKGAKKARIEEDKKETEDKKTDVKEEDKSKDNSGEKTDTKGTK
SEQLSNP
;
A
2 'polypeptide(L)'
;MESPEEPGASMDENYFVNYTFKDRSHSGRVAQGIMKLCLEEELFADVTISVEGREFQLHRLVLSAQSCFFRSMFTSNLKE
AHNRVIVLQDVSESVFQLLVDYIYHGTVKLRAEELQEIYEVSDMYQLTSLFEECSRFLARTVQVGNCLQVMWLADRHSDP
ELYTAAKHCAKTHLAQLQNTEEFLHLPHRLLTDIISDGVPCSQNPTEAIEAWINFNKEEREAFAESLRTSLKEIGENVHI
YLIGKESSRTHSLAVSLHCAEDDSISVSGQNSLCHQITAACKHGGDLYVVGGSIPRPRRMWKCNNATVDWEWCAPLPRDR
LQHTLVSVPGKDAIYSLGGKTLQDTLSNAVIYYRVGDNVWTETTQLEVAVSGAAGANLNGIIYLLGGEENDLDFFTKPSR
LIQCFDTETDKCHVKPYVLPFAGRMHAAVHKDLVFIVAEGDSLVCYNPLLDSFTRLCLPEAWSSAPSLWKIASCNGSIYV
FRDRYKKGDANTYKLDPATSAVTVTRGIKVLLTNLQFVLA
;
B,E
3 'polypeptide(L)'
;MSWEEGSSGSSSDEEHGGGGMRVGPQYQAVVPDFDPAKLARRSQERDNLGMLVWSPNQNLSEAKLDEYIAIAKEKHGYNM
EQALGMLFWHKHNIEKSLADLPNFTPFPDEWTVEDKVLFEQAFSFHGKTFHRIQQMLPDKSIASLVKFYYSWKKTRTKTS
VMDRHARKQKREREESEDELEEANGNNPIDIEVDQNKESKKEVPPTETVPQVKKEKHSTQAKNRAKRKPPKGMFLSQEDV
EAVSANATAATTVLRQLDMELVSVKRQIQNIKQTNSALKEKLDGGIEPYRLPEVIQKCNARWTTEEQLLAVQAIRKYGRD
FQAISDVIGNKSVVQVKNFFVNYRRRFNIDEVLQEWEAEHGKEETNGPSNQKPVKSPDNSIKMPEEEDEAPVLDVRYASA
S
;
D
#
loop_
_chem_comp.id
_chem_comp.type
_chem_comp.name
_chem_comp.formula
IHP non-polymer 'INOSITOL HEXAKISPHOSPHATE' 'C6 H18 O24 P6'
#
# COMPACT_ATOMS: atom_id res chain seq x y z
N LYS A 8 2.21 7.20 52.94
CA LYS A 8 2.20 8.52 53.56
C LYS A 8 3.42 9.34 53.15
N LYS A 9 3.67 9.39 51.83
CA LYS A 9 4.80 10.14 51.31
C LYS A 9 4.47 11.64 51.28
N LYS A 10 5.48 12.43 50.90
CA LYS A 10 5.34 13.87 50.81
C LYS A 10 5.35 14.29 49.34
N VAL A 11 4.37 15.11 48.96
CA VAL A 11 4.20 15.58 47.59
C VAL A 11 4.31 17.09 47.58
N CYS A 12 5.07 17.62 46.63
CA CYS A 12 5.24 19.05 46.43
C CYS A 12 4.63 19.47 45.11
N TYR A 13 4.03 20.65 45.08
CA TYR A 13 3.30 21.15 43.92
C TYR A 13 3.83 22.53 43.56
N TYR A 14 4.17 22.72 42.29
CA TYR A 14 4.69 23.98 41.78
C TYR A 14 3.71 24.56 40.79
N TYR A 15 3.33 25.83 40.99
CA TYR A 15 2.35 26.48 40.14
C TYR A 15 2.55 27.98 40.21
N ASP A 16 2.54 28.63 39.05
CA ASP A 16 2.59 30.09 38.95
C ASP A 16 1.28 30.57 38.35
N GLY A 17 0.66 31.55 39.02
CA GLY A 17 -0.67 32.00 38.63
C GLY A 17 -0.75 32.66 37.27
N ASP A 18 0.38 33.14 36.74
CA ASP A 18 0.38 33.82 35.45
C ASP A 18 0.69 32.89 34.28
N ILE A 19 0.88 31.60 34.53
CA ILE A 19 1.22 30.67 33.44
C ILE A 19 0.06 30.52 32.46
N GLY A 20 -1.18 30.72 32.92
CA GLY A 20 -2.33 30.55 32.08
C GLY A 20 -2.69 31.75 31.23
N ASN A 21 -1.97 32.86 31.36
CA ASN A 21 -2.25 34.08 30.63
C ASN A 21 -1.36 34.25 29.41
N TYR A 22 -0.56 33.24 29.07
CA TYR A 22 0.25 33.28 27.86
C TYR A 22 -0.51 32.61 26.72
N TYR A 23 -0.58 33.29 25.59
CA TYR A 23 -1.34 32.83 24.43
C TYR A 23 -0.38 32.53 23.29
N TYR A 24 -0.37 31.29 22.83
CA TYR A 24 0.48 30.93 21.69
C TYR A 24 0.02 31.63 20.43
N GLY A 25 -1.28 31.76 20.24
CA GLY A 25 -1.83 32.40 19.06
C GLY A 25 -3.18 31.82 18.71
N GLN A 26 -3.82 32.44 17.73
CA GLN A 26 -5.14 32.00 17.30
C GLN A 26 -5.02 30.72 16.48
N GLY A 27 -5.79 29.70 16.85
CA GLY A 27 -5.77 28.45 16.14
C GLY A 27 -4.59 27.57 16.42
N HIS A 28 -3.73 27.94 17.37
CA HIS A 28 -2.65 27.06 17.79
C HIS A 28 -3.19 26.03 18.78
N PRO A 29 -2.90 24.74 18.58
CA PRO A 29 -3.49 23.71 19.46
C PRO A 29 -2.99 23.78 20.90
N MET A 30 -1.90 24.49 21.18
CA MET A 30 -1.29 24.48 22.50
C MET A 30 -1.89 25.60 23.35
N LYS A 31 -2.56 25.22 24.44
CA LYS A 31 -3.24 26.16 25.33
C LYS A 31 -2.63 26.11 26.72
N PRO A 32 -1.83 27.09 27.14
CA PRO A 32 -1.31 27.10 28.51
C PRO A 32 -2.41 27.26 29.57
N HIS A 33 -3.66 27.37 29.14
CA HIS A 33 -4.80 27.49 30.03
C HIS A 33 -5.22 26.15 30.64
N ARG A 34 -4.72 25.04 30.12
CA ARG A 34 -5.06 23.73 30.67
C ARG A 34 -4.43 23.50 32.03
N ILE A 35 -3.51 24.35 32.47
CA ILE A 35 -2.94 24.23 33.80
C ILE A 35 -3.74 25.03 34.83
N ARG A 36 -4.37 26.14 34.42
CA ARG A 36 -5.23 26.87 35.32
C ARG A 36 -6.46 26.07 35.71
N MET A 37 -7.07 25.39 34.74
CA MET A 37 -8.23 24.55 35.05
C MET A 37 -7.84 23.32 35.87
N THR A 38 -6.66 22.77 35.61
CA THR A 38 -6.15 21.70 36.46
C THR A 38 -5.97 22.17 37.89
N HIS A 39 -5.40 23.37 38.08
CA HIS A 39 -5.21 23.91 39.42
C HIS A 39 -6.54 24.14 40.11
N ASN A 40 -7.53 24.65 39.39
CA ASN A 40 -8.85 24.87 39.99
C ASN A 40 -9.52 23.56 40.37
N LEU A 41 -9.41 22.54 39.52
CA LEU A 41 -9.98 21.24 39.87
C LEU A 41 -9.28 20.64 41.08
N LEU A 42 -7.96 20.82 41.18
CA LEU A 42 -7.25 20.36 42.37
C LEU A 42 -7.69 21.12 43.61
N LEU A 43 -7.90 22.44 43.49
CA LEU A 43 -8.35 23.24 44.62
C LEU A 43 -9.71 22.79 45.11
N ASN A 44 -10.66 22.59 44.19
CA ASN A 44 -12.03 22.28 44.58
C ASN A 44 -12.24 20.81 44.89
N TYR A 45 -11.29 19.93 44.54
CA TYR A 45 -11.37 18.53 44.94
C TYR A 45 -10.76 18.28 46.32
N GLY A 46 -10.13 19.28 46.91
CA GLY A 46 -9.52 19.14 48.22
C GLY A 46 -8.10 18.63 48.21
N LEU A 47 -7.51 18.40 47.05
CA LEU A 47 -6.13 17.91 46.97
C LEU A 47 -5.11 19.02 47.15
N TYR A 48 -5.52 20.28 47.00
CA TYR A 48 -4.60 21.40 47.20
C TYR A 48 -4.11 21.48 48.64
N ARG A 49 -5.00 21.21 49.59
CA ARG A 49 -4.67 21.28 51.01
C ARG A 49 -3.79 20.13 51.49
N LYS A 50 -3.58 19.11 50.66
CA LYS A 50 -2.88 17.90 51.08
C LYS A 50 -1.41 17.89 50.73
N MET A 51 -0.91 18.92 50.04
CA MET A 51 0.48 18.95 49.62
C MET A 51 1.09 20.30 49.94
N GLU A 52 2.39 20.42 49.69
CA GLU A 52 3.12 21.68 49.83
C GLU A 52 3.08 22.42 48.50
N ILE A 53 2.70 23.69 48.55
CA ILE A 53 2.50 24.50 47.35
C ILE A 53 3.63 25.52 47.26
N TYR A 54 4.26 25.60 46.10
CA TYR A 54 5.38 26.48 45.86
C TYR A 54 5.11 27.38 44.67
N ARG A 55 5.65 28.60 44.73
CA ARG A 55 5.64 29.52 43.61
C ARG A 55 6.99 29.42 42.93
N PRO A 56 7.08 28.87 41.72
CA PRO A 56 8.39 28.63 41.13
C PRO A 56 9.13 29.92 40.83
N HIS A 57 10.44 29.86 40.92
CA HIS A 57 11.28 30.99 40.54
C HIS A 57 11.42 31.05 39.02
N LYS A 58 11.75 32.23 38.53
CA LYS A 58 12.01 32.42 37.11
C LYS A 58 13.45 31.99 36.83
N ALA A 59 13.61 30.91 36.06
CA ALA A 59 14.95 30.40 35.77
C ALA A 59 15.74 31.42 34.97
N THR A 60 16.90 31.81 35.50
CA THR A 60 17.73 32.79 34.82
C THR A 60 18.29 32.19 33.52
N ALA A 61 18.70 33.09 32.62
CA ALA A 61 19.26 32.65 31.35
C ALA A 61 20.54 31.86 31.55
N GLU A 62 21.26 32.10 32.65
CA GLU A 62 22.47 31.33 32.91
C GLU A 62 22.17 29.89 33.28
N GLU A 63 21.02 29.64 33.93
CA GLU A 63 20.62 28.27 34.21
C GLU A 63 20.22 27.53 32.94
N MET A 64 19.63 28.23 31.97
CA MET A 64 19.22 27.58 30.73
C MET A 64 20.41 27.17 29.88
N THR A 65 21.50 27.95 29.91
CA THR A 65 22.68 27.65 29.10
C THR A 65 23.53 26.53 29.67
N LYS A 66 23.09 25.85 30.72
CA LYS A 66 23.76 24.63 31.13
C LYS A 66 23.61 23.54 30.07
N TYR A 67 22.52 23.57 29.31
CA TYR A 67 22.31 22.69 28.17
C TYR A 67 22.28 23.45 26.85
N HIS A 68 21.41 24.44 26.73
CA HIS A 68 21.24 25.16 25.48
C HIS A 68 22.43 26.06 25.20
N SER A 69 22.60 26.41 23.94
CA SER A 69 23.68 27.30 23.54
C SER A 69 23.38 28.73 23.98
N ASP A 70 24.44 29.54 24.09
CA ASP A 70 24.27 30.91 24.53
C ASP A 70 23.57 31.75 23.46
N GLU A 71 23.87 31.50 22.19
CA GLU A 71 23.23 32.26 21.11
C GLU A 71 21.74 32.00 21.06
N TYR A 72 21.33 30.75 21.25
CA TYR A 72 19.90 30.41 21.21
C TYR A 72 19.15 31.08 22.35
N ILE A 73 19.71 31.04 23.56
CA ILE A 73 19.05 31.67 24.70
C ILE A 73 19.04 33.19 24.55
N LYS A 74 20.10 33.75 23.98
CA LYS A 74 20.13 35.19 23.72
C LYS A 74 19.06 35.59 22.71
N PHE A 75 18.88 34.80 21.66
CA PHE A 75 17.82 35.07 20.70
C PHE A 75 16.44 34.95 21.36
N LEU A 76 16.25 33.94 22.20
CA LEU A 76 14.99 33.80 22.92
C LEU A 76 14.72 35.01 23.80
N ARG A 77 15.76 35.52 24.47
CA ARG A 77 15.60 36.68 25.33
C ARG A 77 15.35 37.95 24.54
N SER A 78 15.88 38.04 23.32
CA SER A 78 15.83 39.28 22.56
C SER A 78 14.61 39.40 21.67
N ILE A 79 14.06 38.30 21.17
CA ILE A 79 12.99 38.37 20.19
C ILE A 79 11.68 38.80 20.86
N ARG A 80 10.96 39.70 20.19
CA ARG A 80 9.61 40.11 20.58
C ARG A 80 8.78 40.19 19.31
N PRO A 81 7.45 40.14 19.43
CA PRO A 81 6.60 40.29 18.23
C PRO A 81 6.77 41.63 17.54
N ASP A 82 7.23 42.66 18.25
CA ASP A 82 7.36 43.99 17.66
C ASP A 82 8.58 44.09 16.74
N ASN A 83 9.63 43.33 17.00
CA ASN A 83 10.89 43.44 16.27
C ASN A 83 11.20 42.15 15.51
N MET A 84 10.18 41.53 14.94
CA MET A 84 10.37 40.30 14.17
C MET A 84 11.03 40.54 12.82
N SER A 85 11.17 41.79 12.40
CA SER A 85 11.73 42.09 11.08
C SER A 85 13.24 41.90 11.03
N GLU A 86 13.94 42.29 12.09
CA GLU A 86 15.39 42.27 12.10
C GLU A 86 15.98 40.89 12.34
N TYR A 87 15.17 39.91 12.78
CA TYR A 87 15.68 38.61 13.18
C TYR A 87 15.29 37.49 12.24
N SER A 88 14.86 37.80 11.00
CA SER A 88 14.30 36.79 10.12
C SER A 88 15.28 35.64 9.88
N LYS A 89 16.56 35.96 9.65
CA LYS A 89 17.57 34.93 9.52
C LYS A 89 17.73 34.14 10.81
N GLN A 90 17.69 34.83 11.95
CA GLN A 90 17.79 34.15 13.23
C GLN A 90 16.59 33.24 13.49
N MET A 91 15.39 33.70 13.14
CA MET A 91 14.22 32.85 13.27
C MET A 91 14.31 31.63 12.36
N GLN A 92 14.84 31.82 11.15
CA GLN A 92 15.03 30.68 10.25
C GLN A 92 16.04 29.70 10.82
N ARG A 93 17.10 30.20 11.45
CA ARG A 93 18.14 29.32 11.96
C ARG A 93 17.67 28.55 13.20
N PHE A 94 16.95 29.20 14.09
CA PHE A 94 16.57 28.63 15.37
C PHE A 94 15.19 27.97 15.35
N ASN A 95 14.56 27.89 14.18
CA ASN A 95 13.29 27.15 14.01
C ASN A 95 12.17 27.77 14.85
N VAL A 96 12.11 29.10 14.85
CA VAL A 96 11.13 29.84 15.65
C VAL A 96 10.26 30.67 14.71
N GLY A 97 8.95 30.47 14.80
CA GLY A 97 8.02 31.32 14.08
C GLY A 97 6.87 30.65 13.37
N GLU A 98 7.09 29.47 12.79
CA GLU A 98 6.02 28.79 12.05
C GLU A 98 5.12 27.99 12.97
N ASP A 99 5.67 26.96 13.63
CA ASP A 99 4.92 26.16 14.59
C ASP A 99 5.26 26.50 16.03
N CYS A 100 6.43 27.09 16.26
CA CYS A 100 6.81 27.66 17.56
C CYS A 100 6.74 29.17 17.41
N PRO A 101 5.56 29.76 17.58
CA PRO A 101 5.39 31.18 17.23
C PRO A 101 6.07 32.10 18.22
N VAL A 102 6.19 33.36 17.80
CA VAL A 102 6.67 34.43 18.66
C VAL A 102 5.44 35.12 19.24
N PHE A 103 5.27 35.02 20.56
CA PHE A 103 4.14 35.63 21.24
C PHE A 103 4.64 36.43 22.42
N ASP A 104 3.75 37.29 22.94
CA ASP A 104 4.08 38.13 24.07
C ASP A 104 4.37 37.28 25.31
N GLY A 105 5.50 37.56 25.96
CA GLY A 105 5.88 36.84 27.15
C GLY A 105 6.37 35.44 26.92
N LEU A 106 7.05 35.18 25.81
CA LEU A 106 7.55 33.85 25.51
C LEU A 106 8.64 33.44 26.51
N PHE A 107 9.61 34.33 26.75
CA PHE A 107 10.72 33.99 27.61
C PHE A 107 10.27 33.78 29.05
N GLU A 108 9.29 34.56 29.52
CA GLU A 108 8.77 34.37 30.86
C GLU A 108 8.08 33.02 31.00
N PHE A 109 7.35 32.60 29.96
CA PHE A 109 6.75 31.27 29.95
C PHE A 109 7.82 30.19 30.06
N CYS A 110 8.89 30.31 29.26
CA CYS A 110 9.98 29.35 29.33
C CYS A 110 10.63 29.35 30.72
N GLN A 111 10.82 30.54 31.30
CA GLN A 111 11.45 30.65 32.61
C GLN A 111 10.61 29.98 33.68
N LEU A 112 9.30 30.18 33.66
CA LEU A 112 8.44 29.56 34.67
C LEU A 112 8.42 28.04 34.52
N SER A 113 8.27 27.56 33.27
CA SER A 113 8.24 26.12 33.04
C SER A 113 9.56 25.46 33.47
N THR A 114 10.69 26.10 33.18
CA THR A 114 11.98 25.54 33.56
C THR A 114 12.20 25.64 35.06
N GLY A 115 11.78 26.73 35.68
CA GLY A 115 12.01 26.92 37.10
C GLY A 115 11.24 25.94 37.95
N GLY A 116 10.01 25.61 37.55
CA GLY A 116 9.27 24.60 38.29
C GLY A 116 9.98 23.27 38.32
N SER A 117 10.44 22.80 37.16
CA SER A 117 11.13 21.51 37.08
C SER A 117 12.45 21.52 37.83
N VAL A 118 13.23 22.60 37.68
CA VAL A 118 14.53 22.66 38.33
C VAL A 118 14.37 22.74 39.85
N ALA A 119 13.38 23.50 40.33
CA ALA A 119 13.12 23.57 41.76
C ALA A 119 12.66 22.23 42.30
N GLY A 120 11.83 21.51 41.54
CA GLY A 120 11.43 20.18 41.98
C GLY A 120 12.61 19.22 42.07
N ALA A 121 13.50 19.27 41.07
CA ALA A 121 14.71 18.43 41.11
C ALA A 121 15.60 18.78 42.28
N VAL A 122 15.75 20.07 42.57
CA VAL A 122 16.55 20.49 43.73
C VAL A 122 15.93 19.99 45.03
N LYS A 123 14.60 20.09 45.14
CA LYS A 123 13.92 19.62 46.34
C LYS A 123 14.10 18.12 46.52
N LEU A 124 14.05 17.35 45.42
CA LEU A 124 14.27 15.91 45.52
C LEU A 124 15.72 15.59 45.85
N ASN A 125 16.66 16.42 45.39
CA ASN A 125 18.07 16.18 45.67
C ASN A 125 18.37 16.24 47.17
N ARG A 126 17.79 17.22 47.86
CA ARG A 126 18.05 17.44 49.27
C ARG A 126 17.23 16.52 50.18
N GLN A 127 16.55 15.53 49.61
CA GLN A 127 15.76 14.56 50.38
C GLN A 127 14.69 15.24 51.22
N GLN A 128 14.14 16.34 50.72
CA GLN A 128 13.09 17.06 51.42
C GLN A 128 11.69 16.67 50.96
N THR A 129 11.57 15.83 49.93
CA THR A 129 10.27 15.38 49.47
C THR A 129 10.44 14.03 48.78
N ASP A 130 9.33 13.30 48.69
CA ASP A 130 9.30 12.03 47.99
C ASP A 130 8.74 12.13 46.58
N MET A 131 7.91 13.13 46.31
CA MET A 131 7.40 13.38 44.98
C MET A 131 7.40 14.88 44.73
N ALA A 132 7.51 15.26 43.46
CA ALA A 132 7.45 16.65 43.04
C ALA A 132 6.66 16.74 41.74
N VAL A 133 5.70 17.65 41.69
CA VAL A 133 4.79 17.77 40.56
C VAL A 133 4.94 19.15 39.94
N ASN A 134 4.93 19.20 38.60
CA ASN A 134 4.97 20.45 37.86
C ASN A 134 4.30 20.19 36.51
N TRP A 135 3.04 20.59 36.38
CA TRP A 135 2.31 20.36 35.14
C TRP A 135 2.62 21.39 34.06
N ALA A 136 3.29 22.50 34.42
CA ALA A 136 3.71 23.48 33.42
C ALA A 136 4.96 23.06 32.68
N GLY A 137 5.71 22.09 33.21
CA GLY A 137 6.89 21.57 32.55
C GLY A 137 6.56 20.37 31.68
N GLY A 138 7.62 19.76 31.16
CA GLY A 138 7.49 18.60 30.31
C GLY A 138 7.59 18.86 28.83
N LEU A 139 8.30 19.92 28.43
CA LEU A 139 8.52 20.22 27.01
C LEU A 139 9.73 19.42 26.56
N HIS A 140 9.47 18.26 25.93
CA HIS A 140 10.49 17.27 25.64
C HIS A 140 10.93 17.28 24.18
N HIS A 141 10.51 18.27 23.39
CA HIS A 141 10.87 18.31 21.99
C HIS A 141 11.96 19.31 21.66
N ALA A 142 12.24 20.26 22.55
CA ALA A 142 13.22 21.29 22.27
C ALA A 142 14.61 20.70 22.16
N LYS A 143 15.39 21.21 21.20
CA LYS A 143 16.75 20.75 20.96
C LYS A 143 17.75 21.69 21.62
N LYS A 144 19.03 21.38 21.45
CA LYS A 144 20.08 22.13 22.12
C LYS A 144 20.14 23.57 21.64
N SER A 145 19.98 23.79 20.33
CA SER A 145 20.11 25.12 19.76
C SER A 145 18.97 25.46 18.80
N GLU A 146 17.82 24.81 18.95
CA GLU A 146 16.66 25.13 18.12
C GLU A 146 15.40 24.66 18.82
N ALA A 147 14.26 25.20 18.38
CA ALA A 147 12.97 24.89 18.94
C ALA A 147 12.25 23.87 18.09
N SER A 148 11.45 23.01 18.74
CA SER A 148 10.72 21.97 18.03
C SER A 148 9.45 21.62 18.79
N GLY A 149 8.38 21.34 18.05
CA GLY A 149 7.17 20.74 18.59
C GLY A 149 6.50 21.52 19.70
N PHE A 150 6.32 22.83 19.52
CA PHE A 150 5.71 23.76 20.47
C PHE A 150 6.61 24.05 21.66
N CYS A 151 7.86 23.61 21.65
CA CYS A 151 8.76 23.73 22.78
C CYS A 151 9.99 24.54 22.38
N TYR A 152 10.41 25.44 23.26
CA TYR A 152 11.60 26.27 23.05
C TYR A 152 12.76 25.88 23.95
N VAL A 153 12.51 25.68 25.24
CA VAL A 153 13.52 25.31 26.21
C VAL A 153 13.19 23.93 26.76
N ASN A 154 14.17 23.03 26.77
CA ASN A 154 13.99 21.68 27.29
C ASN A 154 14.25 21.70 28.79
N ASP A 155 13.19 21.74 29.57
CA ASP A 155 13.31 21.77 31.03
C ASP A 155 13.53 20.38 31.62
N ILE A 156 13.11 19.33 30.92
CA ILE A 156 13.35 17.97 31.39
C ILE A 156 14.85 17.69 31.43
N VAL A 157 15.58 18.10 30.40
CA VAL A 157 17.02 17.88 30.36
C VAL A 157 17.71 18.63 31.50
N LEU A 158 17.31 19.87 31.75
CA LEU A 158 17.93 20.64 32.82
C LEU A 158 17.58 20.06 34.20
N ALA A 159 16.35 19.58 34.36
CA ALA A 159 15.97 18.92 35.61
C ALA A 159 16.78 17.66 35.84
N ILE A 160 16.99 16.85 34.79
CA ILE A 160 17.79 15.65 34.94
C ILE A 160 19.25 16.00 35.23
N LEU A 161 19.77 17.05 34.59
CA LEU A 161 21.12 17.51 34.87
C LEU A 161 21.25 17.98 36.32
N GLU A 162 20.18 18.55 36.89
CA GLU A 162 20.18 18.85 38.32
C GLU A 162 20.20 17.57 39.14
N LEU A 163 19.44 16.57 38.73
CA LEU A 163 19.39 15.31 39.47
C LEU A 163 20.71 14.56 39.38
N LEU A 164 21.40 14.65 38.25
CA LEU A 164 22.65 13.91 38.06
C LEU A 164 23.75 14.38 39.00
N LYS A 165 23.61 15.54 39.63
CA LYS A 165 24.58 15.99 40.61
C LYS A 165 24.59 15.11 41.85
N TYR A 166 23.53 14.34 42.09
CA TYR A 166 23.36 13.60 43.33
C TYR A 166 23.10 12.12 43.12
N HIS A 167 22.60 11.71 41.96
CA HIS A 167 22.22 10.35 41.68
C HIS A 167 23.07 9.80 40.55
N GLN A 168 23.61 8.60 40.73
CA GLN A 168 24.47 8.01 39.70
C GLN A 168 23.68 7.66 38.45
N ARG A 169 22.48 7.13 38.60
CA ARG A 169 21.66 6.69 37.48
C ARG A 169 20.26 7.26 37.61
N VAL A 170 19.74 7.81 36.52
CA VAL A 170 18.40 8.40 36.47
C VAL A 170 17.63 7.75 35.34
N LEU A 171 16.39 7.36 35.61
CA LEU A 171 15.51 6.75 34.62
C LEU A 171 14.45 7.75 34.19
N TYR A 172 14.29 7.92 32.87
CA TYR A 172 13.30 8.82 32.29
C TYR A 172 12.28 7.99 31.53
N ILE A 173 11.01 8.16 31.87
CA ILE A 173 9.90 7.45 31.21
C ILE A 173 8.99 8.49 30.57
N ASP A 174 8.57 8.21 29.34
CA ASP A 174 7.77 9.14 28.55
C ASP A 174 6.55 8.41 28.02
N ILE A 175 5.36 8.84 28.44
CA ILE A 175 4.11 8.24 28.00
C ILE A 175 3.30 9.21 27.12
N ASP A 176 3.96 10.25 26.60
CA ASP A 176 3.37 11.05 25.54
C ASP A 176 3.20 10.21 24.28
N ILE A 177 2.21 10.55 23.48
CA ILE A 177 1.98 9.81 22.23
C ILE A 177 3.10 10.05 21.23
N HIS A 178 3.91 11.08 21.43
CA HIS A 178 5.03 11.40 20.56
C HIS A 178 6.34 10.97 21.18
N HIS A 179 7.35 10.79 20.32
CA HIS A 179 8.67 10.39 20.78
C HIS A 179 9.36 11.53 21.52
N GLY A 180 9.97 11.21 22.65
CA GLY A 180 10.74 12.19 23.38
C GLY A 180 12.11 12.37 22.77
N ASP A 181 12.16 13.04 21.62
CA ASP A 181 13.40 13.12 20.84
C ASP A 181 14.37 14.11 21.44
N GLY A 182 13.88 15.19 22.05
CA GLY A 182 14.77 16.17 22.65
C GLY A 182 15.55 15.61 23.83
N VAL A 183 14.92 14.74 24.61
CA VAL A 183 15.58 14.18 25.78
C VAL A 183 16.46 13.01 25.40
N GLU A 184 16.03 12.19 24.44
CA GLU A 184 16.84 11.06 24.00
C GLU A 184 18.11 11.53 23.30
N GLU A 185 18.02 12.60 22.51
CA GLU A 185 19.20 13.10 21.81
C GLU A 185 20.24 13.65 22.79
N ALA A 186 19.78 14.36 23.83
CA ALA A 186 20.72 14.97 24.77
C ALA A 186 21.52 13.91 25.53
N PHE A 187 20.87 12.82 25.90
CA PHE A 187 21.49 11.76 26.70
C PHE A 187 21.65 10.48 25.89
N TYR A 188 21.98 10.62 24.61
CA TYR A 188 22.08 9.47 23.72
C TYR A 188 23.37 8.69 23.94
N THR A 189 24.47 9.38 24.26
CA THR A 189 25.78 8.77 24.37
C THR A 189 26.27 8.67 25.82
N THR A 190 25.34 8.58 26.77
CA THR A 190 25.69 8.43 28.18
C THR A 190 24.86 7.31 28.79
N ASP A 191 25.42 6.65 29.79
CA ASP A 191 24.75 5.58 30.51
C ASP A 191 24.22 6.02 31.87
N ARG A 192 24.45 7.28 32.25
CA ARG A 192 23.92 7.77 33.51
C ARG A 192 22.43 8.06 33.43
N VAL A 193 21.87 8.17 32.24
CA VAL A 193 20.45 8.34 32.04
C VAL A 193 19.97 7.31 31.03
N MET A 194 18.93 6.55 31.40
CA MET A 194 18.27 5.63 30.48
C MET A 194 16.91 6.21 30.13
N THR A 195 16.66 6.39 28.84
CA THR A 195 15.45 7.06 28.35
C THR A 195 14.53 6.00 27.73
N VAL A 196 13.39 5.79 28.37
CA VAL A 196 12.38 4.84 27.91
C VAL A 196 11.22 5.63 27.34
N SER A 197 10.74 5.22 26.16
CA SER A 197 9.71 5.97 25.45
C SER A 197 8.71 5.01 24.83
N PHE A 198 7.43 5.24 25.11
CA PHE A 198 6.32 4.57 24.44
C PHE A 198 5.64 5.60 23.54
N HIS A 199 5.56 5.31 22.25
CA HIS A 199 5.10 6.31 21.29
C HIS A 199 4.51 5.63 20.07
N LYS A 200 3.73 6.40 19.31
CA LYS A 200 3.23 5.96 18.02
C LYS A 200 4.28 6.20 16.94
N TYR A 201 4.51 5.19 16.10
CA TYR A 201 5.55 5.24 15.10
C TYR A 201 4.98 4.95 13.72
N GLY A 202 5.56 5.59 12.70
CA GLY A 202 5.17 5.36 11.33
C GLY A 202 4.48 6.55 10.70
N GLU A 203 5.24 7.34 9.94
CA GLU A 203 4.75 8.56 9.31
C GLU A 203 4.06 9.45 10.34
N TYR A 204 4.78 9.73 11.43
CA TYR A 204 4.26 10.46 12.56
C TYR A 204 5.33 11.42 13.08
N PHE A 205 4.88 12.46 13.75
CA PHE A 205 5.80 13.39 14.40
C PHE A 205 6.48 12.69 15.57
N PRO A 206 7.79 12.93 15.78
CA PRO A 206 8.70 13.77 15.00
C PRO A 206 9.43 13.02 13.90
N GLY A 207 9.12 11.75 13.67
CA GLY A 207 9.80 10.95 12.67
C GLY A 207 10.89 10.06 13.18
N THR A 208 11.21 10.13 14.47
CA THR A 208 12.23 9.30 15.09
C THR A 208 11.58 8.33 16.07
N GLY A 209 12.42 7.54 16.74
CA GLY A 209 11.95 6.61 17.74
C GLY A 209 11.84 5.18 17.23
N ASP A 210 12.80 4.77 16.41
CA ASP A 210 12.78 3.44 15.83
C ASP A 210 13.13 2.38 16.87
N LEU A 211 12.64 1.16 16.62
CA LEU A 211 12.98 0.05 17.51
C LEU A 211 14.47 -0.28 17.44
N ARG A 212 15.13 0.09 16.35
CA ARG A 212 16.55 -0.17 16.16
C ARG A 212 17.44 0.91 16.76
N ASP A 213 16.87 1.96 17.32
CA ASP A 213 17.64 3.02 17.97
C ASP A 213 17.82 2.65 19.44
N ILE A 214 19.04 2.26 19.80
CA ILE A 214 19.34 1.73 21.12
C ILE A 214 20.45 2.50 21.82
N GLY A 215 21.06 3.48 21.18
CA GLY A 215 22.13 4.24 21.81
C GLY A 215 23.40 4.25 20.99
N ALA A 216 24.25 5.24 21.22
CA ALA A 216 25.48 5.40 20.46
C ALA A 216 26.68 5.51 21.40
N GLY A 217 27.75 4.81 21.05
CA GLY A 217 28.99 4.93 21.78
C GLY A 217 28.90 4.41 23.19
N LYS A 218 29.26 5.26 24.16
CA LYS A 218 29.31 4.86 25.55
C LYS A 218 27.92 4.59 26.13
N GLY A 219 26.88 5.15 25.53
CA GLY A 219 25.53 4.94 26.02
C GLY A 219 24.70 4.00 25.16
N LYS A 220 25.32 2.94 24.66
CA LYS A 220 24.61 1.96 23.86
C LYS A 220 23.81 1.01 24.75
N TYR A 221 22.61 0.64 24.30
CA TYR A 221 21.61 -0.15 25.02
C TYR A 221 20.95 0.63 26.15
N TYR A 222 21.18 1.94 26.24
CA TYR A 222 20.58 2.78 27.26
C TYR A 222 19.52 3.71 26.68
N ALA A 223 18.81 3.26 25.65
CA ALA A 223 17.72 4.01 25.05
C ALA A 223 16.70 3.01 24.55
N VAL A 224 15.58 2.90 25.27
CA VAL A 224 14.52 1.95 24.96
C VAL A 224 13.40 2.67 24.23
N ASN A 225 12.93 2.07 23.14
CA ASN A 225 11.86 2.64 22.32
C ASN A 225 10.82 1.57 22.05
N PHE A 226 9.55 1.89 22.30
CA PHE A 226 8.43 0.98 22.08
C PHE A 226 7.49 1.60 21.06
N PRO A 227 7.70 1.36 19.76
CA PRO A 227 6.79 1.89 18.74
C PRO A 227 5.41 1.25 18.85
N MET A 228 4.40 2.03 18.49
CA MET A 228 3.01 1.60 18.62
C MET A 228 2.28 1.83 17.31
N ARG A 229 1.02 1.41 17.29
CA ARG A 229 0.10 1.65 16.19
C ARG A 229 -1.12 2.40 16.73
N ASP A 230 -2.13 2.55 15.88
CA ASP A 230 -3.30 3.35 16.23
C ASP A 230 -4.25 2.58 17.14
N GLY A 231 -4.89 3.32 18.04
CA GLY A 231 -6.01 2.79 18.78
C GLY A 231 -5.69 1.91 19.97
N ILE A 232 -4.48 1.99 20.51
CA ILE A 232 -4.15 1.17 21.68
C ILE A 232 -5.03 1.57 22.85
N ASP A 233 -5.43 0.58 23.64
CA ASP A 233 -6.37 0.77 24.72
C ASP A 233 -5.69 0.51 26.07
N ASP A 234 -6.49 0.55 27.13
CA ASP A 234 -5.96 0.41 28.49
C ASP A 234 -5.38 -0.98 28.72
N GLU A 235 -6.04 -2.02 28.21
CA GLU A 235 -5.60 -3.39 28.47
C GLU A 235 -4.23 -3.65 27.86
N SER A 236 -4.05 -3.30 26.58
CA SER A 236 -2.77 -3.54 25.92
C SER A 236 -1.66 -2.71 26.54
N TYR A 237 -1.96 -1.44 26.83
CA TYR A 237 -0.94 -0.56 27.42
C TYR A 237 -0.52 -1.08 28.79
N GLY A 238 -1.48 -1.52 29.61
CA GLY A 238 -1.13 -2.11 30.88
C GLY A 238 -0.37 -3.41 30.75
N GLN A 239 -0.70 -4.21 29.73
CA GLN A 239 0.01 -5.47 29.52
C GLN A 239 1.46 -5.24 29.12
N ILE A 240 1.73 -4.16 28.39
CA ILE A 240 3.10 -3.92 27.93
C ILE A 240 3.91 -3.00 28.85
N PHE A 241 3.26 -2.21 29.70
CA PHE A 241 4.00 -1.21 30.47
C PHE A 241 4.67 -1.82 31.70
N LYS A 242 3.90 -2.56 32.50
CA LYS A 242 4.44 -3.11 33.74
C LYS A 242 5.60 -4.07 33.51
N PRO A 243 5.55 -5.03 32.58
CA PRO A 243 6.73 -5.90 32.36
C PRO A 243 7.98 -5.14 31.95
N ILE A 244 7.86 -4.21 31.00
CA ILE A 244 9.02 -3.47 30.54
C ILE A 244 9.62 -2.64 31.67
N ILE A 245 8.77 -1.98 32.45
CA ILE A 245 9.27 -1.13 33.53
C ILE A 245 9.90 -1.98 34.63
N SER A 246 9.32 -3.14 34.93
CA SER A 246 9.92 -4.03 35.91
C SER A 246 11.28 -4.54 35.45
N LYS A 247 11.40 -4.90 34.17
CA LYS A 247 12.68 -5.35 33.64
C LYS A 247 13.72 -4.24 33.66
N VAL A 248 13.32 -3.01 33.32
CA VAL A 248 14.24 -1.87 33.37
C VAL A 248 14.68 -1.62 34.81
N MET A 249 13.77 -1.73 35.77
CA MET A 249 14.13 -1.61 37.18
C MET A 249 15.14 -2.69 37.58
N GLU A 250 14.92 -3.93 37.15
CA GLU A 250 15.83 -5.01 37.52
C GLU A 250 17.22 -4.81 36.93
N MET A 251 17.29 -4.42 35.66
CA MET A 251 18.58 -4.32 34.98
C MET A 251 19.31 -3.02 35.33
N TYR A 252 18.68 -1.89 35.04
CA TYR A 252 19.34 -0.60 35.23
C TYR A 252 19.58 -0.28 36.70
N GLN A 253 18.57 -0.52 37.54
CA GLN A 253 18.60 -0.16 38.95
C GLN A 253 18.88 1.33 39.12
N PRO A 254 17.95 2.21 38.77
CA PRO A 254 18.17 3.65 38.91
C PRO A 254 17.95 4.10 40.35
N SER A 255 18.26 5.36 40.60
CA SER A 255 18.05 5.99 41.90
C SER A 255 17.05 7.13 41.87
N ALA A 256 16.73 7.68 40.70
CA ALA A 256 15.71 8.70 40.56
C ALA A 256 14.92 8.43 39.28
N VAL A 257 13.67 8.87 39.27
CA VAL A 257 12.79 8.68 38.13
C VAL A 257 12.20 10.03 37.73
N VAL A 258 12.17 10.29 36.42
CA VAL A 258 11.48 11.44 35.85
C VAL A 258 10.40 10.90 34.92
N LEU A 259 9.14 11.16 35.27
CA LEU A 259 7.99 10.66 34.51
C LEU A 259 7.31 11.81 33.81
N GLN A 260 7.15 11.69 32.49
CA GLN A 260 6.49 12.69 31.67
C GLN A 260 5.09 12.17 31.31
N CYS A 261 4.07 12.78 31.91
CA CYS A 261 2.69 12.31 31.75
C CYS A 261 1.97 13.14 30.69
N GLY A 262 2.35 12.91 29.44
CA GLY A 262 1.66 13.57 28.34
C GLY A 262 0.25 13.03 28.16
N ALA A 263 -0.70 13.95 27.98
CA ALA A 263 -2.11 13.62 27.97
C ALA A 263 -2.70 13.54 26.57
N ASP A 264 -1.87 13.52 25.52
CA ASP A 264 -2.37 13.37 24.16
C ASP A 264 -2.56 11.91 23.78
N SER A 265 -2.21 10.97 24.66
CA SER A 265 -2.50 9.56 24.45
C SER A 265 -3.87 9.16 24.96
N LEU A 266 -4.67 10.10 25.43
CA LEU A 266 -6.04 9.84 25.85
C LEU A 266 -6.95 9.70 24.64
N SER A 267 -8.15 9.19 24.88
CA SER A 267 -9.14 9.02 23.83
C SER A 267 -9.85 10.34 23.55
N GLY A 268 -10.07 10.63 22.27
CA GLY A 268 -10.75 11.84 21.87
C GLY A 268 -9.89 13.08 21.82
N ASP A 269 -8.57 12.91 21.67
CA ASP A 269 -7.68 14.06 21.61
C ASP A 269 -7.77 14.75 20.25
N ARG A 270 -7.44 16.04 20.26
CA ARG A 270 -7.46 16.83 19.03
C ARG A 270 -6.30 16.50 18.11
N LEU A 271 -5.20 15.95 18.64
CA LEU A 271 -4.02 15.62 17.85
C LEU A 271 -3.54 14.20 18.00
N GLY A 272 -4.10 13.41 18.91
CA GLY A 272 -3.65 12.05 19.11
C GLY A 272 -4.61 11.01 18.57
N CYS A 273 -4.11 9.77 18.46
CA CYS A 273 -4.85 8.68 17.84
C CYS A 273 -4.82 7.42 18.71
N PHE A 274 -4.65 7.57 20.01
CA PHE A 274 -4.72 6.44 20.93
C PHE A 274 -6.12 6.34 21.51
N ASN A 275 -6.35 5.34 22.35
CA ASN A 275 -7.68 5.06 22.89
C ASN A 275 -7.61 4.79 24.38
N LEU A 276 -6.70 5.48 25.09
CA LEU A 276 -6.60 5.32 26.52
C LEU A 276 -7.66 6.15 27.24
N THR A 277 -7.86 5.83 28.51
CA THR A 277 -8.75 6.59 29.39
C THR A 277 -7.92 7.22 30.50
N VAL A 278 -8.62 7.88 31.43
CA VAL A 278 -7.93 8.52 32.55
C VAL A 278 -7.36 7.46 33.50
N LYS A 279 -8.12 6.41 33.78
CA LYS A 279 -7.64 5.34 34.65
C LYS A 279 -6.49 4.58 34.01
N GLY A 280 -6.57 4.31 32.71
CA GLY A 280 -5.49 3.66 32.02
C GLY A 280 -4.26 4.53 31.87
N HIS A 281 -4.43 5.85 31.91
CA HIS A 281 -3.29 6.76 31.93
C HIS A 281 -2.62 6.77 33.30
N ALA A 282 -3.43 6.81 34.37
CA ALA A 282 -2.88 6.88 35.72
C ALA A 282 -2.40 5.53 36.23
N LYS A 283 -2.72 4.43 35.55
CA LYS A 283 -2.12 3.15 35.90
C LYS A 283 -0.60 3.19 35.78
N CYS A 284 -0.08 3.97 34.83
CA CYS A 284 1.37 4.13 34.71
C CYS A 284 1.95 4.79 35.96
N VAL A 285 1.29 5.83 36.46
CA VAL A 285 1.73 6.49 37.69
C VAL A 285 1.66 5.54 38.86
N GLU A 286 0.59 4.73 38.92
CA GLU A 286 0.45 3.76 40.00
C GLU A 286 1.57 2.73 39.96
N VAL A 287 1.94 2.26 38.77
CA VAL A 287 2.99 1.26 38.62
C VAL A 287 4.35 1.85 38.98
N VAL A 288 4.63 3.05 38.51
CA VAL A 288 5.93 3.68 38.79
C VAL A 288 6.09 3.93 40.28
N LYS A 289 5.00 4.29 40.97
CA LYS A 289 5.05 4.65 42.37
C LYS A 289 5.37 3.48 43.29
N THR A 290 5.31 2.24 42.80
CA THR A 290 5.51 1.07 43.66
C THR A 290 6.97 0.76 43.92
N PHE A 291 7.90 1.44 43.26
CA PHE A 291 9.32 1.16 43.41
C PHE A 291 10.00 2.02 44.48
N ASN A 292 9.28 2.99 45.05
CA ASN A 292 9.77 3.79 46.17
C ASN A 292 11.09 4.50 45.83
N LEU A 293 11.12 5.15 44.68
CA LEU A 293 12.21 6.00 44.25
C LEU A 293 11.77 7.44 44.17
N PRO A 294 12.68 8.40 44.30
CA PRO A 294 12.31 9.81 44.08
C PRO A 294 11.72 9.99 42.69
N LEU A 295 10.61 10.74 42.63
CA LEU A 295 9.83 10.87 41.43
C LEU A 295 9.57 12.34 41.11
N LEU A 296 9.67 12.69 39.84
CA LEU A 296 9.39 14.02 39.34
C LEU A 296 8.35 13.91 38.23
N MET A 297 7.12 14.33 38.53
CA MET A 297 6.00 14.18 37.61
C MET A 297 5.79 15.47 36.84
N LEU A 298 5.99 15.42 35.53
CA LEU A 298 5.92 16.58 34.67
C LEU A 298 4.79 16.42 33.66
N GLY A 299 4.41 17.54 33.04
CA GLY A 299 3.30 17.54 32.11
C GLY A 299 3.71 17.05 30.73
N GLY A 300 3.25 17.73 29.68
CA GLY A 300 3.60 17.33 28.34
C GLY A 300 2.61 17.81 27.29
N GLY A 301 2.13 16.89 26.46
CA GLY A 301 1.14 17.22 25.45
C GLY A 301 -0.25 17.25 26.01
N GLY A 302 -1.23 17.15 25.11
CA GLY A 302 -2.63 17.18 25.50
C GLY A 302 -3.34 18.39 24.94
N TYR A 303 -4.22 18.15 23.97
CA TYR A 303 -4.81 19.23 23.18
C TYR A 303 -6.33 19.26 23.23
N THR A 304 -6.97 18.35 23.94
CA THR A 304 -8.35 18.51 24.39
C THR A 304 -8.28 18.89 25.87
N ILE A 305 -8.58 20.14 26.17
CA ILE A 305 -8.12 20.76 27.41
C ILE A 305 -8.83 20.17 28.63
N ARG A 306 -10.14 19.89 28.51
CA ARG A 306 -10.87 19.32 29.63
C ARG A 306 -10.36 17.93 29.98
N ASN A 307 -10.02 17.13 28.97
CA ASN A 307 -9.44 15.82 29.21
C ASN A 307 -8.10 15.93 29.90
N VAL A 308 -7.29 16.92 29.52
CA VAL A 308 -6.00 17.15 30.17
C VAL A 308 -6.20 17.49 31.63
N ALA A 309 -7.16 18.36 31.92
CA ALA A 309 -7.44 18.73 33.30
C ALA A 309 -7.87 17.53 34.12
N ARG A 310 -8.78 16.71 33.57
CA ARG A 310 -9.23 15.52 34.28
C ARG A 310 -8.10 14.54 34.54
N CYS A 311 -7.29 14.28 33.50
CA CYS A 311 -6.20 13.32 33.63
C CYS A 311 -5.18 13.76 34.66
N TRP A 312 -4.78 15.03 34.61
CA TRP A 312 -3.76 15.50 35.54
C TRP A 312 -4.30 15.61 36.97
N THR A 313 -5.58 15.96 37.13
CA THR A 313 -6.18 15.94 38.46
C THR A 313 -6.20 14.53 39.03
N TYR A 314 -6.59 13.55 38.22
CA TYR A 314 -6.62 12.17 38.73
C TYR A 314 -5.22 11.65 39.04
N GLU A 315 -4.23 12.03 38.22
CA GLU A 315 -2.87 11.58 38.50
C GLU A 315 -2.30 12.23 39.75
N THR A 316 -2.65 13.50 39.99
CA THR A 316 -2.23 14.13 41.24
C THR A 316 -2.90 13.50 42.44
N ALA A 317 -4.17 13.09 42.29
CA ALA A 317 -4.84 12.35 43.36
C ALA A 317 -4.17 11.00 43.59
N VAL A 318 -3.76 10.33 42.52
CA VAL A 318 -3.08 9.05 42.64
C VAL A 318 -1.74 9.21 43.37
N ALA A 319 -1.00 10.27 43.05
CA ALA A 319 0.26 10.52 43.73
C ALA A 319 0.06 10.72 45.23
N LEU A 320 -0.98 11.46 45.60
CA LEU A 320 -1.29 11.69 47.01
C LEU A 320 -1.92 10.49 47.70
N ASP A 321 -2.23 9.43 46.94
CA ASP A 321 -2.92 8.25 47.47
C ASP A 321 -4.27 8.63 48.08
N CYS A 322 -4.99 9.50 47.37
CA CYS A 322 -6.28 10.01 47.82
C CYS A 322 -7.34 9.67 46.78
N GLU A 323 -8.52 9.27 47.24
CA GLU A 323 -9.62 8.95 46.34
C GLU A 323 -10.54 10.17 46.19
N ILE A 324 -10.95 10.43 44.95
CA ILE A 324 -11.82 11.55 44.67
C ILE A 324 -13.07 11.04 43.94
N PRO A 325 -14.24 11.61 44.20
CA PRO A 325 -15.46 11.12 43.56
C PRO A 325 -15.48 11.41 42.06
N ASN A 326 -16.25 10.59 41.35
CA ASN A 326 -16.41 10.75 39.91
C ASN A 326 -17.18 12.01 39.55
N GLU A 327 -17.89 12.60 40.50
CA GLU A 327 -18.68 13.81 40.25
C GLU A 327 -17.80 15.03 40.46
N LEU A 328 -17.57 15.79 39.39
CA LEU A 328 -16.71 16.95 39.48
C LEU A 328 -17.35 17.99 40.41
N PRO A 329 -16.56 18.67 41.24
CA PRO A 329 -17.09 19.71 42.11
C PRO A 329 -17.39 20.97 41.32
N TYR A 330 -17.78 22.01 42.04
CA TYR A 330 -18.04 23.31 41.43
C TYR A 330 -16.74 24.11 41.39
N ASN A 331 -16.35 24.53 40.19
CA ASN A 331 -15.13 25.32 39.99
C ASN A 331 -15.45 26.48 39.06
N ASP A 332 -14.44 27.32 38.82
CA ASP A 332 -14.62 28.48 37.95
C ASP A 332 -14.85 28.09 36.50
N TYR A 333 -14.53 26.85 36.13
CA TYR A 333 -14.63 26.38 34.75
C TYR A 333 -15.57 25.18 34.67
N PHE A 334 -16.69 25.25 35.39
CA PHE A 334 -17.64 24.15 35.40
C PHE A 334 -18.31 23.98 34.04
N GLU A 335 -18.37 25.04 33.23
CA GLU A 335 -19.00 24.95 31.93
C GLU A 335 -18.14 24.22 30.91
N TYR A 336 -16.85 24.05 31.18
CA TYR A 336 -15.97 23.36 30.26
C TYR A 336 -16.18 21.86 30.26
N PHE A 337 -16.73 21.30 31.34
CA PHE A 337 -16.81 19.86 31.55
C PHE A 337 -18.21 19.31 31.28
N GLY A 338 -19.09 20.08 30.67
CA GLY A 338 -20.43 19.62 30.38
C GLY A 338 -20.46 18.67 29.20
N PRO A 339 -21.60 17.99 29.04
CA PRO A 339 -22.80 18.02 29.89
C PRO A 339 -22.83 16.92 30.93
N ASP A 340 -21.86 16.00 30.90
CA ASP A 340 -21.85 14.89 31.85
C ASP A 340 -21.40 15.34 33.24
N PHE A 341 -20.42 16.25 33.30
CA PHE A 341 -19.84 16.72 34.56
C PHE A 341 -19.29 15.56 35.38
N LYS A 342 -18.53 14.68 34.71
CA LYS A 342 -17.89 13.54 35.34
C LYS A 342 -16.39 13.64 35.13
N LEU A 343 -15.63 13.05 36.06
CA LEU A 343 -14.17 13.10 35.97
C LEU A 343 -13.64 12.11 34.93
N HIS A 344 -14.28 10.96 34.78
CA HIS A 344 -13.75 9.88 33.98
C HIS A 344 -14.41 9.84 32.61
N ILE A 345 -13.61 9.55 31.59
CA ILE A 345 -14.07 9.56 30.22
C ILE A 345 -14.28 8.13 29.73
N SER A 346 -14.94 7.99 28.58
CA SER A 346 -15.19 6.70 27.96
C SER A 346 -14.43 6.57 26.64
N PRO A 347 -13.92 5.39 26.32
CA PRO A 347 -13.16 5.24 25.08
C PRO A 347 -14.07 5.22 23.85
N SER A 348 -13.45 5.47 22.70
CA SER A 348 -14.16 5.45 21.43
C SER A 348 -14.21 4.02 20.90
N ASN A 349 -14.63 3.87 19.65
CA ASN A 349 -14.83 2.55 19.04
C ASN A 349 -13.77 2.24 17.98
N MET A 350 -12.60 2.86 18.08
CA MET A 350 -11.56 2.63 17.10
C MET A 350 -10.92 1.26 17.28
N THR A 351 -10.41 0.71 16.19
CA THR A 351 -9.80 -0.60 16.20
C THR A 351 -8.36 -0.52 16.69
N ASN A 352 -7.95 -1.52 17.47
CA ASN A 352 -6.60 -1.61 17.99
C ASN A 352 -5.75 -2.38 16.97
N GLN A 353 -4.78 -1.69 16.38
CA GLN A 353 -3.89 -2.30 15.39
C GLN A 353 -2.71 -3.03 16.03
N ASN A 354 -2.57 -2.98 17.34
CA ASN A 354 -1.48 -3.65 18.04
C ASN A 354 -1.94 -5.06 18.38
N THR A 355 -1.73 -5.97 17.44
CA THR A 355 -2.09 -7.36 17.64
C THR A 355 -1.16 -8.00 18.69
N PRO A 356 -1.63 -9.02 19.40
CA PRO A 356 -0.80 -9.64 20.43
C PRO A 356 0.53 -10.18 19.91
N GLU A 357 0.58 -10.65 18.66
CA GLU A 357 1.84 -11.15 18.10
C GLU A 357 2.85 -10.03 17.93
N TYR A 358 2.41 -8.89 17.38
CA TYR A 358 3.28 -7.74 17.21
C TYR A 358 3.79 -7.24 18.56
N MET A 359 2.88 -7.12 19.52
CA MET A 359 3.26 -6.65 20.86
C MET A 359 4.25 -7.60 21.52
N GLU A 360 4.02 -8.91 21.40
CA GLU A 360 4.93 -9.88 22.00
C GLU A 360 6.30 -9.86 21.33
N LYS A 361 6.33 -9.70 20.00
CA LYS A 361 7.62 -9.62 19.30
C LYS A 361 8.41 -8.39 19.75
N ILE A 362 7.74 -7.24 19.84
CA ILE A 362 8.42 -6.02 20.30
C ILE A 362 8.92 -6.19 21.74
N LYS A 363 8.07 -6.78 22.59
CA LYS A 363 8.46 -6.98 23.99
C LYS A 363 9.66 -7.91 24.11
N GLN A 364 9.67 -9.00 23.33
CA GLN A 364 10.80 -9.93 23.37
C GLN A 364 12.08 -9.29 22.87
N ARG A 365 11.98 -8.48 21.79
CA ARG A 365 13.17 -7.78 21.31
C ARG A 365 13.71 -6.81 22.36
N LEU A 366 12.80 -6.08 23.03
CA LEU A 366 13.24 -5.15 24.06
C LEU A 366 13.87 -5.89 25.24
N PHE A 367 13.30 -7.04 25.62
CA PHE A 367 13.89 -7.84 26.70
C PHE A 367 15.28 -8.32 26.33
N GLU A 368 15.46 -8.75 25.08
CA GLU A 368 16.80 -9.16 24.62
C GLU A 368 17.77 -7.98 24.67
N ASN A 369 17.31 -6.80 24.27
CA ASN A 369 18.18 -5.62 24.31
C ASN A 369 18.55 -5.24 25.74
N LEU A 370 17.62 -5.41 26.68
CA LEU A 370 17.88 -5.00 28.06
C LEU A 370 18.84 -5.94 28.78
N ARG A 371 18.98 -7.18 28.30
CA ARG A 371 19.84 -8.14 28.95
C ARG A 371 21.32 -7.95 28.62
N MET A 372 21.64 -7.03 27.72
CA MET A 372 23.01 -6.75 27.32
C MET A 372 23.63 -5.59 28.10
N LEU A 373 22.97 -5.15 29.18
CA LEU A 373 23.47 -4.04 29.98
C LEU A 373 24.64 -4.51 30.82
N PRO A 374 25.80 -3.84 30.76
CA PRO A 374 26.97 -4.16 31.58
C PRO A 374 26.70 -3.99 33.07
N SER B 10 -2.83 -34.77 -9.95
CA SER B 10 -1.74 -33.83 -9.74
C SER B 10 -0.70 -34.42 -8.79
N MET B 11 -1.04 -35.57 -8.21
CA MET B 11 -0.11 -36.32 -7.37
C MET B 11 0.63 -37.42 -8.13
N ASP B 12 -0.03 -38.06 -9.09
CA ASP B 12 0.61 -39.02 -9.98
C ASP B 12 1.11 -38.36 -11.26
N GLU B 13 0.96 -37.05 -11.39
CA GLU B 13 1.37 -36.32 -12.58
C GLU B 13 2.82 -35.90 -12.44
N ASN B 14 3.66 -36.31 -13.40
CA ASN B 14 5.05 -35.88 -13.45
C ASN B 14 5.45 -35.67 -14.89
N TYR B 15 6.24 -34.63 -15.13
CA TYR B 15 6.58 -34.19 -16.47
C TYR B 15 7.50 -35.15 -17.22
N PHE B 16 7.86 -36.28 -16.62
CA PHE B 16 8.73 -37.26 -17.26
C PHE B 16 8.01 -38.52 -17.69
N VAL B 17 6.77 -38.72 -17.25
CA VAL B 17 6.00 -39.90 -17.64
C VAL B 17 4.67 -39.47 -18.25
N ASN B 18 3.87 -38.71 -17.49
CA ASN B 18 2.59 -38.25 -18.00
C ASN B 18 2.14 -37.01 -17.26
N TYR B 19 1.52 -36.10 -17.99
CA TYR B 19 1.00 -34.87 -17.41
C TYR B 19 -0.05 -34.28 -18.34
N THR B 20 -0.84 -33.35 -17.82
CA THR B 20 -1.89 -32.69 -18.58
C THR B 20 -1.35 -31.38 -19.14
N PHE B 21 -1.47 -31.20 -20.45
CA PHE B 21 -1.04 -29.98 -21.12
C PHE B 21 -2.27 -29.19 -21.53
N LYS B 22 -2.38 -27.97 -21.01
CA LYS B 22 -3.49 -27.08 -21.32
C LYS B 22 -2.94 -25.88 -22.09
N ASP B 23 -3.47 -25.66 -23.29
CA ASP B 23 -3.03 -24.57 -24.15
C ASP B 23 -3.79 -23.30 -23.78
N ARG B 24 -3.05 -22.29 -23.32
CA ARG B 24 -3.65 -21.02 -22.94
C ARG B 24 -4.01 -20.15 -24.13
N SER B 25 -3.50 -20.45 -25.32
CA SER B 25 -3.78 -19.68 -26.52
C SER B 25 -4.85 -20.33 -27.38
N HIS B 26 -5.59 -21.30 -26.84
CA HIS B 26 -6.57 -22.03 -27.63
C HIS B 26 -7.74 -21.15 -28.02
N SER B 27 -8.31 -20.42 -27.05
CA SER B 27 -9.52 -19.65 -27.31
C SER B 27 -9.27 -18.53 -28.31
N GLY B 28 -8.16 -17.79 -28.15
CA GLY B 28 -7.85 -16.73 -29.09
C GLY B 28 -7.59 -17.26 -30.48
N ARG B 29 -6.88 -18.37 -30.59
CA ARG B 29 -6.62 -18.98 -31.89
C ARG B 29 -7.92 -19.43 -32.56
N VAL B 30 -8.82 -20.02 -31.78
CA VAL B 30 -10.11 -20.47 -32.33
C VAL B 30 -10.91 -19.28 -32.83
N ALA B 31 -10.99 -18.22 -32.01
CA ALA B 31 -11.75 -17.04 -32.41
C ALA B 31 -11.16 -16.40 -33.66
N GLN B 32 -9.84 -16.23 -33.69
CA GLN B 32 -9.19 -15.63 -34.86
C GLN B 32 -9.39 -16.47 -36.11
N GLY B 33 -9.29 -17.80 -35.98
CA GLY B 33 -9.55 -18.65 -37.12
C GLY B 33 -10.97 -18.55 -37.63
N ILE B 34 -11.93 -18.47 -36.69
CA ILE B 34 -13.33 -18.32 -37.10
C ILE B 34 -13.52 -17.01 -37.86
N MET B 35 -12.97 -15.92 -37.34
CA MET B 35 -13.11 -14.63 -38.02
C MET B 35 -12.46 -14.66 -39.41
N LYS B 36 -11.24 -15.19 -39.50
CA LYS B 36 -10.53 -15.22 -40.76
C LYS B 36 -11.23 -16.10 -41.78
N LEU B 37 -11.79 -17.23 -41.35
CA LEU B 37 -12.44 -18.13 -42.28
C LEU B 37 -13.79 -17.60 -42.73
N CYS B 38 -14.56 -17.03 -41.80
CA CYS B 38 -15.94 -16.63 -42.10
C CYS B 38 -16.05 -15.20 -42.59
N LEU B 39 -14.98 -14.42 -42.58
CA LEU B 39 -15.03 -13.05 -43.09
C LEU B 39 -14.43 -12.92 -44.48
N GLU B 40 -13.15 -13.29 -44.64
CA GLU B 40 -12.46 -13.04 -45.90
C GLU B 40 -12.93 -14.02 -46.98
N GLU B 41 -13.03 -15.31 -46.64
CA GLU B 41 -13.36 -16.33 -47.62
C GLU B 41 -14.78 -16.89 -47.50
N GLU B 42 -15.32 -16.98 -46.28
CA GLU B 42 -16.72 -17.35 -46.04
C GLU B 42 -17.05 -18.73 -46.62
N LEU B 43 -16.42 -19.76 -46.04
CA LEU B 43 -16.71 -21.13 -46.43
C LEU B 43 -17.57 -21.82 -45.37
N PHE B 44 -18.02 -23.03 -45.71
CA PHE B 44 -18.74 -23.92 -44.80
C PHE B 44 -20.02 -23.28 -44.26
N ALA B 45 -20.65 -22.42 -45.06
CA ALA B 45 -21.89 -21.79 -44.65
C ALA B 45 -23.03 -22.78 -44.79
N ASP B 46 -23.75 -23.04 -43.69
CA ASP B 46 -24.78 -24.06 -43.66
C ASP B 46 -26.19 -23.50 -43.54
N VAL B 47 -26.34 -22.21 -43.25
CA VAL B 47 -27.66 -21.60 -43.07
C VAL B 47 -27.71 -20.31 -43.86
N THR B 48 -28.94 -19.91 -44.23
CA THR B 48 -29.18 -18.67 -44.96
C THR B 48 -30.25 -17.88 -44.24
N ILE B 49 -29.94 -16.62 -43.94
CA ILE B 49 -30.87 -15.72 -43.27
C ILE B 49 -31.20 -14.58 -44.22
N SER B 50 -32.48 -14.40 -44.51
CA SER B 50 -32.94 -13.36 -45.43
C SER B 50 -33.59 -12.25 -44.64
N VAL B 51 -33.01 -11.05 -44.71
CA VAL B 51 -33.51 -9.87 -43.99
C VAL B 51 -33.71 -8.77 -45.01
N GLU B 52 -34.96 -8.34 -45.19
CA GLU B 52 -35.32 -7.25 -46.11
C GLU B 52 -34.80 -7.52 -47.52
N GLY B 53 -34.91 -8.76 -47.97
CA GLY B 53 -34.52 -9.14 -49.31
C GLY B 53 -33.06 -9.41 -49.52
N ARG B 54 -32.23 -9.28 -48.48
CA ARG B 54 -30.80 -9.58 -48.57
C ARG B 54 -30.53 -10.90 -47.86
N GLU B 55 -29.81 -11.79 -48.53
CA GLU B 55 -29.51 -13.12 -48.00
C GLU B 55 -28.15 -13.11 -47.33
N PHE B 56 -28.10 -13.61 -46.09
CA PHE B 56 -26.85 -13.74 -45.34
C PHE B 56 -26.52 -15.22 -45.23
N GLN B 57 -25.34 -15.60 -45.72
CA GLN B 57 -24.86 -16.98 -45.62
C GLN B 57 -24.08 -17.11 -44.32
N LEU B 58 -24.69 -17.71 -43.32
CA LEU B 58 -24.16 -17.74 -41.97
C LEU B 58 -23.87 -19.17 -41.53
N HIS B 59 -23.17 -19.29 -40.41
CA HIS B 59 -22.86 -20.57 -39.79
C HIS B 59 -23.69 -20.70 -38.51
N ARG B 60 -24.47 -21.77 -38.42
CA ARG B 60 -25.33 -21.94 -37.26
C ARG B 60 -24.55 -22.29 -36.00
N LEU B 61 -23.31 -22.78 -36.14
CA LEU B 61 -22.49 -23.07 -34.97
C LEU B 61 -22.17 -21.80 -34.19
N VAL B 62 -21.69 -20.76 -34.90
CA VAL B 62 -21.36 -19.50 -34.25
C VAL B 62 -22.62 -18.83 -33.71
N LEU B 63 -23.70 -18.84 -34.49
CA LEU B 63 -24.94 -18.22 -34.05
C LEU B 63 -25.48 -18.87 -32.79
N SER B 64 -25.43 -20.21 -32.71
CA SER B 64 -25.90 -20.91 -31.52
C SER B 64 -24.94 -20.74 -30.36
N ALA B 65 -23.65 -20.60 -30.63
CA ALA B 65 -22.68 -20.38 -29.55
C ALA B 65 -22.75 -18.97 -28.98
N GLN B 66 -23.30 -18.02 -29.73
CA GLN B 66 -23.34 -16.63 -29.29
C GLN B 66 -24.66 -16.21 -28.66
N SER B 67 -25.75 -16.90 -28.96
CA SER B 67 -27.05 -16.49 -28.46
C SER B 67 -27.95 -17.70 -28.27
N CYS B 68 -28.78 -17.66 -27.22
CA CYS B 68 -29.74 -18.71 -26.97
C CYS B 68 -30.94 -18.64 -27.90
N PHE B 69 -31.25 -17.46 -28.45
CA PHE B 69 -32.34 -17.34 -29.41
C PHE B 69 -32.08 -18.18 -30.64
N PHE B 70 -30.92 -18.01 -31.27
CA PHE B 70 -30.57 -18.80 -32.44
C PHE B 70 -30.35 -20.25 -32.09
N ARG B 71 -29.82 -20.53 -30.89
CA ARG B 71 -29.63 -21.92 -30.48
C ARG B 71 -30.96 -22.65 -30.39
N SER B 72 -31.97 -22.01 -29.81
CA SER B 72 -33.30 -22.63 -29.73
C SER B 72 -33.98 -22.64 -31.09
N MET B 73 -33.68 -21.68 -31.96
CA MET B 73 -34.23 -21.69 -33.31
C MET B 73 -33.68 -22.86 -34.12
N PHE B 74 -32.40 -23.16 -33.98
CA PHE B 74 -31.74 -24.19 -34.77
C PHE B 74 -31.94 -25.59 -34.17
N THR B 75 -31.67 -25.75 -32.88
CA THR B 75 -31.87 -27.04 -32.22
C THR B 75 -33.34 -27.45 -32.26
N SER B 76 -34.21 -26.64 -31.65
CA SER B 76 -35.64 -26.88 -31.68
C SER B 76 -36.19 -26.30 -33.00
N ASN B 77 -36.02 -27.08 -34.06
CA ASN B 77 -36.38 -26.62 -35.39
C ASN B 77 -37.89 -26.51 -35.55
N LEU B 78 -38.30 -25.63 -36.47
CA LEU B 78 -39.71 -25.42 -36.78
C LEU B 78 -39.92 -25.48 -38.29
N LYS B 79 -41.12 -25.14 -38.75
CA LYS B 79 -41.39 -25.13 -40.18
C LYS B 79 -40.57 -24.08 -40.90
N GLU B 80 -40.53 -22.86 -40.34
CA GLU B 80 -39.79 -21.78 -40.97
C GLU B 80 -38.28 -21.95 -40.85
N ALA B 81 -37.81 -22.46 -39.72
CA ALA B 81 -36.39 -22.50 -39.41
C ALA B 81 -35.69 -23.76 -39.92
N HIS B 82 -36.39 -24.61 -40.67
CA HIS B 82 -35.79 -25.88 -41.08
C HIS B 82 -36.01 -26.23 -42.54
N ASN B 83 -36.75 -25.44 -43.33
CA ASN B 83 -37.01 -25.86 -44.70
C ASN B 83 -35.81 -25.56 -45.60
N ARG B 84 -35.55 -24.28 -45.88
CA ARG B 84 -34.28 -23.91 -46.47
C ARG B 84 -33.67 -22.67 -45.83
N VAL B 85 -34.52 -21.68 -45.52
CA VAL B 85 -34.06 -20.36 -45.11
C VAL B 85 -34.90 -19.87 -43.93
N ILE B 86 -34.35 -18.89 -43.21
CA ILE B 86 -35.05 -18.21 -42.13
C ILE B 86 -35.20 -16.75 -42.52
N VAL B 87 -36.42 -16.23 -42.40
CA VAL B 87 -36.73 -14.83 -42.73
C VAL B 87 -37.06 -14.12 -41.44
N LEU B 88 -36.32 -13.04 -41.16
CA LEU B 88 -36.56 -12.20 -39.99
C LEU B 88 -37.18 -10.88 -40.45
N GLN B 89 -38.20 -10.42 -39.73
CA GLN B 89 -38.97 -9.25 -40.15
C GLN B 89 -38.97 -8.11 -39.15
N ASP B 90 -38.46 -8.31 -37.94
CA ASP B 90 -38.43 -7.25 -36.93
C ASP B 90 -37.11 -6.50 -36.89
N VAL B 91 -36.19 -6.80 -37.81
CA VAL B 91 -34.86 -6.20 -37.83
C VAL B 91 -34.56 -5.75 -39.26
N SER B 92 -34.02 -4.54 -39.40
CA SER B 92 -33.66 -4.05 -40.72
C SER B 92 -32.29 -4.59 -41.14
N GLU B 93 -31.93 -4.32 -42.39
CA GLU B 93 -30.70 -4.89 -42.95
C GLU B 93 -29.46 -4.33 -42.29
N SER B 94 -29.45 -3.02 -42.00
CA SER B 94 -28.24 -2.39 -41.47
C SER B 94 -27.93 -2.88 -40.06
N VAL B 95 -28.94 -2.90 -39.18
CA VAL B 95 -28.69 -3.35 -37.82
C VAL B 95 -28.37 -4.84 -37.79
N PHE B 96 -28.97 -5.62 -38.69
CA PHE B 96 -28.63 -7.03 -38.74
C PHE B 96 -27.19 -7.24 -39.19
N GLN B 97 -26.72 -6.44 -40.16
CA GLN B 97 -25.31 -6.49 -40.53
C GLN B 97 -24.42 -6.10 -39.36
N LEU B 98 -24.83 -5.11 -38.58
CA LEU B 98 -24.08 -4.74 -37.39
C LEU B 98 -24.00 -5.89 -36.39
N LEU B 99 -25.11 -6.58 -36.17
CA LEU B 99 -25.13 -7.71 -35.25
C LEU B 99 -24.28 -8.86 -35.77
N VAL B 100 -24.31 -9.10 -37.09
CA VAL B 100 -23.46 -10.14 -37.66
C VAL B 100 -22.00 -9.82 -37.46
N ASP B 101 -21.62 -8.56 -37.67
CA ASP B 101 -20.24 -8.14 -37.43
C ASP B 101 -19.86 -8.34 -35.97
N TYR B 102 -20.75 -7.98 -35.05
CA TYR B 102 -20.45 -8.17 -33.63
C TYR B 102 -20.32 -9.65 -33.28
N ILE B 103 -21.20 -10.49 -33.82
CA ILE B 103 -21.17 -11.92 -33.50
C ILE B 103 -19.90 -12.56 -34.02
N TYR B 104 -19.50 -12.23 -35.25
CA TYR B 104 -18.37 -12.93 -35.85
C TYR B 104 -17.03 -12.35 -35.41
N HIS B 105 -16.94 -11.03 -35.24
CA HIS B 105 -15.68 -10.39 -34.95
C HIS B 105 -15.54 -9.91 -33.50
N GLY B 106 -16.65 -9.71 -32.80
CA GLY B 106 -16.60 -9.25 -31.43
C GLY B 106 -16.44 -7.76 -31.26
N THR B 107 -16.31 -7.01 -32.36
CA THR B 107 -16.14 -5.56 -32.33
C THR B 107 -17.24 -4.92 -33.16
N VAL B 108 -17.91 -3.93 -32.58
CA VAL B 108 -19.03 -3.26 -33.22
C VAL B 108 -18.90 -1.76 -33.01
N LYS B 109 -19.31 -0.99 -34.02
CA LYS B 109 -19.29 0.47 -33.96
C LYS B 109 -20.68 0.97 -33.62
N LEU B 110 -20.81 1.63 -32.48
CA LEU B 110 -22.11 2.05 -31.96
C LEU B 110 -22.32 3.54 -32.23
N ARG B 111 -23.44 3.86 -32.88
CA ARG B 111 -23.83 5.23 -33.15
C ARG B 111 -25.14 5.53 -32.44
N ALA B 112 -25.30 6.80 -32.03
CA ALA B 112 -26.50 7.21 -31.34
C ALA B 112 -27.72 7.33 -32.26
N GLU B 113 -27.51 7.35 -33.57
CA GLU B 113 -28.61 7.45 -34.52
C GLU B 113 -29.37 6.14 -34.70
N GLU B 114 -28.80 5.02 -34.26
CA GLU B 114 -29.46 3.72 -34.35
C GLU B 114 -29.37 2.96 -33.03
N LEU B 115 -29.31 3.68 -31.91
CA LEU B 115 -29.04 3.06 -30.62
C LEU B 115 -30.23 2.26 -30.10
N GLN B 116 -31.43 2.82 -30.20
CA GLN B 116 -32.61 2.16 -29.66
C GLN B 116 -32.94 0.88 -30.41
N GLU B 117 -32.79 0.89 -31.73
CA GLU B 117 -33.05 -0.32 -32.52
C GLU B 117 -32.08 -1.43 -32.16
N ILE B 118 -30.79 -1.10 -32.04
CA ILE B 118 -29.80 -2.11 -31.64
C ILE B 118 -30.12 -2.62 -30.24
N TYR B 119 -30.52 -1.73 -29.34
CA TYR B 119 -30.90 -2.12 -27.98
C TYR B 119 -32.03 -3.14 -28.00
N GLU B 120 -33.12 -2.83 -28.73
CA GLU B 120 -34.26 -3.72 -28.77
C GLU B 120 -33.92 -5.06 -29.42
N VAL B 121 -33.19 -5.03 -30.53
CA VAL B 121 -32.88 -6.28 -31.22
C VAL B 121 -31.89 -7.13 -30.41
N SER B 122 -30.96 -6.50 -29.71
CA SER B 122 -30.08 -7.24 -28.81
C SER B 122 -30.88 -7.89 -27.68
N ASP B 123 -31.87 -7.18 -27.16
CA ASP B 123 -32.75 -7.80 -26.16
C ASP B 123 -33.50 -8.99 -26.74
N MET B 124 -33.96 -8.87 -27.99
CA MET B 124 -34.73 -9.95 -28.60
C MET B 124 -33.87 -11.17 -28.89
N TYR B 125 -32.66 -10.97 -29.40
CA TYR B 125 -31.77 -12.06 -29.78
C TYR B 125 -30.89 -12.54 -28.63
N GLN B 126 -30.98 -11.90 -27.45
CA GLN B 126 -30.28 -12.34 -26.25
C GLN B 126 -28.76 -12.25 -26.43
N LEU B 127 -28.30 -11.10 -26.91
CA LEU B 127 -26.87 -10.77 -26.95
C LEU B 127 -26.61 -9.88 -25.74
N THR B 128 -26.33 -10.52 -24.60
CA THR B 128 -26.40 -9.83 -23.32
C THR B 128 -25.34 -8.75 -23.19
N SER B 129 -24.11 -9.00 -23.67
CA SER B 129 -23.06 -8.00 -23.56
C SER B 129 -23.35 -6.77 -24.41
N LEU B 130 -23.81 -7.00 -25.64
CA LEU B 130 -24.23 -5.88 -26.49
C LEU B 130 -25.42 -5.14 -25.88
N PHE B 131 -26.35 -5.87 -25.27
CA PHE B 131 -27.48 -5.24 -24.60
C PHE B 131 -27.01 -4.33 -23.47
N GLU B 132 -26.06 -4.81 -22.67
CA GLU B 132 -25.55 -3.99 -21.57
C GLU B 132 -24.84 -2.75 -22.08
N GLU B 133 -24.05 -2.90 -23.15
CA GLU B 133 -23.35 -1.75 -23.69
C GLU B 133 -24.32 -0.71 -24.26
N CYS B 134 -25.35 -1.18 -24.97
CA CYS B 134 -26.36 -0.26 -25.50
C CYS B 134 -27.13 0.42 -24.39
N SER B 135 -27.42 -0.31 -23.31
CA SER B 135 -28.09 0.31 -22.17
C SER B 135 -27.22 1.38 -21.52
N ARG B 136 -25.91 1.12 -21.40
CA ARG B 136 -25.01 2.12 -20.84
C ARG B 136 -24.93 3.35 -21.74
N PHE B 137 -24.89 3.15 -23.05
CA PHE B 137 -24.91 4.27 -24.00
C PHE B 137 -26.19 5.09 -23.84
N LEU B 138 -27.33 4.40 -23.78
CA LEU B 138 -28.62 5.10 -23.66
C LEU B 138 -28.72 5.88 -22.36
N ALA B 139 -28.21 5.30 -21.26
CA ALA B 139 -28.21 6.02 -19.99
C ALA B 139 -27.24 7.19 -20.00
N ARG B 140 -26.14 7.09 -20.76
CA ARG B 140 -25.24 8.22 -20.93
C ARG B 140 -25.92 9.38 -21.64
N THR B 141 -26.61 9.10 -22.74
CA THR B 141 -27.09 10.16 -23.62
C THR B 141 -28.55 10.53 -23.38
N VAL B 142 -29.11 10.17 -22.23
CA VAL B 142 -30.50 10.53 -21.94
C VAL B 142 -30.60 12.01 -21.64
N GLN B 143 -31.65 12.65 -22.16
CA GLN B 143 -31.84 14.10 -22.01
C GLN B 143 -33.33 14.36 -21.79
N VAL B 144 -33.72 15.63 -21.90
CA VAL B 144 -35.08 16.04 -21.58
C VAL B 144 -36.07 15.52 -22.62
N GLY B 145 -35.73 15.63 -23.90
CA GLY B 145 -36.69 15.32 -24.94
C GLY B 145 -37.01 13.84 -25.07
N ASN B 146 -36.09 12.98 -24.65
CA ASN B 146 -36.28 11.54 -24.75
C ASN B 146 -36.40 10.87 -23.38
N CYS B 147 -36.64 11.65 -22.33
CA CYS B 147 -36.62 11.11 -20.98
C CYS B 147 -37.72 10.07 -20.77
N LEU B 148 -38.96 10.44 -21.09
CA LEU B 148 -40.08 9.55 -20.85
C LEU B 148 -40.10 8.39 -21.84
N GLN B 149 -39.65 8.62 -23.07
CA GLN B 149 -39.52 7.52 -24.03
C GLN B 149 -38.52 6.49 -23.54
N VAL B 150 -37.38 6.94 -23.01
CA VAL B 150 -36.38 6.01 -22.48
C VAL B 150 -36.91 5.32 -21.23
N MET B 151 -37.71 6.03 -20.42
CA MET B 151 -38.36 5.40 -19.28
C MET B 151 -39.28 4.27 -19.72
N TRP B 152 -40.07 4.52 -20.77
CA TRP B 152 -40.90 3.47 -21.36
C TRP B 152 -40.06 2.30 -21.86
N LEU B 153 -38.95 2.59 -22.55
CA LEU B 153 -38.12 1.54 -23.10
C LEU B 153 -37.53 0.66 -22.00
N ALA B 154 -36.99 1.28 -20.96
CA ALA B 154 -36.40 0.53 -19.85
C ALA B 154 -37.47 -0.27 -19.11
N ASP B 155 -38.66 0.32 -18.92
CA ASP B 155 -39.74 -0.41 -18.25
C ASP B 155 -40.17 -1.62 -19.07
N ARG B 156 -40.28 -1.46 -20.40
CA ARG B 156 -40.73 -2.55 -21.25
C ARG B 156 -39.69 -3.66 -21.35
N HIS B 157 -38.40 -3.29 -21.35
CA HIS B 157 -37.33 -4.26 -21.52
C HIS B 157 -36.71 -4.69 -20.19
N SER B 158 -37.35 -4.36 -19.06
CA SER B 158 -36.90 -4.78 -17.73
C SER B 158 -35.44 -4.40 -17.49
N ASP B 159 -35.12 -3.13 -17.75
CA ASP B 159 -33.78 -2.62 -17.51
C ASP B 159 -33.81 -1.73 -16.27
N PRO B 160 -33.25 -2.19 -15.14
CA PRO B 160 -33.32 -1.38 -13.91
C PRO B 160 -32.44 -0.14 -13.96
N GLU B 161 -31.19 -0.28 -14.39
CA GLU B 161 -30.25 0.84 -14.37
C GLU B 161 -30.67 1.93 -15.34
N LEU B 162 -31.09 1.55 -16.55
CA LEU B 162 -31.57 2.53 -17.51
C LEU B 162 -32.82 3.23 -16.98
N TYR B 163 -33.70 2.46 -16.31
CA TYR B 163 -34.87 3.05 -15.68
C TYR B 163 -34.48 4.09 -14.65
N THR B 164 -33.53 3.78 -13.77
CA THR B 164 -33.14 4.76 -12.76
C THR B 164 -32.49 5.98 -13.39
N ALA B 165 -31.69 5.79 -14.45
CA ALA B 165 -31.09 6.94 -15.13
C ALA B 165 -32.16 7.85 -15.73
N ALA B 166 -33.11 7.27 -16.46
CA ALA B 166 -34.16 8.06 -17.08
C ALA B 166 -35.05 8.72 -16.03
N LYS B 167 -35.34 8.01 -14.94
CA LYS B 167 -36.19 8.57 -13.90
C LYS B 167 -35.49 9.68 -13.13
N HIS B 168 -34.18 9.56 -12.91
CA HIS B 168 -33.41 10.63 -12.31
C HIS B 168 -33.38 11.86 -13.22
N CYS B 169 -33.26 11.64 -14.53
CA CYS B 169 -33.28 12.77 -15.45
C CYS B 169 -34.66 13.41 -15.53
N ALA B 170 -35.72 12.62 -15.31
CA ALA B 170 -37.08 13.15 -15.38
C ALA B 170 -37.46 13.94 -14.14
N LYS B 171 -36.94 13.55 -12.97
CA LYS B 171 -37.32 14.25 -11.74
C LYS B 171 -36.69 15.63 -11.66
N THR B 172 -35.50 15.82 -12.23
CA THR B 172 -34.78 17.08 -12.11
C THR B 172 -35.21 18.12 -13.15
N HIS B 173 -35.97 17.73 -14.17
CA HIS B 173 -36.53 18.66 -15.15
C HIS B 173 -38.04 18.54 -15.19
N LEU B 174 -38.66 18.32 -14.03
CA LEU B 174 -40.10 18.10 -13.99
C LEU B 174 -40.89 19.34 -14.41
N ALA B 175 -40.36 20.53 -14.13
CA ALA B 175 -41.08 21.75 -14.47
C ALA B 175 -41.28 21.89 -15.98
N GLN B 176 -40.25 21.57 -16.76
CA GLN B 176 -40.38 21.65 -18.21
C GLN B 176 -41.23 20.53 -18.79
N LEU B 177 -41.39 19.42 -18.06
CA LEU B 177 -42.12 18.27 -18.57
C LEU B 177 -43.64 18.45 -18.53
N GLN B 178 -44.13 19.37 -17.69
CA GLN B 178 -45.58 19.47 -17.49
C GLN B 178 -46.29 19.90 -18.76
N ASN B 179 -45.71 20.83 -19.52
CA ASN B 179 -46.33 21.35 -20.72
C ASN B 179 -46.27 20.38 -21.91
N THR B 180 -45.88 19.13 -21.69
CA THR B 180 -45.73 18.15 -22.74
C THR B 180 -46.82 17.09 -22.63
N GLU B 181 -47.35 16.69 -23.80
CA GLU B 181 -48.40 15.67 -23.81
C GLU B 181 -47.87 14.31 -23.38
N GLU B 182 -46.58 14.03 -23.63
CA GLU B 182 -46.00 12.75 -23.22
C GLU B 182 -45.98 12.59 -21.71
N PHE B 183 -45.95 13.69 -20.96
CA PHE B 183 -46.04 13.59 -19.50
C PHE B 183 -47.49 13.45 -19.05
N LEU B 184 -48.42 14.12 -19.73
CA LEU B 184 -49.83 13.99 -19.39
C LEU B 184 -50.37 12.60 -19.73
N HIS B 185 -49.76 11.90 -20.66
CA HIS B 185 -50.26 10.61 -21.10
C HIS B 185 -49.63 9.42 -20.38
N LEU B 186 -48.56 9.62 -19.61
CA LEU B 186 -47.93 8.51 -18.93
C LEU B 186 -48.83 8.00 -17.81
N PRO B 187 -48.80 6.70 -17.52
CA PRO B 187 -49.75 6.14 -16.55
C PRO B 187 -49.40 6.45 -15.11
N HIS B 188 -50.18 5.88 -14.19
CA HIS B 188 -50.02 6.21 -12.78
C HIS B 188 -48.71 5.66 -12.21
N ARG B 189 -48.37 4.41 -12.54
CA ARG B 189 -47.24 3.75 -11.89
C ARG B 189 -45.91 4.44 -12.20
N LEU B 190 -45.68 4.79 -13.46
CA LEU B 190 -44.45 5.49 -13.80
C LEU B 190 -44.36 6.82 -13.06
N LEU B 191 -45.51 7.46 -12.83
CA LEU B 191 -45.51 8.71 -12.09
C LEU B 191 -45.21 8.50 -10.62
N THR B 192 -45.65 7.37 -10.04
CA THR B 192 -45.24 7.06 -8.68
C THR B 192 -43.73 6.88 -8.57
N ASP B 193 -43.14 6.15 -9.53
CA ASP B 193 -41.67 6.02 -9.50
C ASP B 193 -40.99 7.37 -9.67
N ILE B 194 -41.53 8.24 -10.51
CA ILE B 194 -40.93 9.58 -10.68
C ILE B 194 -41.01 10.38 -9.39
N ILE B 195 -42.19 10.38 -8.75
CA ILE B 195 -42.42 11.24 -7.59
C ILE B 195 -41.68 10.72 -6.36
N SER B 196 -41.70 9.40 -6.14
CA SER B 196 -41.28 8.83 -4.87
C SER B 196 -39.80 9.09 -4.57
N ASP B 197 -38.98 9.11 -5.63
CA ASP B 197 -37.53 9.26 -5.41
C ASP B 197 -37.19 10.58 -4.75
N GLY B 198 -38.01 11.61 -4.94
CA GLY B 198 -37.74 12.92 -4.37
C GLY B 198 -37.46 13.98 -5.40
N VAL B 199 -38.44 14.82 -5.68
CA VAL B 199 -38.33 15.88 -6.67
C VAL B 199 -37.81 17.15 -6.01
N PRO B 200 -36.83 17.83 -6.58
CA PRO B 200 -36.42 19.13 -6.05
C PRO B 200 -37.56 20.13 -6.07
N CYS B 201 -37.57 21.02 -5.07
CA CYS B 201 -38.69 21.95 -4.91
C CYS B 201 -38.75 22.96 -6.05
N SER B 202 -37.62 23.23 -6.72
CA SER B 202 -37.61 24.21 -7.79
C SER B 202 -38.37 23.77 -9.02
N GLN B 203 -38.72 22.49 -9.12
CA GLN B 203 -39.42 21.97 -10.29
C GLN B 203 -40.93 22.00 -10.15
N ASN B 204 -41.45 22.42 -8.99
CA ASN B 204 -42.88 22.49 -8.70
C ASN B 204 -43.54 21.13 -8.92
N PRO B 205 -43.24 20.11 -8.11
CA PRO B 205 -43.90 18.82 -8.28
C PRO B 205 -45.41 18.89 -8.07
N THR B 206 -45.88 19.76 -7.17
CA THR B 206 -47.31 19.86 -6.90
C THR B 206 -48.07 20.32 -8.14
N GLU B 207 -47.54 21.31 -8.85
CA GLU B 207 -48.19 21.78 -10.07
C GLU B 207 -48.26 20.67 -11.12
N ALA B 208 -47.18 19.88 -11.23
CA ALA B 208 -47.19 18.75 -12.15
C ALA B 208 -48.26 17.75 -11.78
N ILE B 209 -48.39 17.45 -10.49
CA ILE B 209 -49.41 16.49 -10.05
C ILE B 209 -50.81 17.00 -10.37
N GLU B 210 -51.08 18.28 -10.08
CA GLU B 210 -52.40 18.83 -10.39
C GLU B 210 -52.67 18.83 -11.89
N ALA B 211 -51.67 19.18 -12.70
CA ALA B 211 -51.87 19.17 -14.16
C ALA B 211 -52.18 17.76 -14.65
N TRP B 212 -51.42 16.77 -14.19
CA TRP B 212 -51.67 15.40 -14.63
C TRP B 212 -53.03 14.92 -14.18
N ILE B 213 -53.43 15.22 -12.94
CA ILE B 213 -54.72 14.76 -12.44
C ILE B 213 -55.88 15.54 -13.04
N ASN B 214 -55.63 16.74 -13.57
CA ASN B 214 -56.67 17.51 -14.23
C ASN B 214 -56.73 17.27 -15.73
N PHE B 215 -55.76 16.53 -16.29
CA PHE B 215 -55.85 16.16 -17.70
C PHE B 215 -57.10 15.35 -17.98
N ASN B 216 -57.42 14.40 -17.10
CA ASN B 216 -58.64 13.60 -17.23
C ASN B 216 -59.14 13.30 -15.82
N LYS B 217 -60.16 14.03 -15.38
CA LYS B 217 -60.66 13.93 -14.02
C LYS B 217 -61.75 12.88 -13.85
N GLU B 218 -62.10 12.15 -14.92
CA GLU B 218 -63.17 11.16 -14.81
C GLU B 218 -62.72 9.95 -14.00
N GLU B 219 -61.52 9.43 -14.26
CA GLU B 219 -61.02 8.23 -13.62
C GLU B 219 -59.59 8.41 -13.14
N ARG B 220 -59.28 9.59 -12.60
CA ARG B 220 -57.95 9.86 -12.06
C ARG B 220 -57.95 10.56 -10.72
N GLU B 221 -59.07 11.13 -10.27
CA GLU B 221 -59.07 11.87 -9.01
C GLU B 221 -58.97 10.95 -7.80
N ALA B 222 -59.34 9.67 -7.96
CA ALA B 222 -59.22 8.72 -6.86
C ALA B 222 -57.77 8.47 -6.47
N PHE B 223 -56.82 8.89 -7.31
CA PHE B 223 -55.40 8.68 -7.06
C PHE B 223 -54.76 9.86 -6.34
N ALA B 224 -55.52 10.90 -5.98
CA ALA B 224 -54.94 12.12 -5.44
C ALA B 224 -54.24 11.86 -4.11
N GLU B 225 -54.87 11.11 -3.22
CA GLU B 225 -54.32 10.91 -1.88
C GLU B 225 -52.99 10.15 -1.94
N SER B 226 -52.94 9.08 -2.74
CA SER B 226 -51.70 8.30 -2.84
C SER B 226 -50.58 9.14 -3.46
N LEU B 227 -50.89 9.92 -4.49
CA LEU B 227 -49.87 10.75 -5.13
C LEU B 227 -49.35 11.82 -4.18
N ARG B 228 -50.25 12.47 -3.42
CA ARG B 228 -49.82 13.53 -2.51
C ARG B 228 -49.05 12.96 -1.33
N THR B 229 -49.45 11.79 -0.83
CA THR B 229 -48.77 11.19 0.31
C THR B 229 -47.33 10.82 -0.03
N SER B 230 -47.11 10.29 -1.24
CA SER B 230 -45.78 9.84 -1.64
C SER B 230 -44.88 10.97 -2.12
N LEU B 231 -45.40 12.19 -2.21
CA LEU B 231 -44.59 13.32 -2.65
C LEU B 231 -43.43 13.56 -1.69
N LYS B 232 -42.25 13.77 -2.25
CA LYS B 232 -41.04 14.02 -1.47
C LYS B 232 -40.36 15.27 -1.97
N GLU B 233 -40.04 16.19 -1.06
CA GLU B 233 -39.31 17.40 -1.37
C GLU B 233 -37.93 17.34 -0.73
N ILE B 234 -36.92 17.79 -1.48
CA ILE B 234 -35.54 17.75 -1.03
C ILE B 234 -34.92 19.14 -1.20
N GLY B 235 -33.79 19.34 -0.54
CA GLY B 235 -33.10 20.61 -0.60
C GLY B 235 -32.30 20.80 -1.87
N GLU B 236 -31.12 21.39 -1.76
CA GLU B 236 -30.25 21.67 -2.91
C GLU B 236 -29.17 20.60 -2.95
N ASN B 237 -29.35 19.61 -3.84
CA ASN B 237 -28.45 18.47 -3.93
C ASN B 237 -27.27 18.69 -4.86
N VAL B 238 -27.25 19.79 -5.60
CA VAL B 238 -26.14 20.11 -6.50
C VAL B 238 -25.24 21.14 -5.81
N HIS B 239 -23.93 20.90 -5.88
CA HIS B 239 -23.01 21.72 -5.12
C HIS B 239 -21.59 21.60 -5.69
N ILE B 240 -20.87 22.72 -5.66
CA ILE B 240 -19.45 22.77 -5.98
C ILE B 240 -18.80 23.69 -4.95
N TYR B 241 -17.62 23.30 -4.46
CA TYR B 241 -16.90 24.08 -3.47
C TYR B 241 -15.63 24.66 -4.10
N LEU B 242 -15.32 25.90 -3.75
CA LEU B 242 -14.31 26.71 -4.44
C LEU B 242 -13.32 27.30 -3.45
N ILE B 243 -12.75 26.46 -2.59
CA ILE B 243 -11.74 26.93 -1.63
C ILE B 243 -10.65 27.70 -2.35
N GLY B 244 -10.38 28.90 -1.87
CA GLY B 244 -9.38 29.75 -2.50
C GLY B 244 -9.18 31.01 -1.68
N LYS B 245 -8.24 31.84 -2.14
CA LYS B 245 -7.84 33.04 -1.42
C LYS B 245 -8.37 34.28 -2.13
N GLU B 246 -8.98 35.18 -1.37
CA GLU B 246 -9.44 36.45 -1.89
C GLU B 246 -8.36 37.51 -1.79
N SER B 247 -8.62 38.67 -2.39
CA SER B 247 -7.68 39.78 -2.31
C SER B 247 -7.70 40.45 -0.94
N SER B 248 -8.90 40.60 -0.36
CA SER B 248 -9.02 41.30 0.92
C SER B 248 -8.69 40.37 2.09
N ARG B 249 -9.47 39.31 2.25
CA ARG B 249 -9.22 38.36 3.34
C ARG B 249 -8.05 37.47 2.96
N THR B 250 -7.02 37.45 3.80
CA THR B 250 -5.78 36.75 3.49
C THR B 250 -5.71 35.33 4.06
N HIS B 251 -6.74 34.89 4.77
CA HIS B 251 -6.70 33.53 5.32
C HIS B 251 -7.11 32.49 4.28
N SER B 252 -8.39 32.50 3.89
CA SER B 252 -8.94 31.60 2.88
C SER B 252 -10.42 31.92 2.66
N LEU B 253 -11.07 31.18 1.76
CA LEU B 253 -12.49 31.35 1.53
C LEU B 253 -13.04 30.11 0.85
N ALA B 254 -14.11 29.55 1.40
CA ALA B 254 -14.83 28.42 0.82
C ALA B 254 -16.17 28.92 0.30
N VAL B 255 -16.35 28.86 -1.01
CA VAL B 255 -17.52 29.42 -1.69
C VAL B 255 -18.39 28.28 -2.20
N SER B 256 -19.69 28.36 -1.94
CA SER B 256 -20.64 27.34 -2.38
C SER B 256 -21.26 27.75 -3.71
N LEU B 257 -21.45 26.77 -4.59
CA LEU B 257 -22.01 27.00 -5.91
C LEU B 257 -23.24 26.12 -6.12
N HIS B 258 -24.32 26.72 -6.58
CA HIS B 258 -25.55 26.00 -6.92
C HIS B 258 -25.77 26.09 -8.42
N CYS B 259 -26.07 24.96 -9.04
CA CYS B 259 -26.29 24.88 -10.48
C CYS B 259 -27.75 24.55 -10.76
N ALA B 260 -28.42 25.41 -11.53
CA ALA B 260 -29.83 25.22 -11.83
C ALA B 260 -30.00 24.20 -12.96
N GLU B 261 -31.25 24.01 -13.37
CA GLU B 261 -31.56 23.02 -14.41
C GLU B 261 -31.07 23.46 -15.79
N ASP B 262 -30.82 24.75 -15.99
CA ASP B 262 -30.29 25.24 -17.26
C ASP B 262 -28.77 25.35 -17.26
N ASP B 263 -28.11 24.69 -16.31
CA ASP B 263 -26.64 24.63 -16.24
C ASP B 263 -26.03 26.03 -16.10
N SER B 264 -26.36 26.67 -14.98
CA SER B 264 -25.79 27.97 -14.63
C SER B 264 -25.41 27.94 -13.16
N ILE B 265 -24.17 28.29 -12.85
CA ILE B 265 -23.68 28.28 -11.48
C ILE B 265 -23.89 29.64 -10.85
N SER B 266 -24.24 29.65 -9.56
CA SER B 266 -24.39 30.88 -8.80
C SER B 266 -23.86 30.66 -7.39
N VAL B 267 -23.44 31.74 -6.75
CA VAL B 267 -22.89 31.67 -5.40
C VAL B 267 -24.03 31.58 -4.40
N SER B 268 -23.97 30.59 -3.52
CA SER B 268 -25.00 30.38 -2.51
C SER B 268 -24.49 30.50 -1.09
N GLY B 269 -23.30 31.04 -0.89
CA GLY B 269 -22.77 31.21 0.45
C GLY B 269 -21.26 31.29 0.42
N GLN B 270 -20.70 31.54 1.61
CA GLN B 270 -19.25 31.59 1.78
C GLN B 270 -18.93 31.39 3.25
N ASN B 271 -17.69 30.97 3.51
CA ASN B 271 -17.27 30.66 4.88
C ASN B 271 -15.75 30.77 4.93
N SER B 272 -15.26 31.81 5.61
CA SER B 272 -13.82 32.01 5.70
C SER B 272 -13.17 30.90 6.52
N LEU B 273 -12.01 30.44 6.07
CA LEU B 273 -11.24 29.41 6.75
C LEU B 273 -10.09 30.05 7.50
N CYS B 274 -9.99 29.74 8.79
CA CYS B 274 -8.98 30.35 9.65
C CYS B 274 -7.72 29.51 9.77
N HIS B 275 -7.63 28.38 9.08
CA HIS B 275 -6.49 27.49 9.14
C HIS B 275 -5.92 27.30 7.73
N GLN B 276 -4.75 26.66 7.67
CA GLN B 276 -4.12 26.33 6.41
C GLN B 276 -4.46 24.89 6.05
N ILE B 277 -4.80 24.67 4.78
CA ILE B 277 -5.44 23.44 4.33
C ILE B 277 -4.49 22.69 3.40
N THR B 278 -4.34 21.39 3.63
CA THR B 278 -3.53 20.53 2.77
C THR B 278 -4.36 19.57 1.93
N ALA B 279 -5.63 19.36 2.26
CA ALA B 279 -6.50 18.50 1.47
C ALA B 279 -7.94 18.87 1.77
N ALA B 280 -8.82 18.60 0.80
CA ALA B 280 -10.23 18.92 0.94
C ALA B 280 -11.05 17.86 0.21
N CYS B 281 -12.30 17.71 0.67
CA CYS B 281 -13.20 16.72 0.10
C CYS B 281 -14.64 17.19 0.30
N LYS B 282 -15.55 16.60 -0.45
CA LYS B 282 -16.95 17.01 -0.49
C LYS B 282 -17.88 15.83 -0.31
N HIS B 283 -17.67 15.06 0.76
CA HIS B 283 -18.56 13.95 1.06
C HIS B 283 -20.00 14.40 1.22
N GLY B 284 -20.87 13.96 0.31
CA GLY B 284 -22.27 14.35 0.38
C GLY B 284 -22.46 15.82 0.07
N GLY B 285 -23.17 16.51 0.94
CA GLY B 285 -23.34 17.94 0.86
C GLY B 285 -22.44 18.74 1.78
N ASP B 286 -21.54 18.07 2.50
CA ASP B 286 -20.65 18.72 3.45
C ASP B 286 -19.25 18.88 2.84
N LEU B 287 -18.47 19.75 3.47
CA LEU B 287 -17.10 20.01 3.05
C LEU B 287 -16.16 19.59 4.19
N TYR B 288 -15.20 18.74 3.88
CA TYR B 288 -14.20 18.27 4.83
C TYR B 288 -12.84 18.80 4.40
N VAL B 289 -12.13 19.44 5.33
CA VAL B 289 -10.80 19.98 5.09
C VAL B 289 -9.83 19.35 6.06
N VAL B 290 -8.62 19.09 5.59
CA VAL B 290 -7.53 18.54 6.39
C VAL B 290 -6.38 19.53 6.37
N GLY B 291 -5.83 19.83 7.55
CA GLY B 291 -4.75 20.79 7.62
C GLY B 291 -4.21 21.02 9.01
N GLY B 292 -4.01 22.28 9.36
CA GLY B 292 -3.34 22.63 10.60
C GLY B 292 -2.00 23.28 10.37
N SER B 293 -0.92 22.58 10.67
CA SER B 293 0.43 23.06 10.43
C SER B 293 1.14 22.12 9.46
N ILE B 294 2.36 22.49 9.08
CA ILE B 294 3.16 21.69 8.15
C ILE B 294 3.80 20.52 8.88
N PRO B 295 4.40 20.68 10.07
CA PRO B 295 4.93 19.49 10.77
C PRO B 295 3.87 18.47 11.12
N ARG B 296 2.65 18.89 11.47
CA ARG B 296 1.57 17.98 11.84
C ARG B 296 0.29 18.36 11.09
N PRO B 297 0.21 18.04 9.80
CA PRO B 297 -1.03 18.31 9.04
C PRO B 297 -2.05 17.18 9.16
N ARG B 298 -2.58 17.00 10.37
CA ARG B 298 -3.47 15.89 10.65
C ARG B 298 -4.84 16.30 11.19
N ARG B 299 -5.06 17.59 11.46
CA ARG B 299 -6.33 18.03 12.01
C ARG B 299 -7.38 18.13 10.90
N MET B 300 -8.62 17.80 11.27
CA MET B 300 -9.73 17.73 10.32
C MET B 300 -10.90 18.56 10.81
N TRP B 301 -11.60 19.20 9.88
CA TRP B 301 -12.77 20.01 10.17
C TRP B 301 -13.87 19.67 9.19
N LYS B 302 -15.11 19.99 9.57
CA LYS B 302 -16.28 19.77 8.73
C LYS B 302 -17.14 21.03 8.73
N CYS B 303 -17.68 21.36 7.56
CA CYS B 303 -18.50 22.56 7.39
C CYS B 303 -19.80 22.21 6.66
N ASN B 304 -20.84 22.97 7.00
CA ASN B 304 -22.12 22.90 6.30
C ASN B 304 -22.56 24.32 5.97
N ASN B 305 -23.16 24.49 4.79
CA ASN B 305 -23.60 25.82 4.37
C ASN B 305 -24.68 26.36 5.31
N ALA B 306 -25.45 25.47 5.94
CA ALA B 306 -26.50 25.93 6.85
C ALA B 306 -25.90 26.45 8.16
N THR B 307 -24.94 25.73 8.73
CA THR B 307 -24.43 26.08 10.05
C THR B 307 -23.49 27.28 10.04
N VAL B 308 -22.76 27.48 8.93
CA VAL B 308 -21.74 28.52 8.83
C VAL B 308 -20.79 28.42 10.01
N ASP B 309 -20.13 27.27 10.15
CA ASP B 309 -19.22 27.01 11.25
C ASP B 309 -18.19 25.97 10.78
N TRP B 310 -17.44 25.44 11.73
CA TRP B 310 -16.46 24.40 11.43
C TRP B 310 -16.36 23.49 12.65
N GLU B 311 -16.80 22.24 12.50
CA GLU B 311 -16.73 21.25 13.57
C GLU B 311 -15.50 20.39 13.38
N TRP B 312 -14.69 20.26 14.43
CA TRP B 312 -13.47 19.47 14.35
C TRP B 312 -13.80 17.99 14.41
N CYS B 313 -13.12 17.20 13.58
CA CYS B 313 -13.31 15.77 13.49
C CYS B 313 -12.10 15.05 14.08
N ALA B 314 -12.10 13.74 13.97
CA ALA B 314 -11.00 12.94 14.49
C ALA B 314 -9.73 13.25 13.69
N PRO B 315 -8.57 13.31 14.35
CA PRO B 315 -7.32 13.59 13.63
C PRO B 315 -6.86 12.38 12.81
N LEU B 316 -6.08 12.68 11.78
CA LEU B 316 -5.57 11.64 10.90
C LEU B 316 -4.59 10.75 11.67
N PRO B 317 -4.61 9.43 11.43
CA PRO B 317 -3.62 8.56 12.09
C PRO B 317 -2.19 8.83 11.68
N ARG B 318 -1.96 9.50 10.54
CA ARG B 318 -0.63 9.85 10.09
C ARG B 318 -0.68 11.20 9.42
N ASP B 319 0.45 11.92 9.45
CA ASP B 319 0.55 13.22 8.83
C ASP B 319 1.35 13.12 7.53
N ARG B 320 0.69 13.46 6.42
CA ARG B 320 1.28 13.37 5.09
C ARG B 320 0.89 14.60 4.30
N LEU B 321 1.66 14.87 3.25
CA LEU B 321 1.40 16.00 2.36
C LEU B 321 1.03 15.48 0.97
N GLN B 322 0.08 16.16 0.33
CA GLN B 322 -0.35 15.85 -1.03
C GLN B 322 -1.00 14.46 -1.12
N HIS B 323 -1.74 14.09 -0.08
CA HIS B 323 -2.53 12.87 -0.13
C HIS B 323 -3.86 13.13 -0.80
N THR B 324 -4.52 12.05 -1.20
CA THR B 324 -5.76 12.13 -1.98
C THR B 324 -6.95 11.81 -1.09
N LEU B 325 -7.92 12.72 -1.04
CA LEU B 325 -9.16 12.52 -0.30
C LEU B 325 -10.27 12.20 -1.29
N VAL B 326 -10.85 11.01 -1.16
CA VAL B 326 -11.93 10.53 -2.02
C VAL B 326 -13.10 10.16 -1.15
N SER B 327 -14.30 10.60 -1.53
CA SER B 327 -15.52 10.33 -0.80
C SER B 327 -16.26 9.17 -1.46
N VAL B 328 -16.65 8.18 -0.66
CA VAL B 328 -17.38 7.02 -1.13
C VAL B 328 -18.74 6.99 -0.44
N PRO B 329 -19.77 7.56 -1.07
CA PRO B 329 -21.10 7.53 -0.45
C PRO B 329 -21.70 6.14 -0.33
N GLY B 330 -21.21 5.17 -1.10
CA GLY B 330 -21.76 3.83 -1.02
C GLY B 330 -21.56 3.20 0.35
N LYS B 331 -20.37 3.36 0.93
CA LYS B 331 -20.08 2.87 2.27
C LYS B 331 -20.07 3.96 3.31
N ASP B 332 -20.34 5.21 2.93
CA ASP B 332 -20.37 6.36 3.83
C ASP B 332 -19.02 6.51 4.55
N ALA B 333 -18.01 6.81 3.73
CA ALA B 333 -16.65 6.93 4.23
C ALA B 333 -15.86 7.88 3.34
N ILE B 334 -14.76 8.39 3.88
CA ILE B 334 -13.82 9.23 3.16
C ILE B 334 -12.46 8.54 3.19
N TYR B 335 -11.85 8.37 2.02
CA TYR B 335 -10.62 7.62 1.88
C TYR B 335 -9.43 8.56 1.68
N SER B 336 -8.30 8.22 2.31
CA SER B 336 -7.06 8.95 2.17
C SER B 336 -6.00 7.99 1.65
N LEU B 337 -5.55 8.22 0.42
CA LEU B 337 -4.65 7.30 -0.28
C LEU B 337 -3.35 8.01 -0.65
N GLY B 338 -2.23 7.33 -0.44
CA GLY B 338 -0.94 7.86 -0.83
C GLY B 338 -0.55 9.07 0.00
N GLY B 339 0.38 9.84 -0.55
CA GLY B 339 0.87 11.05 0.08
C GLY B 339 2.37 11.07 0.13
N LYS B 340 2.88 12.14 0.76
CA LYS B 340 4.32 12.33 0.93
C LYS B 340 4.58 12.71 2.37
N THR B 341 5.44 11.94 3.04
CA THR B 341 5.74 12.21 4.44
C THR B 341 6.60 13.46 4.57
N LEU B 342 6.73 13.93 5.82
CA LEU B 342 7.51 15.13 6.07
C LEU B 342 9.00 14.91 5.90
N GLN B 343 9.44 13.67 5.73
CA GLN B 343 10.83 13.34 5.42
C GLN B 343 11.06 13.15 3.93
N ASP B 344 10.15 13.67 3.09
CA ASP B 344 10.26 13.59 1.64
C ASP B 344 10.32 12.14 1.16
N THR B 345 9.35 11.35 1.60
CA THR B 345 9.24 9.94 1.21
C THR B 345 7.81 9.66 0.76
N LEU B 346 7.67 9.04 -0.41
CA LEU B 346 6.34 8.71 -0.92
C LEU B 346 5.69 7.63 -0.07
N SER B 347 4.38 7.74 0.13
CA SER B 347 3.64 6.83 0.98
C SER B 347 2.64 6.04 0.15
N ASN B 348 2.37 4.81 0.59
CA ASN B 348 1.40 3.95 -0.09
C ASN B 348 0.31 3.45 0.85
N ALA B 349 0.16 4.08 2.00
CA ALA B 349 -0.86 3.68 2.96
C ALA B 349 -2.24 4.14 2.50
N VAL B 350 -3.26 3.39 2.91
CA VAL B 350 -4.66 3.75 2.66
C VAL B 350 -5.40 3.71 3.99
N ILE B 351 -6.06 4.82 4.33
CA ILE B 351 -6.87 4.92 5.53
C ILE B 351 -8.19 5.56 5.16
N TYR B 352 -9.27 5.12 5.81
CA TYR B 352 -10.59 5.68 5.56
C TYR B 352 -11.22 6.12 6.86
N TYR B 353 -12.17 7.05 6.74
CA TYR B 353 -12.82 7.70 7.86
C TYR B 353 -14.31 7.41 7.78
N ARG B 354 -14.87 6.83 8.84
CA ARG B 354 -16.30 6.55 8.90
C ARG B 354 -17.04 7.76 9.43
N VAL B 355 -17.91 8.33 8.60
CA VAL B 355 -18.60 9.55 8.98
C VAL B 355 -19.56 9.30 10.12
N GLY B 356 -20.27 8.17 10.09
CA GLY B 356 -21.21 7.87 11.16
C GLY B 356 -20.54 7.62 12.49
N ASP B 357 -19.37 6.98 12.48
CA ASP B 357 -18.67 6.62 13.70
C ASP B 357 -17.66 7.65 14.17
N ASN B 358 -17.17 8.51 13.27
CA ASN B 358 -16.12 9.48 13.57
C ASN B 358 -14.83 8.77 13.99
N VAL B 359 -14.43 7.78 13.19
CA VAL B 359 -13.27 6.94 13.49
C VAL B 359 -12.48 6.72 12.21
N TRP B 360 -11.15 6.81 12.31
CA TRP B 360 -10.26 6.49 11.20
C TRP B 360 -9.81 5.04 11.30
N THR B 361 -9.68 4.38 10.16
CA THR B 361 -9.27 2.98 10.11
C THR B 361 -8.26 2.81 8.98
N GLU B 362 -7.47 1.73 9.07
CA GLU B 362 -6.45 1.42 8.09
C GLU B 362 -6.88 0.28 7.18
N THR B 363 -6.48 0.36 5.91
CA THR B 363 -6.80 -0.66 4.93
C THR B 363 -5.54 -1.16 4.23
N THR B 364 -5.71 -1.95 3.17
CA THR B 364 -4.56 -2.46 2.43
C THR B 364 -3.85 -1.33 1.70
N GLN B 365 -2.55 -1.51 1.50
CA GLN B 365 -1.72 -0.46 0.93
C GLN B 365 -1.75 -0.50 -0.60
N LEU B 366 -1.33 0.61 -1.20
CA LEU B 366 -1.21 0.69 -2.65
C LEU B 366 -0.03 -0.14 -3.14
N GLU B 367 -0.14 -0.64 -4.36
CA GLU B 367 0.97 -1.35 -4.98
C GLU B 367 2.15 -0.41 -5.25
N VAL B 368 1.86 0.80 -5.69
CA VAL B 368 2.88 1.80 -6.01
C VAL B 368 2.63 3.03 -5.15
N ALA B 369 3.67 3.51 -4.48
CA ALA B 369 3.56 4.70 -3.64
C ALA B 369 3.65 5.95 -4.50
N VAL B 370 2.61 6.76 -4.48
CA VAL B 370 2.51 7.96 -5.30
C VAL B 370 2.08 9.12 -4.42
N SER B 371 2.26 10.33 -4.94
CA SER B 371 1.80 11.55 -4.29
C SER B 371 1.30 12.51 -5.34
N GLY B 372 0.34 13.35 -4.97
CA GLY B 372 -0.24 14.30 -5.90
C GLY B 372 -1.19 13.71 -6.91
N ALA B 373 -1.63 12.47 -6.73
CA ALA B 373 -2.52 11.84 -7.67
C ALA B 373 -3.93 12.42 -7.57
N ALA B 374 -4.72 12.19 -8.61
CA ALA B 374 -6.12 12.59 -8.64
C ALA B 374 -7.00 11.38 -8.33
N GLY B 375 -8.07 11.62 -7.59
CA GLY B 375 -8.95 10.55 -7.14
C GLY B 375 -10.34 10.69 -7.71
N ALA B 376 -10.93 9.55 -8.10
CA ALA B 376 -12.27 9.51 -8.65
C ALA B 376 -12.95 8.22 -8.19
N ASN B 377 -14.21 8.34 -7.80
CA ASN B 377 -15.00 7.21 -7.33
C ASN B 377 -16.06 6.88 -8.38
N LEU B 378 -16.05 5.64 -8.85
CA LEU B 378 -17.01 5.16 -9.85
C LEU B 378 -17.69 3.91 -9.30
N ASN B 379 -18.86 4.10 -8.69
CA ASN B 379 -19.66 2.99 -8.16
C ASN B 379 -18.86 2.14 -7.18
N GLY B 380 -18.15 2.81 -6.28
CA GLY B 380 -17.39 2.11 -5.26
C GLY B 380 -16.01 1.66 -5.65
N ILE B 381 -15.41 2.26 -6.67
CA ILE B 381 -14.05 1.94 -7.08
C ILE B 381 -13.29 3.24 -7.24
N ILE B 382 -12.15 3.34 -6.57
CA ILE B 382 -11.33 4.55 -6.56
C ILE B 382 -10.22 4.40 -7.60
N TYR B 383 -10.08 5.38 -8.46
CA TYR B 383 -9.05 5.41 -9.49
C TYR B 383 -8.03 6.48 -9.14
N LEU B 384 -6.76 6.08 -9.06
CA LEU B 384 -5.66 6.99 -8.78
C LEU B 384 -4.94 7.29 -10.09
N LEU B 385 -5.03 8.55 -10.54
CA LEU B 385 -4.58 8.93 -11.86
C LEU B 385 -3.40 9.90 -11.73
N GLY B 386 -2.27 9.55 -12.36
CA GLY B 386 -1.14 10.45 -12.40
C GLY B 386 -0.50 10.65 -11.05
N GLY B 387 0.04 11.85 -10.85
CA GLY B 387 0.67 12.20 -9.59
C GLY B 387 2.17 12.32 -9.70
N GLU B 388 2.88 11.68 -8.77
CA GLU B 388 4.33 11.71 -8.73
C GLU B 388 4.84 10.35 -8.30
N GLU B 389 5.62 9.70 -9.17
CA GLU B 389 6.17 8.39 -8.89
C GLU B 389 7.55 8.52 -8.26
N ASN B 390 8.07 7.39 -7.78
CA ASN B 390 9.38 7.35 -7.14
C ASN B 390 10.44 7.02 -8.19
N ASP B 391 11.29 7.99 -8.50
CA ASP B 391 12.38 7.75 -9.44
C ASP B 391 13.48 6.94 -8.78
N LEU B 392 14.26 6.24 -9.61
CA LEU B 392 15.25 5.31 -9.10
C LEU B 392 16.32 6.01 -8.28
N ASP B 393 16.83 7.15 -8.76
CA ASP B 393 17.95 7.81 -8.11
C ASP B 393 17.49 8.69 -6.94
N PHE B 394 16.71 8.13 -6.02
CA PHE B 394 16.26 8.82 -4.81
C PHE B 394 15.46 10.09 -5.12
N PHE B 395 15.02 10.25 -6.36
CA PHE B 395 14.25 11.41 -6.80
C PHE B 395 12.81 11.00 -7.06
N THR B 396 12.02 11.92 -7.59
CA THR B 396 10.64 11.66 -7.97
C THR B 396 10.42 12.16 -9.39
N LYS B 397 9.57 11.46 -10.13
CA LYS B 397 9.26 11.77 -11.51
C LYS B 397 7.76 11.75 -11.71
N PRO B 398 7.26 12.46 -12.73
CA PRO B 398 5.82 12.44 -13.01
C PRO B 398 5.33 11.03 -13.29
N SER B 399 4.12 10.73 -12.82
CA SER B 399 3.51 9.42 -12.97
C SER B 399 2.40 9.47 -14.00
N ARG B 400 2.29 8.39 -14.78
CA ARG B 400 1.25 8.29 -15.80
C ARG B 400 0.50 6.98 -15.73
N LEU B 401 0.52 6.30 -14.59
CA LEU B 401 -0.17 5.03 -14.43
C LEU B 401 -1.44 5.20 -13.61
N ILE B 402 -2.30 4.19 -13.68
CA ILE B 402 -3.61 4.20 -13.04
C ILE B 402 -3.65 3.07 -12.03
N GLN B 403 -4.09 3.38 -10.82
CA GLN B 403 -4.26 2.39 -9.76
C GLN B 403 -5.74 2.27 -9.43
N CYS B 404 -6.18 1.05 -9.16
CA CYS B 404 -7.59 0.73 -8.97
C CYS B 404 -7.78 0.12 -7.59
N PHE B 405 -8.33 0.90 -6.66
CA PHE B 405 -8.63 0.42 -5.32
C PHE B 405 -10.10 0.03 -5.25
N ASP B 406 -10.36 -1.27 -5.19
CA ASP B 406 -11.73 -1.77 -5.14
C ASP B 406 -12.20 -1.71 -3.69
N THR B 407 -13.13 -0.80 -3.42
CA THR B 407 -13.56 -0.54 -2.04
C THR B 407 -14.25 -1.74 -1.42
N GLU B 408 -15.11 -2.43 -2.19
CA GLU B 408 -15.93 -3.48 -1.60
C GLU B 408 -15.10 -4.63 -1.06
N THR B 409 -14.11 -5.10 -1.81
CA THR B 409 -13.27 -6.21 -1.39
C THR B 409 -11.90 -5.77 -0.87
N ASP B 410 -11.64 -4.46 -0.83
CA ASP B 410 -10.39 -3.92 -0.28
C ASP B 410 -9.16 -4.48 -0.99
N LYS B 411 -9.14 -4.34 -2.32
CA LYS B 411 -8.03 -4.79 -3.13
C LYS B 411 -7.56 -3.65 -4.03
N CYS B 412 -6.28 -3.70 -4.40
CA CYS B 412 -5.67 -2.69 -5.25
C CYS B 412 -5.05 -3.36 -6.47
N HIS B 413 -5.15 -2.70 -7.62
CA HIS B 413 -4.58 -3.21 -8.86
C HIS B 413 -3.99 -2.04 -9.65
N VAL B 414 -3.05 -2.36 -10.52
CA VAL B 414 -2.42 -1.38 -11.41
C VAL B 414 -2.81 -1.73 -12.84
N LYS B 415 -3.34 -0.76 -13.56
CA LYS B 415 -3.76 -0.99 -14.93
C LYS B 415 -2.55 -1.14 -15.84
N PRO B 416 -2.52 -2.14 -16.72
CA PRO B 416 -1.36 -2.29 -17.62
C PRO B 416 -1.13 -1.10 -18.54
N TYR B 417 -2.19 -0.42 -18.96
CA TYR B 417 -2.06 0.74 -19.82
C TYR B 417 -1.73 1.99 -18.99
N VAL B 418 -1.42 3.07 -19.68
CA VAL B 418 -1.02 4.32 -19.05
C VAL B 418 -1.85 5.47 -19.60
N LEU B 419 -1.86 6.57 -18.84
CA LEU B 419 -2.58 7.76 -19.27
C LEU B 419 -1.88 8.42 -20.44
N PRO B 420 -2.61 9.18 -21.27
CA PRO B 420 -1.96 9.92 -22.37
C PRO B 420 -0.93 10.92 -21.88
N PHE B 421 -1.15 11.56 -20.74
CA PHE B 421 -0.24 12.54 -20.17
C PHE B 421 0.21 12.10 -18.78
N ALA B 422 1.22 12.80 -18.27
CA ALA B 422 1.84 12.47 -16.99
C ALA B 422 1.97 13.72 -16.15
N GLY B 423 2.02 13.52 -14.82
CA GLY B 423 2.22 14.61 -13.90
C GLY B 423 1.03 14.89 -13.02
N ARG B 424 0.76 16.17 -12.77
CA ARG B 424 -0.38 16.57 -11.96
C ARG B 424 -1.59 16.80 -12.85
N MET B 425 -2.77 16.42 -12.35
CA MET B 425 -3.98 16.51 -13.14
C MET B 425 -5.17 16.63 -12.21
N HIS B 426 -6.30 17.02 -12.79
CA HIS B 426 -7.57 17.13 -12.09
C HIS B 426 -8.59 16.24 -12.77
N ALA B 427 -9.37 15.50 -11.98
CA ALA B 427 -10.33 14.54 -12.50
C ALA B 427 -11.73 14.88 -12.02
N ALA B 428 -12.70 14.59 -12.88
CA ALA B 428 -14.12 14.74 -12.57
C ALA B 428 -14.87 13.57 -13.17
N VAL B 429 -15.87 13.07 -12.45
CA VAL B 429 -16.65 11.93 -12.89
C VAL B 429 -17.95 12.45 -13.49
N HIS B 430 -18.10 12.30 -14.81
CA HIS B 430 -19.32 12.65 -15.52
C HIS B 430 -19.94 11.35 -16.04
N LYS B 431 -21.16 11.06 -15.59
CA LYS B 431 -21.89 9.84 -15.95
C LYS B 431 -21.02 8.66 -15.50
N ASP B 432 -20.70 7.71 -16.38
CA ASP B 432 -19.86 6.56 -16.04
C ASP B 432 -18.42 6.76 -16.50
N LEU B 433 -18.01 8.00 -16.72
CA LEU B 433 -16.72 8.31 -17.30
C LEU B 433 -15.98 9.29 -16.40
N VAL B 434 -14.65 9.27 -16.51
CA VAL B 434 -13.78 10.18 -15.78
C VAL B 434 -13.18 11.16 -16.79
N PHE B 435 -13.37 12.44 -16.53
CA PHE B 435 -12.75 13.51 -17.32
C PHE B 435 -11.49 13.96 -16.60
N ILE B 436 -10.37 14.00 -17.33
CA ILE B 436 -9.08 14.36 -16.76
C ILE B 436 -8.50 15.52 -17.53
N VAL B 437 -7.98 16.51 -16.81
CA VAL B 437 -7.34 17.68 -17.40
C VAL B 437 -5.98 17.87 -16.74
N ALA B 438 -4.97 18.18 -17.55
CA ALA B 438 -3.62 18.40 -17.06
C ALA B 438 -3.06 19.65 -17.75
N GLU B 439 -1.77 19.91 -17.49
CA GLU B 439 -1.13 21.06 -18.12
C GLU B 439 -0.82 20.74 -19.58
N GLY B 440 -1.26 21.62 -20.47
CA GLY B 440 -1.00 21.44 -21.88
C GLY B 440 -2.22 21.51 -22.77
N ASP B 441 -3.32 22.06 -22.23
CA ASP B 441 -4.56 22.29 -22.99
C ASP B 441 -5.08 20.99 -23.59
N SER B 442 -5.25 19.99 -22.73
CA SER B 442 -5.72 18.66 -23.13
C SER B 442 -6.83 18.22 -22.17
N LEU B 443 -7.90 17.68 -22.74
CA LEU B 443 -9.00 17.12 -21.97
C LEU B 443 -9.21 15.68 -22.41
N VAL B 444 -9.11 14.76 -21.46
CA VAL B 444 -9.16 13.32 -21.75
C VAL B 444 -10.38 12.73 -21.05
N CYS B 445 -11.20 12.01 -21.81
CA CYS B 445 -12.32 11.25 -21.26
C CYS B 445 -11.90 9.78 -21.17
N TYR B 446 -11.93 9.22 -19.97
CA TYR B 446 -11.46 7.87 -19.71
C TYR B 446 -12.65 6.97 -19.42
N ASN B 447 -12.72 5.84 -20.14
CA ASN B 447 -13.75 4.84 -19.93
C ASN B 447 -13.12 3.61 -19.29
N PRO B 448 -13.26 3.43 -17.98
CA PRO B 448 -12.54 2.32 -17.31
C PRO B 448 -13.12 0.95 -17.60
N LEU B 449 -14.37 0.86 -18.03
CA LEU B 449 -14.93 -0.44 -18.38
C LEU B 449 -14.43 -0.91 -19.74
N LEU B 450 -14.22 0.00 -20.68
CA LEU B 450 -13.69 -0.33 -21.99
C LEU B 450 -12.19 -0.11 -22.09
N ASP B 451 -11.55 0.38 -21.03
CA ASP B 451 -10.09 0.59 -20.99
C ASP B 451 -9.61 1.48 -22.15
N SER B 452 -10.37 2.53 -22.44
CA SER B 452 -10.10 3.39 -23.58
C SER B 452 -10.12 4.86 -23.16
N PHE B 453 -9.47 5.69 -23.97
CA PHE B 453 -9.40 7.13 -23.75
C PHE B 453 -9.94 7.86 -24.97
N THR B 454 -10.27 9.13 -24.78
CA THR B 454 -10.75 9.99 -25.85
C THR B 454 -10.35 11.42 -25.54
N ARG B 455 -9.71 12.10 -26.49
CA ARG B 455 -9.21 13.45 -26.30
C ARG B 455 -10.18 14.46 -26.89
N LEU B 456 -10.50 15.48 -26.10
CA LEU B 456 -11.27 16.64 -26.58
C LEU B 456 -10.32 17.81 -26.75
N CYS B 457 -10.30 18.39 -27.95
CA CYS B 457 -9.36 19.45 -28.26
C CYS B 457 -9.85 20.76 -27.67
N LEU B 458 -9.05 21.35 -26.79
CA LEU B 458 -9.28 22.66 -26.18
C LEU B 458 -8.61 23.75 -27.02
N PRO B 459 -9.30 24.86 -27.25
CA PRO B 459 -8.73 25.92 -28.10
C PRO B 459 -7.43 26.45 -27.52
N GLU B 460 -6.50 26.78 -28.42
CA GLU B 460 -5.16 27.21 -28.04
C GLU B 460 -5.10 28.69 -27.66
N ALA B 461 -6.24 29.33 -27.39
CA ALA B 461 -6.23 30.74 -27.04
C ALA B 461 -5.55 30.98 -25.69
N TRP B 462 -5.53 29.98 -24.82
CA TRP B 462 -4.96 30.12 -23.49
C TRP B 462 -3.68 29.31 -23.30
N SER B 463 -3.04 28.90 -24.39
CA SER B 463 -1.81 28.12 -24.29
C SER B 463 -0.61 28.96 -23.88
N SER B 464 -0.71 30.29 -23.96
CA SER B 464 0.42 31.15 -23.60
C SER B 464 0.76 31.01 -22.12
N ALA B 465 -0.25 30.98 -21.25
CA ALA B 465 -0.03 30.89 -19.81
C ALA B 465 -0.13 29.44 -19.37
N PRO B 466 0.93 28.85 -18.86
CA PRO B 466 0.86 27.44 -18.40
C PRO B 466 0.31 27.33 -16.99
N SER B 467 -0.98 27.65 -16.85
CA SER B 467 -1.65 27.62 -15.55
C SER B 467 -2.36 26.28 -15.36
N LEU B 468 -2.70 26.01 -14.10
CA LEU B 468 -3.45 24.81 -13.78
C LEU B 468 -4.90 24.94 -14.21
N TRP B 469 -5.54 23.80 -14.45
CA TRP B 469 -6.93 23.78 -14.89
C TRP B 469 -7.70 22.87 -13.95
N LYS B 470 -8.89 23.29 -13.54
CA LYS B 470 -9.75 22.50 -12.66
C LYS B 470 -11.10 22.29 -13.32
N ILE B 471 -11.64 21.08 -13.18
CA ILE B 471 -12.89 20.71 -13.83
C ILE B 471 -13.89 20.21 -12.79
N ALA B 472 -15.14 20.62 -12.95
CA ALA B 472 -16.25 20.14 -12.14
C ALA B 472 -17.44 19.90 -13.04
N SER B 473 -18.31 18.98 -12.62
CA SER B 473 -19.45 18.57 -13.44
C SER B 473 -20.76 18.87 -12.71
N CYS B 474 -21.80 19.12 -13.50
CA CYS B 474 -23.15 19.29 -12.93
C CYS B 474 -24.18 19.03 -14.00
N ASN B 475 -25.03 18.03 -13.76
CA ASN B 475 -26.28 17.76 -14.50
C ASN B 475 -26.14 18.02 -16.01
N GLY B 476 -25.20 17.31 -16.63
CA GLY B 476 -25.12 17.27 -18.07
C GLY B 476 -24.06 18.14 -18.71
N SER B 477 -23.19 18.77 -17.94
CA SER B 477 -22.12 19.56 -18.54
C SER B 477 -20.94 19.62 -17.59
N ILE B 478 -19.78 19.97 -18.13
CA ILE B 478 -18.53 20.05 -17.41
C ILE B 478 -18.11 21.51 -17.35
N TYR B 479 -17.85 22.01 -16.15
CA TYR B 479 -17.30 23.35 -15.97
C TYR B 479 -15.81 23.26 -15.75
N VAL B 480 -15.06 24.09 -16.47
CA VAL B 480 -13.61 24.09 -16.45
C VAL B 480 -13.16 25.42 -15.87
N PHE B 481 -12.31 25.38 -14.84
CA PHE B 481 -11.91 26.56 -14.09
C PHE B 481 -10.43 26.84 -14.27
N ARG B 482 -10.07 28.12 -14.20
CA ARG B 482 -8.69 28.57 -14.34
C ARG B 482 -8.11 28.88 -12.98
N ASP B 483 -6.94 28.31 -12.68
CA ASP B 483 -6.28 28.56 -11.40
C ASP B 483 -5.86 30.02 -11.30
N ARG B 484 -5.15 30.52 -12.30
CA ARG B 484 -4.57 31.87 -12.26
C ARG B 484 -5.57 32.83 -12.90
N TYR B 485 -6.44 33.41 -12.07
CA TYR B 485 -7.44 34.37 -12.54
C TYR B 485 -6.79 35.72 -12.73
N LYS B 486 -6.90 36.27 -13.94
CA LYS B 486 -6.48 37.64 -14.17
C LYS B 486 -7.44 38.61 -13.49
N LYS B 487 -6.97 39.83 -13.24
CA LYS B 487 -7.74 40.80 -12.48
C LYS B 487 -9.06 41.11 -13.16
N GLY B 488 -10.14 41.05 -12.39
CA GLY B 488 -11.47 41.39 -12.88
C GLY B 488 -11.96 40.52 -14.02
N ASP B 489 -11.71 39.21 -13.95
CA ASP B 489 -12.13 38.28 -15.00
C ASP B 489 -12.50 36.96 -14.34
N ALA B 490 -13.80 36.68 -14.26
CA ALA B 490 -14.29 35.39 -13.79
C ALA B 490 -14.36 34.44 -14.98
N ASN B 491 -13.24 33.81 -15.29
CA ASN B 491 -13.11 33.00 -16.49
C ASN B 491 -13.44 31.55 -16.15
N THR B 492 -14.70 31.18 -16.41
CA THR B 492 -15.17 29.81 -16.29
C THR B 492 -15.84 29.42 -17.60
N TYR B 493 -15.50 28.24 -18.11
CA TYR B 493 -15.98 27.77 -19.39
C TYR B 493 -16.87 26.56 -19.20
N LYS B 494 -17.91 26.44 -20.03
CA LYS B 494 -18.87 25.36 -19.97
C LYS B 494 -18.67 24.45 -21.17
N LEU B 495 -18.39 23.18 -20.91
CA LEU B 495 -18.11 22.21 -21.95
C LEU B 495 -19.32 21.30 -22.15
N ASP B 496 -19.70 21.10 -23.41
CA ASP B 496 -20.74 20.13 -23.75
C ASP B 496 -20.06 18.91 -24.36
N PRO B 497 -20.03 17.77 -23.66
CA PRO B 497 -19.26 16.62 -24.17
C PRO B 497 -19.74 16.08 -25.50
N ALA B 498 -21.04 16.18 -25.79
CA ALA B 498 -21.57 15.62 -27.03
C ALA B 498 -21.00 16.34 -28.25
N THR B 499 -20.89 17.67 -28.20
CA THR B 499 -20.39 18.45 -29.32
C THR B 499 -19.01 19.04 -29.07
N SER B 500 -18.45 18.88 -27.87
CA SER B 500 -17.12 19.38 -27.54
C SER B 500 -16.98 20.88 -27.80
N ALA B 501 -18.02 21.63 -27.45
CA ALA B 501 -18.06 23.08 -27.66
C ALA B 501 -18.02 23.78 -26.31
N VAL B 502 -17.03 24.65 -26.14
CA VAL B 502 -16.88 25.42 -24.90
C VAL B 502 -17.56 26.77 -25.06
N THR B 503 -17.89 27.39 -23.93
CA THR B 503 -18.60 28.66 -23.93
C THR B 503 -18.28 29.40 -22.64
N VAL B 504 -17.88 30.67 -22.75
CA VAL B 504 -17.56 31.47 -21.58
C VAL B 504 -18.84 31.71 -20.78
N THR B 505 -18.78 31.47 -19.48
CA THR B 505 -19.92 31.62 -18.60
C THR B 505 -19.72 32.80 -17.64
N ARG B 506 -20.81 33.39 -17.21
CA ARG B 506 -20.81 34.48 -16.24
C ARG B 506 -21.60 34.07 -15.01
N GLY B 507 -21.80 35.02 -14.10
CA GLY B 507 -22.54 34.76 -12.89
C GLY B 507 -21.71 34.53 -11.64
N ILE B 508 -20.39 34.62 -11.73
CA ILE B 508 -19.50 34.49 -10.60
C ILE B 508 -18.97 35.87 -10.25
N LYS B 509 -19.26 36.34 -9.04
CA LYS B 509 -18.91 37.68 -8.61
C LYS B 509 -18.16 37.66 -7.29
N VAL B 510 -17.34 36.62 -7.08
CA VAL B 510 -16.46 36.52 -5.93
C VAL B 510 -15.03 36.51 -6.45
N LEU B 511 -14.28 37.57 -6.15
CA LEU B 511 -12.93 37.75 -6.70
C LEU B 511 -11.98 36.83 -5.96
N LEU B 512 -11.84 35.61 -6.46
CA LEU B 512 -10.91 34.63 -5.90
C LEU B 512 -9.63 34.70 -6.73
N THR B 513 -8.60 35.35 -6.18
CA THR B 513 -7.33 35.48 -6.89
C THR B 513 -6.68 34.11 -7.11
N ASN B 514 -6.74 33.24 -6.12
CA ASN B 514 -6.18 31.90 -6.21
C ASN B 514 -7.29 30.88 -6.02
N LEU B 515 -7.25 29.83 -6.82
CA LEU B 515 -8.19 28.71 -6.72
C LEU B 515 -7.39 27.49 -6.28
N GLN B 516 -7.52 27.13 -5.00
CA GLN B 516 -6.72 26.03 -4.45
C GLN B 516 -7.42 24.69 -4.64
N PHE B 517 -8.73 24.64 -4.40
CA PHE B 517 -9.49 23.39 -4.49
C PHE B 517 -10.80 23.64 -5.21
N VAL B 518 -11.18 22.68 -6.06
CA VAL B 518 -12.52 22.62 -6.66
C VAL B 518 -13.05 21.23 -6.36
N LEU B 519 -14.12 21.15 -5.56
CA LEU B 519 -14.63 19.89 -5.04
C LEU B 519 -15.96 19.58 -5.69
N ALA B 520 -15.97 18.53 -6.51
CA ALA B 520 -17.16 18.08 -7.24
C ALA B 520 -17.87 19.21 -7.97
N MET C 21 18.47 10.70 14.14
CA MET C 21 19.33 10.76 15.31
C MET C 21 20.69 11.34 14.98
N ARG C 22 20.99 12.50 15.55
CA ARG C 22 22.24 13.21 15.29
C ARG C 22 23.16 13.08 16.50
N VAL C 23 24.38 12.61 16.25
CA VAL C 23 25.36 12.36 17.29
C VAL C 23 26.50 13.36 17.11
N GLY C 24 26.74 14.19 18.12
CA GLY C 24 27.81 15.16 18.08
C GLY C 24 27.94 15.93 19.37
N PRO C 25 28.99 16.73 19.49
CA PRO C 25 29.14 17.56 20.70
C PRO C 25 28.16 18.72 20.77
N GLN C 26 27.66 19.21 19.63
CA GLN C 26 26.69 20.28 19.59
C GLN C 26 25.26 19.77 19.66
N TYR C 27 25.07 18.45 19.75
CA TYR C 27 23.75 17.85 19.90
C TYR C 27 23.51 17.25 21.27
N GLN C 28 24.53 16.62 21.85
CA GLN C 28 24.40 15.98 23.15
C GLN C 28 24.67 16.98 24.28
N ALA C 29 24.31 16.58 25.49
CA ALA C 29 24.51 17.39 26.69
C ALA C 29 25.78 16.94 27.41
N VAL C 30 26.42 17.90 28.08
CA VAL C 30 27.64 17.64 28.82
C VAL C 30 27.24 17.25 30.24
N VAL C 31 27.19 15.95 30.50
CA VAL C 31 26.82 15.44 31.82
C VAL C 31 27.96 15.70 32.78
N PRO C 32 27.70 15.81 34.09
CA PRO C 32 28.80 16.05 35.04
C PRO C 32 29.71 14.85 35.18
N ASP C 33 30.70 14.96 36.07
CA ASP C 33 31.57 13.85 36.43
C ASP C 33 31.09 13.29 37.77
N PHE C 34 30.93 11.98 37.84
CA PHE C 34 30.38 11.37 39.05
C PHE C 34 31.36 11.52 40.20
N ASP C 35 30.86 12.06 41.32
CA ASP C 35 31.66 12.30 42.52
C ASP C 35 30.93 11.64 43.68
N PRO C 36 31.27 10.38 43.99
CA PRO C 36 30.54 9.67 45.06
C PRO C 36 30.57 10.36 46.40
N ALA C 37 31.69 10.99 46.77
CA ALA C 37 31.76 11.68 48.05
C ALA C 37 30.92 12.96 48.04
N LYS C 38 30.85 13.62 46.89
CA LYS C 38 30.15 14.90 46.79
C LYS C 38 28.64 14.76 46.65
N LEU C 39 28.12 13.53 46.55
CA LEU C 39 26.68 13.34 46.45
C LEU C 39 25.97 13.85 47.70
N ALA C 40 26.23 13.23 48.84
CA ALA C 40 25.55 13.59 50.09
C ALA C 40 26.41 14.57 50.89
N ARG C 41 26.76 15.67 50.24
CA ARG C 41 27.58 16.71 50.85
C ARG C 41 26.90 18.06 50.91
N ARG C 42 26.29 18.51 49.80
CA ARG C 42 25.85 19.88 49.63
C ARG C 42 24.33 20.05 49.72
N SER C 43 23.61 19.04 50.21
CA SER C 43 22.16 19.10 50.21
C SER C 43 21.61 19.75 51.48
N GLN C 44 22.19 20.90 51.85
CA GLN C 44 21.68 21.70 52.96
C GLN C 44 21.81 23.19 52.74
N GLU C 45 22.32 23.65 51.60
CA GLU C 45 22.72 25.04 51.43
C GLU C 45 22.57 25.41 49.97
N ARG C 46 23.29 26.47 49.56
CA ARG C 46 23.35 27.00 48.20
C ARG C 46 22.12 27.85 47.88
N ASP C 47 21.04 27.22 47.44
CA ASP C 47 19.86 27.99 47.04
C ASP C 47 18.66 27.06 47.00
N ASN C 48 17.66 27.33 47.84
CA ASN C 48 16.37 26.67 47.76
C ASN C 48 15.45 27.52 46.90
N LEU C 49 14.98 26.93 45.81
CA LEU C 49 14.24 27.67 44.79
C LEU C 49 12.74 27.49 44.99
N GLY C 50 11.99 28.54 44.71
CA GLY C 50 10.56 28.54 44.92
C GLY C 50 10.19 29.16 46.25
N MET C 51 8.99 29.74 46.31
CA MET C 51 8.47 30.39 47.51
C MET C 51 7.32 29.57 48.06
N LEU C 52 7.41 29.20 49.33
CA LEU C 52 6.35 28.41 49.95
C LEU C 52 5.10 29.27 50.11
N VAL C 53 3.96 28.72 49.68
CA VAL C 53 2.70 29.45 49.71
C VAL C 53 1.74 28.77 50.69
N TRP C 54 1.88 27.46 50.83
CA TRP C 54 1.01 26.70 51.71
C TRP C 54 1.73 25.43 52.13
N SER C 55 1.49 25.00 53.37
CA SER C 55 2.08 23.80 53.91
C SER C 55 1.06 23.13 54.82
N PRO C 56 0.85 21.82 54.69
CA PRO C 56 -0.14 21.14 55.54
C PRO C 56 0.27 21.16 57.00
N ASN C 57 -0.72 21.17 57.88
CA ASN C 57 -0.50 21.05 59.32
C ASN C 57 -1.38 19.95 59.87
N GLN C 58 -0.78 19.00 60.59
CA GLN C 58 -1.53 17.85 61.07
C GLN C 58 -2.41 18.21 62.26
N ASN C 59 -1.95 19.12 63.12
CA ASN C 59 -2.74 19.47 64.30
C ASN C 59 -4.01 20.21 63.93
N LEU C 60 -4.04 20.83 62.74
CA LEU C 60 -5.25 21.51 62.29
C LEU C 60 -6.37 20.51 62.06
N SER C 61 -7.58 20.86 62.48
CA SER C 61 -8.74 20.01 62.29
C SER C 61 -9.41 20.30 60.96
N GLU C 62 -10.03 19.26 60.40
CA GLU C 62 -10.72 19.41 59.11
C GLU C 62 -11.91 20.36 59.23
N ALA C 63 -12.70 20.19 60.29
CA ALA C 63 -13.90 21.02 60.46
C ALA C 63 -13.53 22.49 60.65
N LYS C 64 -12.48 22.77 61.42
CA LYS C 64 -12.05 24.14 61.61
C LYS C 64 -11.59 24.76 60.28
N LEU C 65 -10.86 24.00 59.47
CA LEU C 65 -10.44 24.51 58.17
C LEU C 65 -11.63 24.79 57.27
N ASP C 66 -12.61 23.88 57.24
CA ASP C 66 -13.80 24.12 56.41
C ASP C 66 -14.56 25.35 56.89
N GLU C 67 -14.71 25.50 58.20
CA GLU C 67 -15.42 26.66 58.74
C GLU C 67 -14.69 27.96 58.42
N TYR C 68 -13.36 27.94 58.55
CA TYR C 68 -12.58 29.14 58.22
C TYR C 68 -12.71 29.48 56.75
N ILE C 69 -12.68 28.48 55.87
CA ILE C 69 -12.84 28.74 54.44
C ILE C 69 -14.22 29.33 54.17
N ALA C 70 -15.25 28.78 54.80
CA ALA C 70 -16.62 29.28 54.57
C ALA C 70 -16.77 30.72 55.05
N ILE C 71 -16.21 31.04 56.23
CA ILE C 71 -16.33 32.40 56.76
C ILE C 71 -15.52 33.38 55.92
N ALA C 72 -14.32 32.98 55.50
CA ALA C 72 -13.52 33.85 54.64
C ALA C 72 -14.22 34.10 53.31
N LYS C 73 -14.92 33.09 52.80
CA LYS C 73 -15.68 33.28 51.56
C LYS C 73 -16.84 34.24 51.78
N GLU C 74 -17.77 33.89 52.66
CA GLU C 74 -18.92 34.76 52.91
C GLU C 74 -18.67 35.73 54.06
N LYS C 75 -17.50 36.37 54.06
CA LYS C 75 -17.27 37.55 54.88
C LYS C 75 -16.63 38.68 54.09
N HIS C 76 -15.68 38.38 53.20
CA HIS C 76 -15.02 39.40 52.38
C HIS C 76 -14.80 38.94 50.95
N GLY C 77 -15.42 37.86 50.51
CA GLY C 77 -15.19 37.34 49.17
C GLY C 77 -13.79 36.79 48.96
N TYR C 78 -13.29 36.03 49.93
CA TYR C 78 -12.01 35.34 49.81
C TYR C 78 -12.24 33.97 49.21
N ASN C 79 -11.55 33.66 48.12
CA ASN C 79 -11.61 32.32 47.56
C ASN C 79 -10.78 31.36 48.41
N MET C 80 -10.78 30.08 48.02
CA MET C 80 -10.05 29.08 48.79
C MET C 80 -8.55 29.37 48.81
N GLU C 81 -7.99 29.75 47.66
CA GLU C 81 -6.55 29.97 47.59
C GLU C 81 -6.11 31.14 48.45
N GLN C 82 -6.85 32.25 48.40
CA GLN C 82 -6.47 33.43 49.18
C GLN C 82 -6.60 33.17 50.68
N ALA C 83 -7.69 32.52 51.10
CA ALA C 83 -7.88 32.20 52.50
C ALA C 83 -6.80 31.23 52.99
N LEU C 84 -6.45 30.25 52.17
CA LEU C 84 -5.40 29.31 52.53
C LEU C 84 -4.06 30.00 52.66
N GLY C 85 -3.76 30.94 51.76
CA GLY C 85 -2.53 31.70 51.87
C GLY C 85 -2.50 32.57 53.11
N MET C 86 -3.65 33.17 53.46
CA MET C 86 -3.72 33.98 54.67
C MET C 86 -3.52 33.12 55.92
N LEU C 87 -4.10 31.93 55.94
CA LEU C 87 -3.93 31.05 57.10
C LEU C 87 -2.47 30.63 57.27
N PHE C 88 -1.79 30.32 56.17
CA PHE C 88 -0.37 30.01 56.24
C PHE C 88 0.44 31.21 56.74
N TRP C 89 -0.01 32.42 56.41
CA TRP C 89 0.71 33.62 56.83
C TRP C 89 0.72 33.74 58.35
N HIS C 90 -0.42 33.50 58.99
CA HIS C 90 -0.52 33.63 60.45
C HIS C 90 -0.29 32.29 61.15
N LYS C 91 0.79 31.61 60.77
CA LYS C 91 1.29 30.40 61.44
C LYS C 91 0.17 29.40 61.75
N HIS C 92 -0.71 29.20 60.76
CA HIS C 92 -1.77 28.19 60.82
C HIS C 92 -2.63 28.36 62.07
N ASN C 93 -2.94 29.60 62.41
CA ASN C 93 -3.82 29.89 63.55
C ASN C 93 -5.05 30.63 63.03
N ILE C 94 -6.22 30.02 63.24
CA ILE C 94 -7.46 30.57 62.69
C ILE C 94 -7.84 31.88 63.38
N GLU C 95 -7.59 31.97 64.70
CA GLU C 95 -8.04 33.13 65.46
C GLU C 95 -7.43 34.42 64.95
N LYS C 96 -6.11 34.41 64.68
CA LYS C 96 -5.47 35.60 64.14
C LYS C 96 -5.75 35.81 62.66
N SER C 97 -6.38 34.85 61.99
CA SER C 97 -6.72 34.99 60.58
C SER C 97 -8.13 35.50 60.35
N LEU C 98 -9.08 35.18 61.25
CA LEU C 98 -10.43 35.72 61.13
C LEU C 98 -10.50 37.20 61.45
N ALA C 99 -9.48 37.76 62.13
CA ALA C 99 -9.47 39.16 62.50
C ALA C 99 -8.43 39.95 61.73
N ASP C 100 -7.98 39.44 60.58
CA ASP C 100 -7.00 40.13 59.75
C ASP C 100 -7.42 40.29 58.30
N LEU C 101 -8.42 39.54 57.83
CA LEU C 101 -8.87 39.69 56.45
C LEU C 101 -9.40 41.09 56.12
N PRO C 102 -10.25 41.73 56.93
CA PRO C 102 -10.75 43.06 56.56
C PRO C 102 -9.68 44.13 56.49
N ASN C 103 -8.51 43.91 57.08
CA ASN C 103 -7.46 44.92 57.06
C ASN C 103 -7.03 45.26 55.64
N PHE C 104 -6.86 44.23 54.79
CA PHE C 104 -6.48 44.41 53.40
C PHE C 104 -7.27 43.39 52.56
N THR C 105 -8.40 43.82 52.03
CA THR C 105 -9.19 42.96 51.16
C THR C 105 -8.64 43.03 49.73
N PRO C 106 -8.40 41.89 49.10
CA PRO C 106 -7.76 41.90 47.77
C PRO C 106 -8.71 42.23 46.64
N PHE C 107 -8.90 43.52 46.36
CA PHE C 107 -9.74 43.92 45.23
C PHE C 107 -9.24 43.27 43.94
N PRO C 108 -10.10 42.58 43.20
CA PRO C 108 -9.63 41.92 41.97
C PRO C 108 -9.51 42.88 40.81
N ASP C 109 -9.24 42.35 39.62
CA ASP C 109 -9.16 43.18 38.42
C ASP C 109 -10.44 43.98 38.25
N GLU C 110 -10.28 45.31 38.16
CA GLU C 110 -11.42 46.22 38.07
C GLU C 110 -11.80 46.37 36.60
N TRP C 111 -12.67 45.47 36.14
CA TRP C 111 -13.18 45.51 34.77
C TRP C 111 -14.55 46.17 34.80
N THR C 112 -14.58 47.46 34.48
CA THR C 112 -15.84 48.19 34.43
C THR C 112 -16.68 47.72 33.25
N VAL C 113 -17.99 48.01 33.33
CA VAL C 113 -18.90 47.61 32.25
C VAL C 113 -18.53 48.28 30.94
N GLU C 114 -18.05 49.53 31.01
CA GLU C 114 -17.60 50.21 29.80
C GLU C 114 -16.43 49.47 29.15
N ASP C 115 -15.44 49.07 29.97
CA ASP C 115 -14.30 48.34 29.43
C ASP C 115 -14.71 46.98 28.88
N LYS C 116 -15.67 46.32 29.51
CA LYS C 116 -16.19 45.07 28.97
C LYS C 116 -16.87 45.29 27.63
N VAL C 117 -17.61 46.38 27.49
CA VAL C 117 -18.27 46.69 26.22
C VAL C 117 -17.22 46.94 25.13
N LEU C 118 -16.16 47.70 25.47
CA LEU C 118 -15.09 47.90 24.50
C LEU C 118 -14.40 46.58 24.14
N PHE C 119 -14.22 45.69 25.12
CA PHE C 119 -13.65 44.39 24.81
C PHE C 119 -14.53 43.62 23.84
N GLU C 120 -15.84 43.63 24.06
CA GLU C 120 -16.75 42.92 23.16
C GLU C 120 -16.71 43.51 21.75
N GLN C 121 -16.70 44.84 21.65
CA GLN C 121 -16.65 45.47 20.33
C GLN C 121 -15.34 45.17 19.62
N ALA C 122 -14.22 45.21 20.35
CA ALA C 122 -12.92 44.89 19.75
C ALA C 122 -12.87 43.44 19.32
N PHE C 123 -13.45 42.53 20.11
CA PHE C 123 -13.51 41.13 19.71
C PHE C 123 -14.35 40.96 18.45
N SER C 124 -15.47 41.67 18.36
CA SER C 124 -16.30 41.58 17.15
C SER C 124 -15.55 42.10 15.93
N PHE C 125 -14.80 43.20 16.08
CA PHE C 125 -14.08 43.76 14.94
C PHE C 125 -12.91 42.88 14.52
N HIS C 126 -12.12 42.41 15.48
CA HIS C 126 -10.84 41.77 15.19
C HIS C 126 -10.81 40.28 15.50
N GLY C 127 -11.47 39.82 16.55
CA GLY C 127 -11.44 38.41 16.90
C GLY C 127 -10.55 38.12 18.08
N LYS C 128 -9.84 36.98 18.03
CA LYS C 128 -8.94 36.59 19.10
C LYS C 128 -7.51 37.09 18.90
N THR C 129 -7.35 38.21 18.20
CA THR C 129 -6.05 38.88 18.06
C THR C 129 -5.98 39.94 19.16
N PHE C 130 -5.47 39.55 20.32
CA PHE C 130 -5.37 40.46 21.44
C PHE C 130 -4.37 41.59 21.18
N HIS C 131 -3.44 41.39 20.25
CA HIS C 131 -2.53 42.46 19.86
C HIS C 131 -3.30 43.63 19.27
N ARG C 132 -4.29 43.34 18.41
CA ARG C 132 -5.12 44.39 17.84
C ARG C 132 -6.16 44.90 18.83
N ILE C 133 -6.62 44.05 19.75
CA ILE C 133 -7.57 44.50 20.77
C ILE C 133 -6.93 45.50 21.70
N GLN C 134 -5.64 45.31 22.01
CA GLN C 134 -4.93 46.26 22.88
C GLN C 134 -4.76 47.62 22.22
N GLN C 135 -4.84 47.70 20.89
CA GLN C 135 -4.70 49.00 20.23
C GLN C 135 -5.79 49.97 20.66
N MET C 136 -7.03 49.49 20.72
CA MET C 136 -8.14 50.31 21.20
C MET C 136 -8.43 50.10 22.68
N LEU C 137 -7.67 49.23 23.34
CA LEU C 137 -7.73 49.04 24.79
C LEU C 137 -6.30 49.08 25.33
N PRO C 138 -5.68 50.27 25.33
CA PRO C 138 -4.26 50.35 25.70
C PRO C 138 -4.00 50.34 27.21
N ASP C 139 -5.04 50.54 28.03
CA ASP C 139 -4.86 50.53 29.47
C ASP C 139 -4.76 49.11 30.04
N LYS C 140 -5.00 48.09 29.23
CA LYS C 140 -4.97 46.70 29.67
C LYS C 140 -3.80 45.99 29.01
N SER C 141 -3.06 45.21 29.79
CA SER C 141 -1.99 44.40 29.24
C SER C 141 -2.56 43.19 28.51
N ILE C 142 -1.73 42.56 27.68
CA ILE C 142 -2.18 41.39 26.92
C ILE C 142 -2.52 40.25 27.87
N ALA C 143 -1.75 40.09 28.95
CA ALA C 143 -2.06 39.07 29.94
C ALA C 143 -3.43 39.32 30.58
N SER C 144 -3.82 40.59 30.71
CA SER C 144 -5.16 40.89 31.23
C SER C 144 -6.24 40.63 30.20
N LEU C 145 -5.92 40.74 28.91
CA LEU C 145 -6.89 40.44 27.87
C LEU C 145 -7.08 38.94 27.69
N VAL C 146 -6.00 38.15 27.83
CA VAL C 146 -6.12 36.71 27.71
C VAL C 146 -6.88 36.15 28.90
N LYS C 147 -6.65 36.68 30.09
CA LYS C 147 -7.41 36.22 31.26
C LYS C 147 -8.87 36.60 31.16
N PHE C 148 -9.19 37.70 30.49
CA PHE C 148 -10.58 38.13 30.31
C PHE C 148 -11.19 37.52 29.05
N LYS C 154 -17.31 31.94 27.54
CA LYS C 154 -18.45 31.21 28.08
C LYS C 154 -19.76 31.72 27.49
N THR C 155 -19.78 32.99 27.11
CA THR C 155 -20.98 33.59 26.54
C THR C 155 -20.71 34.13 25.13
N PRO D 7 -2.29 2.66 -28.25
CA PRO D 7 -3.37 2.86 -27.29
C PRO D 7 -3.62 4.34 -26.99
N GLY D 8 -3.47 5.18 -28.01
CA GLY D 8 -3.68 6.60 -27.83
C GLY D 8 -5.14 6.96 -27.67
N ALA D 9 -5.36 8.21 -27.24
CA ALA D 9 -6.71 8.73 -27.07
C ALA D 9 -7.28 9.14 -28.41
N SER D 10 -8.38 8.51 -28.81
CA SER D 10 -8.98 8.77 -30.11
C SER D 10 -9.59 10.16 -30.18
N MET D 11 -9.67 10.69 -31.40
CA MET D 11 -10.30 11.98 -31.65
C MET D 11 -11.55 11.87 -32.52
N ASP D 12 -11.66 10.83 -33.33
CA ASP D 12 -12.83 10.62 -34.17
C ASP D 12 -13.94 9.88 -33.46
N GLU D 13 -13.76 9.53 -32.19
CA GLU D 13 -14.74 8.78 -31.42
C GLU D 13 -14.98 9.47 -30.09
N ASN D 14 -16.25 9.70 -29.77
CA ASN D 14 -16.64 10.17 -28.44
C ASN D 14 -17.82 9.34 -27.95
N TYR D 15 -17.85 9.10 -26.64
CA TYR D 15 -18.81 8.21 -26.03
C TYR D 15 -20.22 8.79 -25.98
N PHE D 16 -20.45 9.97 -26.54
CA PHE D 16 -21.77 10.57 -26.57
C PHE D 16 -22.36 10.66 -27.97
N VAL D 17 -21.58 10.39 -29.01
CA VAL D 17 -22.07 10.45 -30.38
C VAL D 17 -21.86 9.10 -31.06
N ASN D 18 -20.61 8.65 -31.15
CA ASN D 18 -20.32 7.37 -31.78
C ASN D 18 -18.93 6.91 -31.37
N TYR D 19 -18.77 5.61 -31.19
CA TYR D 19 -17.51 5.03 -30.77
C TYR D 19 -17.52 3.53 -31.10
N THR D 20 -16.38 2.90 -30.88
CA THR D 20 -16.19 1.49 -31.21
C THR D 20 -16.20 0.66 -29.93
N PHE D 21 -17.08 -0.32 -29.87
CA PHE D 21 -17.21 -1.22 -28.73
C PHE D 21 -16.57 -2.56 -29.08
N LYS D 22 -15.60 -2.99 -28.28
CA LYS D 22 -14.95 -4.27 -28.44
C LYS D 22 -15.21 -5.12 -27.21
N ASP D 23 -15.71 -6.33 -27.43
CA ASP D 23 -16.03 -7.25 -26.33
C ASP D 23 -14.80 -8.08 -26.02
N ARG D 24 -14.29 -7.93 -24.80
CA ARG D 24 -13.11 -8.68 -24.37
C ARG D 24 -13.43 -10.10 -23.94
N SER D 25 -14.70 -10.45 -23.79
CA SER D 25 -15.12 -11.80 -23.44
C SER D 25 -15.63 -12.58 -24.65
N HIS D 26 -15.41 -12.08 -25.86
CA HIS D 26 -15.95 -12.72 -27.05
C HIS D 26 -15.27 -14.06 -27.32
N SER D 27 -13.95 -14.10 -27.27
CA SER D 27 -13.22 -15.31 -27.62
C SER D 27 -13.47 -16.44 -26.63
N GLY D 28 -13.47 -16.14 -25.34
CA GLY D 28 -13.75 -17.17 -24.35
C GLY D 28 -15.16 -17.71 -24.47
N ARG D 29 -16.13 -16.82 -24.70
CA ARG D 29 -17.51 -17.26 -24.88
C ARG D 29 -17.65 -18.13 -26.12
N VAL D 30 -16.99 -17.75 -27.21
CA VAL D 30 -17.03 -18.54 -28.44
C VAL D 30 -16.43 -19.92 -28.19
N ALA D 31 -15.28 -19.98 -27.51
CA ALA D 31 -14.64 -21.26 -27.24
C ALA D 31 -15.50 -22.14 -26.36
N GLN D 32 -16.07 -21.57 -25.29
CA GLN D 32 -16.92 -22.35 -24.40
C GLN D 32 -18.17 -22.86 -25.12
N GLY D 33 -18.78 -22.01 -25.95
CA GLY D 33 -19.94 -22.45 -26.70
C GLY D 33 -19.62 -23.53 -27.70
N ILE D 34 -18.46 -23.43 -28.35
CA ILE D 34 -18.03 -24.47 -29.28
C ILE D 34 -17.85 -25.79 -28.55
N MET D 35 -17.17 -25.75 -27.39
CA MET D 35 -16.98 -26.98 -26.62
C MET D 35 -18.32 -27.59 -26.24
N LYS D 36 -19.21 -26.79 -25.66
CA LYS D 36 -20.52 -27.29 -25.25
C LYS D 36 -21.26 -27.91 -26.43
N LEU D 37 -21.51 -27.12 -27.48
CA LEU D 37 -22.33 -27.58 -28.60
C LEU D 37 -21.72 -28.81 -29.26
N CYS D 38 -20.39 -28.82 -29.45
CA CYS D 38 -19.78 -29.90 -30.21
C CYS D 38 -19.67 -31.19 -29.42
N LEU D 39 -19.42 -31.13 -28.11
CA LEU D 39 -19.18 -32.36 -27.36
C LEU D 39 -20.34 -32.76 -26.45
N GLU D 40 -20.89 -31.83 -25.66
CA GLU D 40 -21.93 -32.21 -24.73
C GLU D 40 -23.23 -32.57 -25.44
N GLU D 41 -23.51 -31.96 -26.59
CA GLU D 41 -24.75 -32.16 -27.29
C GLU D 41 -24.61 -32.68 -28.72
N GLU D 42 -23.44 -32.48 -29.34
CA GLU D 42 -23.14 -33.05 -30.67
C GLU D 42 -24.17 -32.54 -31.70
N LEU D 43 -24.06 -31.25 -31.98
CA LEU D 43 -24.95 -30.60 -32.93
C LEU D 43 -24.16 -30.05 -34.12
N PHE D 44 -24.86 -29.97 -35.25
CA PHE D 44 -24.35 -29.28 -36.45
C PHE D 44 -23.10 -29.94 -37.03
N ALA D 45 -22.96 -31.25 -36.87
CA ALA D 45 -21.83 -31.96 -37.47
C ALA D 45 -22.04 -32.05 -38.97
N ASP D 46 -20.99 -31.75 -39.74
CA ASP D 46 -21.10 -31.69 -41.19
C ASP D 46 -20.06 -32.53 -41.93
N VAL D 47 -19.17 -33.23 -41.22
CA VAL D 47 -18.19 -34.10 -41.84
C VAL D 47 -18.04 -35.35 -41.00
N THR D 48 -17.57 -36.42 -41.64
CA THR D 48 -17.32 -37.68 -40.96
C THR D 48 -15.90 -38.14 -41.28
N ILE D 49 -15.14 -38.47 -40.24
CA ILE D 49 -13.77 -38.95 -40.37
C ILE D 49 -13.72 -40.38 -39.85
N SER D 50 -13.16 -41.28 -40.65
CA SER D 50 -13.07 -42.70 -40.30
C SER D 50 -11.60 -43.05 -40.05
N VAL D 51 -11.32 -43.54 -38.85
CA VAL D 51 -9.97 -43.96 -38.47
C VAL D 51 -10.07 -45.37 -37.90
N GLU D 52 -9.49 -46.34 -38.60
CA GLU D 52 -9.48 -47.74 -38.16
C GLU D 52 -10.89 -48.25 -37.89
N GLY D 53 -11.84 -47.87 -38.76
CA GLY D 53 -13.21 -48.33 -38.63
C GLY D 53 -14.04 -47.58 -37.61
N ARG D 54 -13.51 -46.50 -37.03
CA ARG D 54 -14.25 -45.69 -36.06
C ARG D 54 -14.67 -44.38 -36.73
N GLU D 55 -15.95 -44.04 -36.60
CA GLU D 55 -16.53 -42.88 -37.26
C GLU D 55 -16.53 -41.69 -36.31
N PHE D 56 -15.99 -40.56 -36.77
CA PHE D 56 -15.95 -39.33 -35.99
C PHE D 56 -16.85 -38.30 -36.66
N GLN D 57 -17.78 -37.74 -35.88
CA GLN D 57 -18.70 -36.70 -36.37
C GLN D 57 -18.14 -35.36 -35.94
N LEU D 58 -17.39 -34.72 -36.82
CA LEU D 58 -16.68 -33.48 -36.51
C LEU D 58 -17.21 -32.35 -37.38
N HIS D 59 -16.78 -31.13 -37.05
CA HIS D 59 -17.20 -29.92 -37.72
C HIS D 59 -16.03 -29.38 -38.54
N ARG D 60 -16.29 -29.05 -39.81
CA ARG D 60 -15.24 -28.57 -40.68
C ARG D 60 -14.70 -27.23 -40.23
N LEU D 61 -15.55 -26.39 -39.63
CA LEU D 61 -15.12 -25.05 -39.22
C LEU D 61 -14.09 -25.13 -38.09
N VAL D 62 -14.36 -25.95 -37.07
CA VAL D 62 -13.45 -26.05 -35.94
C VAL D 62 -12.13 -26.69 -36.37
N LEU D 63 -12.19 -27.68 -37.27
CA LEU D 63 -10.96 -28.30 -37.74
C LEU D 63 -10.15 -27.35 -38.61
N SER D 64 -10.81 -26.57 -39.47
CA SER D 64 -10.08 -25.66 -40.35
C SER D 64 -9.56 -24.43 -39.60
N ALA D 65 -10.20 -24.04 -38.51
CA ALA D 65 -9.70 -22.92 -37.71
C ALA D 65 -8.46 -23.26 -36.90
N GLN D 66 -8.17 -24.54 -36.72
CA GLN D 66 -7.04 -24.99 -35.91
C GLN D 66 -5.86 -25.44 -36.74
N SER D 67 -6.09 -25.98 -37.94
CA SER D 67 -5.04 -26.54 -38.76
C SER D 67 -5.20 -26.10 -40.20
N CYS D 68 -4.07 -26.00 -40.90
CA CYS D 68 -4.08 -25.73 -42.34
C CYS D 68 -4.17 -27.00 -43.16
N PHE D 69 -3.69 -28.12 -42.62
CA PHE D 69 -3.84 -29.41 -43.29
C PHE D 69 -5.31 -29.74 -43.50
N PHE D 70 -6.11 -29.65 -42.43
CA PHE D 70 -7.54 -29.91 -42.54
C PHE D 70 -8.25 -28.86 -43.38
N ARG D 71 -7.78 -27.61 -43.35
CA ARG D 71 -8.41 -26.57 -44.17
C ARG D 71 -8.21 -26.85 -45.65
N SER D 72 -6.98 -27.17 -46.06
CA SER D 72 -6.73 -27.50 -47.46
C SER D 72 -7.40 -28.81 -47.85
N MET D 73 -7.49 -29.76 -46.91
CA MET D 73 -8.21 -31.00 -47.14
C MET D 73 -9.70 -30.76 -47.39
N PHE D 74 -10.29 -29.83 -46.65
CA PHE D 74 -11.73 -29.59 -46.70
C PHE D 74 -12.13 -28.65 -47.83
N THR D 75 -11.36 -27.59 -48.08
CA THR D 75 -11.73 -26.63 -49.11
C THR D 75 -11.75 -27.30 -50.48
N SER D 76 -10.57 -27.62 -51.01
CA SER D 76 -10.36 -28.61 -52.06
C SER D 76 -11.51 -28.72 -53.05
N ASN D 77 -11.95 -27.60 -53.63
CA ASN D 77 -13.30 -27.54 -54.20
C ASN D 77 -13.42 -28.39 -55.45
N LEU D 78 -13.39 -29.70 -55.27
CA LEU D 78 -13.51 -30.72 -56.32
C LEU D 78 -14.27 -31.90 -55.72
N LYS D 79 -14.18 -33.05 -56.37
CA LYS D 79 -14.91 -34.24 -55.91
C LYS D 79 -14.48 -34.65 -54.51
N GLU D 80 -13.18 -34.59 -54.21
CA GLU D 80 -12.68 -35.08 -52.93
C GLU D 80 -13.08 -34.18 -51.77
N ALA D 81 -13.63 -32.99 -52.02
CA ALA D 81 -14.13 -32.15 -50.93
C ALA D 81 -15.50 -32.60 -50.46
N HIS D 82 -16.45 -32.73 -51.41
CA HIS D 82 -17.81 -33.13 -51.08
C HIS D 82 -17.93 -34.65 -51.16
N ASN D 83 -17.22 -35.31 -50.25
CA ASN D 83 -17.28 -36.76 -50.10
C ASN D 83 -17.84 -37.10 -48.72
N ARG D 84 -18.58 -38.21 -48.65
CA ARG D 84 -19.30 -38.56 -47.44
C ARG D 84 -18.34 -38.86 -46.30
N VAL D 85 -17.48 -39.86 -46.46
CA VAL D 85 -16.58 -40.31 -45.41
C VAL D 85 -15.15 -40.24 -45.94
N ILE D 86 -14.26 -39.62 -45.17
CA ILE D 86 -12.86 -39.53 -45.51
C ILE D 86 -12.08 -40.37 -44.50
N VAL D 87 -11.23 -41.27 -44.99
CA VAL D 87 -10.46 -42.16 -44.13
C VAL D 87 -9.05 -41.61 -43.98
N LEU D 88 -8.49 -41.78 -42.78
CA LEU D 88 -7.12 -41.42 -42.47
C LEU D 88 -6.33 -42.68 -42.12
N GLN D 89 -5.13 -42.80 -42.67
CA GLN D 89 -4.39 -44.05 -42.58
C GLN D 89 -3.08 -43.95 -41.80
N ASP D 90 -2.58 -42.75 -41.51
CA ASP D 90 -1.31 -42.59 -40.82
C ASP D 90 -1.46 -42.32 -39.34
N VAL D 91 -2.68 -42.38 -38.80
CA VAL D 91 -2.94 -42.03 -37.41
C VAL D 91 -3.77 -43.14 -36.77
N SER D 92 -3.38 -43.53 -35.56
CA SER D 92 -4.12 -44.52 -34.80
C SER D 92 -5.39 -43.90 -34.21
N GLU D 93 -6.31 -44.77 -33.79
CA GLU D 93 -7.59 -44.30 -33.26
C GLU D 93 -7.39 -43.50 -31.97
N SER D 94 -6.54 -43.99 -31.07
CA SER D 94 -6.32 -43.28 -29.81
C SER D 94 -5.65 -41.93 -30.04
N VAL D 95 -4.67 -41.88 -30.94
CA VAL D 95 -4.00 -40.62 -31.23
C VAL D 95 -4.96 -39.61 -31.84
N PHE D 96 -5.85 -40.08 -32.73
CA PHE D 96 -6.84 -39.18 -33.30
C PHE D 96 -7.83 -38.71 -32.26
N GLN D 97 -8.19 -39.58 -31.30
CA GLN D 97 -9.05 -39.15 -30.20
C GLN D 97 -8.39 -38.06 -29.38
N LEU D 98 -7.11 -38.23 -29.07
CA LEU D 98 -6.38 -37.19 -28.33
C LEU D 98 -6.31 -35.89 -29.12
N LEU D 99 -6.08 -35.98 -30.43
CA LEU D 99 -5.99 -34.78 -31.25
C LEU D 99 -7.33 -34.06 -31.34
N VAL D 100 -8.43 -34.83 -31.44
CA VAL D 100 -9.76 -34.22 -31.45
C VAL D 100 -10.04 -33.55 -30.12
N ASP D 101 -9.67 -34.19 -29.01
CA ASP D 101 -9.85 -33.58 -27.71
C ASP D 101 -9.06 -32.28 -27.59
N TYR D 102 -7.83 -32.26 -28.10
CA TYR D 102 -7.03 -31.04 -28.08
C TYR D 102 -7.66 -29.95 -28.95
N ILE D 103 -8.15 -30.32 -30.13
CA ILE D 103 -8.72 -29.34 -31.04
C ILE D 103 -9.98 -28.72 -30.46
N TYR D 104 -10.83 -29.53 -29.84
CA TYR D 104 -12.12 -29.03 -29.35
C TYR D 104 -12.05 -28.46 -27.94
N HIS D 105 -11.26 -29.07 -27.04
CA HIS D 105 -11.19 -28.59 -25.67
C HIS D 105 -10.00 -27.68 -25.42
N GLY D 106 -8.89 -27.89 -26.12
CA GLY D 106 -7.68 -27.12 -25.89
C GLY D 106 -6.74 -27.73 -24.87
N THR D 107 -7.13 -28.81 -24.21
CA THR D 107 -6.30 -29.48 -23.24
C THR D 107 -6.19 -30.96 -23.58
N VAL D 108 -5.00 -31.53 -23.38
CA VAL D 108 -4.73 -32.92 -23.70
C VAL D 108 -3.84 -33.50 -22.60
N LYS D 109 -3.87 -34.82 -22.47
CA LYS D 109 -3.10 -35.55 -21.47
C LYS D 109 -1.97 -36.30 -22.19
N LEU D 110 -0.74 -35.83 -22.00
CA LEU D 110 0.41 -36.36 -22.73
C LEU D 110 1.05 -37.51 -21.96
N ARG D 111 1.38 -38.58 -22.68
CA ARG D 111 2.01 -39.76 -22.10
C ARG D 111 3.23 -40.14 -22.92
N ALA D 112 4.21 -40.74 -22.26
CA ALA D 112 5.47 -41.10 -22.92
C ALA D 112 5.33 -42.31 -23.83
N GLU D 113 4.27 -43.10 -23.67
CA GLU D 113 4.10 -44.28 -24.52
C GLU D 113 3.58 -43.91 -25.91
N GLU D 114 2.81 -42.84 -26.02
CA GLU D 114 2.29 -42.38 -27.31
C GLU D 114 2.98 -41.11 -27.79
N LEU D 115 4.13 -40.76 -27.22
CA LEU D 115 4.72 -39.45 -27.47
C LEU D 115 5.16 -39.28 -28.91
N GLN D 116 5.84 -40.28 -29.48
CA GLN D 116 6.35 -40.15 -30.85
C GLN D 116 5.22 -40.09 -31.87
N GLU D 117 4.17 -40.88 -31.67
CA GLU D 117 3.04 -40.86 -32.58
C GLU D 117 2.36 -39.49 -32.58
N ILE D 118 2.13 -38.93 -31.39
CA ILE D 118 1.50 -37.62 -31.29
C ILE D 118 2.40 -36.56 -31.89
N TYR D 119 3.71 -36.68 -31.67
CA TYR D 119 4.67 -35.75 -32.26
C TYR D 119 4.58 -35.75 -33.79
N GLU D 120 4.63 -36.94 -34.39
CA GLU D 120 4.57 -37.05 -35.84
C GLU D 120 3.23 -36.54 -36.40
N VAL D 121 2.12 -36.93 -35.77
CA VAL D 121 0.82 -36.53 -36.30
C VAL D 121 0.59 -35.04 -36.12
N SER D 122 1.08 -34.45 -35.02
CA SER D 122 0.96 -33.01 -34.84
C SER D 122 1.81 -32.26 -35.85
N ASP D 123 2.98 -32.80 -36.20
CA ASP D 123 3.76 -32.19 -37.27
C ASP D 123 3.03 -32.29 -38.61
N MET D 124 2.39 -33.43 -38.86
CA MET D 124 1.71 -33.63 -40.15
C MET D 124 0.48 -32.75 -40.28
N TYR D 125 -0.28 -32.57 -39.20
CA TYR D 125 -1.54 -31.85 -39.23
C TYR D 125 -1.39 -30.36 -38.95
N GLN D 126 -0.16 -29.85 -38.86
CA GLN D 126 0.10 -28.43 -38.63
C GLN D 126 -0.49 -27.95 -37.32
N LEU D 127 -0.40 -28.79 -36.28
CA LEU D 127 -0.81 -28.43 -34.92
C LEU D 127 0.43 -27.90 -34.21
N THR D 128 0.66 -26.60 -34.32
CA THR D 128 1.96 -26.03 -33.98
C THR D 128 2.23 -26.09 -32.47
N SER D 129 1.27 -25.66 -31.64
CA SER D 129 1.51 -25.62 -30.21
C SER D 129 1.62 -27.02 -29.61
N LEU D 130 0.77 -27.94 -30.05
CA LEU D 130 0.89 -29.32 -29.61
C LEU D 130 2.22 -29.92 -30.05
N PHE D 131 2.65 -29.60 -31.27
CA PHE D 131 3.94 -30.09 -31.76
C PHE D 131 5.09 -29.57 -30.90
N GLU D 132 5.05 -28.29 -30.53
CA GLU D 132 6.10 -27.72 -29.70
C GLU D 132 6.13 -28.36 -28.32
N GLU D 133 4.95 -28.56 -27.71
CA GLU D 133 4.91 -29.19 -26.39
C GLU D 133 5.40 -30.63 -26.46
N CYS D 134 5.01 -31.36 -27.50
CA CYS D 134 5.49 -32.73 -27.67
C CYS D 134 6.99 -32.76 -27.88
N SER D 135 7.54 -31.78 -28.60
CA SER D 135 8.98 -31.72 -28.80
C SER D 135 9.71 -31.44 -27.50
N ARG D 136 9.16 -30.56 -26.67
CA ARG D 136 9.76 -30.31 -25.35
C ARG D 136 9.72 -31.54 -24.47
N PHE D 137 8.59 -32.25 -24.47
CA PHE D 137 8.47 -33.50 -23.73
C PHE D 137 9.48 -34.54 -24.24
N LEU D 138 9.61 -34.64 -25.56
CA LEU D 138 10.52 -35.62 -26.16
C LEU D 138 11.97 -35.31 -25.81
N ALA D 139 12.34 -34.03 -25.81
CA ALA D 139 13.70 -33.64 -25.43
C ALA D 139 13.93 -33.81 -23.94
N ARG D 140 12.87 -33.70 -23.12
CA ARG D 140 13.02 -33.87 -21.69
C ARG D 140 13.45 -35.29 -21.34
N THR D 141 12.87 -36.29 -22.01
CA THR D 141 13.03 -37.69 -21.63
C THR D 141 13.93 -38.47 -22.58
N VAL D 142 14.89 -37.81 -23.22
CA VAL D 142 15.81 -38.49 -24.12
C VAL D 142 16.90 -39.18 -23.31
N GLN D 143 17.31 -40.36 -23.77
CA GLN D 143 18.30 -41.17 -23.06
C GLN D 143 19.11 -41.95 -24.09
N VAL D 144 19.94 -42.88 -23.60
CA VAL D 144 20.81 -43.66 -24.48
C VAL D 144 19.98 -44.54 -25.41
N GLY D 145 18.93 -45.18 -24.88
CA GLY D 145 18.17 -46.13 -25.66
C GLY D 145 17.43 -45.54 -26.84
N ASN D 146 17.31 -44.20 -26.89
CA ASN D 146 16.59 -43.57 -28.00
C ASN D 146 17.26 -42.29 -28.49
N CYS D 147 18.51 -42.02 -28.11
CA CYS D 147 19.14 -40.77 -28.52
C CYS D 147 19.32 -40.71 -30.04
N LEU D 148 19.82 -41.79 -30.63
CA LEU D 148 19.99 -41.82 -32.09
C LEU D 148 18.64 -41.86 -32.80
N GLN D 149 17.70 -42.64 -32.26
CA GLN D 149 16.37 -42.71 -32.88
C GLN D 149 15.66 -41.36 -32.81
N VAL D 150 15.78 -40.66 -31.69
CA VAL D 150 15.16 -39.34 -31.57
C VAL D 150 15.88 -38.33 -32.46
N MET D 151 17.21 -38.44 -32.57
CA MET D 151 17.96 -37.55 -33.46
C MET D 151 17.54 -37.72 -34.90
N TRP D 152 17.37 -38.97 -35.34
CA TRP D 152 16.90 -39.22 -36.70
C TRP D 152 15.44 -38.78 -36.86
N LEU D 153 14.66 -38.92 -35.80
CA LEU D 153 13.27 -38.46 -35.82
C LEU D 153 13.18 -36.95 -35.98
N ALA D 154 14.03 -36.21 -35.27
CA ALA D 154 14.03 -34.76 -35.40
C ALA D 154 14.66 -34.29 -36.70
N ASP D 155 15.37 -35.17 -37.40
CA ASP D 155 15.94 -34.80 -38.69
C ASP D 155 14.86 -34.71 -39.77
N ARG D 156 13.91 -35.66 -39.77
CA ARG D 156 12.85 -35.66 -40.76
C ARG D 156 11.85 -34.53 -40.54
N HIS D 157 11.67 -34.08 -39.30
CA HIS D 157 10.69 -33.06 -38.98
C HIS D 157 11.30 -31.67 -38.81
N SER D 158 12.61 -31.54 -39.00
CA SER D 158 13.30 -30.24 -38.98
C SER D 158 13.06 -29.50 -37.67
N ASP D 159 13.47 -30.14 -36.58
CA ASP D 159 13.34 -29.57 -35.24
C ASP D 159 14.72 -29.27 -34.68
N PRO D 160 15.14 -28.00 -34.61
CA PRO D 160 16.49 -27.69 -34.13
C PRO D 160 16.71 -28.04 -32.66
N GLU D 161 15.76 -27.68 -31.79
CA GLU D 161 15.95 -27.85 -30.35
C GLU D 161 16.03 -29.32 -29.97
N LEU D 162 15.10 -30.14 -30.47
CA LEU D 162 15.13 -31.56 -30.18
C LEU D 162 16.37 -32.21 -30.78
N TYR D 163 16.78 -31.76 -31.96
CA TYR D 163 17.99 -32.27 -32.59
C TYR D 163 19.21 -31.99 -31.72
N THR D 164 19.34 -30.76 -31.19
CA THR D 164 20.47 -30.45 -30.33
C THR D 164 20.43 -31.25 -29.03
N ALA D 165 19.23 -31.43 -28.46
CA ALA D 165 19.12 -32.21 -27.23
C ALA D 165 19.57 -33.65 -27.43
N ALA D 166 19.05 -34.30 -28.48
CA ALA D 166 19.45 -35.67 -28.76
C ALA D 166 20.92 -35.76 -29.13
N LYS D 167 21.45 -34.76 -29.84
CA LYS D 167 22.86 -34.73 -30.20
C LYS D 167 23.74 -34.64 -28.96
N HIS D 168 23.38 -33.78 -28.02
CA HIS D 168 24.13 -33.69 -26.77
C HIS D 168 24.06 -34.99 -25.98
N CYS D 169 22.88 -35.62 -25.94
CA CYS D 169 22.74 -36.89 -25.23
C CYS D 169 23.62 -37.96 -25.86
N ALA D 170 23.66 -38.02 -27.20
CA ALA D 170 24.47 -39.03 -27.87
C ALA D 170 25.96 -38.73 -27.75
N LYS D 171 26.35 -37.45 -27.74
CA LYS D 171 27.76 -37.10 -27.63
C LYS D 171 28.29 -37.36 -26.23
N THR D 172 27.49 -37.09 -25.20
CA THR D 172 27.93 -37.33 -23.83
C THR D 172 28.17 -38.80 -23.55
N HIS D 173 27.40 -39.68 -24.18
CA HIS D 173 27.50 -41.12 -23.96
C HIS D 173 27.97 -41.84 -25.23
N LEU D 174 28.97 -41.27 -25.89
CA LEU D 174 29.46 -41.85 -27.14
C LEU D 174 30.08 -43.22 -26.93
N ALA D 175 30.70 -43.46 -25.77
CA ALA D 175 31.39 -44.72 -25.53
C ALA D 175 30.44 -45.90 -25.61
N GLN D 176 29.25 -45.78 -25.04
CA GLN D 176 28.28 -46.88 -25.09
C GLN D 176 27.70 -47.04 -26.49
N LEU D 177 27.57 -45.94 -27.24
CA LEU D 177 27.01 -46.00 -28.59
C LEU D 177 28.03 -46.41 -29.64
N GLN D 178 29.32 -46.45 -29.29
CA GLN D 178 30.34 -46.73 -30.29
C GLN D 178 30.19 -48.14 -30.86
N ASN D 179 29.89 -49.11 -30.02
CA ASN D 179 29.79 -50.51 -30.44
C ASN D 179 28.37 -50.95 -30.76
N THR D 180 27.38 -50.07 -30.65
CA THR D 180 26.00 -50.46 -30.89
C THR D 180 25.74 -50.61 -32.40
N GLU D 181 24.66 -51.33 -32.71
CA GLU D 181 24.35 -51.64 -34.10
C GLU D 181 23.81 -50.42 -34.86
N GLU D 182 22.95 -49.63 -34.20
CA GLU D 182 22.32 -48.50 -34.88
C GLU D 182 23.35 -47.46 -35.29
N PHE D 183 24.36 -47.23 -34.45
CA PHE D 183 25.40 -46.25 -34.77
C PHE D 183 26.23 -46.65 -35.97
N LEU D 184 26.32 -47.95 -36.28
CA LEU D 184 27.14 -48.39 -37.40
C LEU D 184 26.59 -47.88 -38.73
N HIS D 185 25.27 -47.90 -38.90
CA HIS D 185 24.63 -47.41 -40.13
C HIS D 185 24.24 -45.94 -40.04
N LEU D 186 24.90 -45.16 -39.20
CA LEU D 186 24.60 -43.74 -39.11
C LEU D 186 25.01 -43.03 -40.40
N PRO D 187 24.25 -42.03 -40.84
CA PRO D 187 24.68 -41.25 -42.00
C PRO D 187 25.93 -40.44 -41.70
N HIS D 188 26.66 -40.11 -42.77
CA HIS D 188 27.90 -39.35 -42.60
C HIS D 188 27.63 -37.96 -42.01
N ARG D 189 26.57 -37.30 -42.45
CA ARG D 189 26.24 -35.98 -41.93
C ARG D 189 25.89 -36.04 -40.46
N LEU D 190 25.12 -37.06 -40.05
CA LEU D 190 24.77 -37.21 -38.64
C LEU D 190 26.01 -37.45 -37.79
N LEU D 191 26.93 -38.30 -38.25
CA LEU D 191 28.15 -38.56 -37.51
C LEU D 191 29.01 -37.31 -37.42
N THR D 192 29.08 -36.54 -38.50
CA THR D 192 29.83 -35.28 -38.47
C THR D 192 29.21 -34.30 -37.47
N ASP D 193 27.88 -34.25 -37.42
CA ASP D 193 27.21 -33.38 -36.46
C ASP D 193 27.49 -33.82 -35.03
N ILE D 194 27.54 -35.14 -34.80
CA ILE D 194 27.82 -35.66 -33.46
C ILE D 194 29.25 -35.32 -33.04
N ILE D 195 30.22 -35.60 -33.92
CA ILE D 195 31.62 -35.44 -33.56
C ILE D 195 32.00 -33.97 -33.46
N SER D 196 31.54 -33.14 -34.40
CA SER D 196 31.98 -31.75 -34.46
C SER D 196 31.49 -30.93 -33.27
N ASP D 197 30.51 -31.42 -32.52
CA ASP D 197 30.01 -30.67 -31.38
C ASP D 197 31.04 -30.58 -30.26
N GLY D 198 31.85 -31.62 -30.09
CA GLY D 198 32.84 -31.65 -29.04
C GLY D 198 32.50 -32.66 -27.96
N VAL D 199 33.14 -33.82 -28.01
CA VAL D 199 32.83 -34.91 -27.10
C VAL D 199 33.83 -34.93 -25.94
N PRO D 200 33.48 -35.47 -24.79
CA PRO D 200 34.46 -35.59 -23.71
C PRO D 200 35.57 -36.59 -24.07
N CYS D 201 36.73 -36.38 -23.44
CA CYS D 201 37.89 -37.22 -23.72
C CYS D 201 37.70 -38.66 -23.27
N SER D 202 36.77 -38.90 -22.35
CA SER D 202 36.55 -40.26 -21.86
C SER D 202 35.80 -41.13 -22.86
N GLN D 203 35.14 -40.53 -23.86
CA GLN D 203 34.39 -41.29 -24.84
C GLN D 203 35.27 -41.96 -25.87
N ASN D 204 36.50 -41.47 -26.06
CA ASN D 204 37.42 -41.98 -27.08
C ASN D 204 36.77 -41.89 -28.45
N PRO D 205 36.56 -40.68 -28.99
CA PRO D 205 35.94 -40.57 -30.32
C PRO D 205 36.78 -41.19 -31.42
N THR D 206 38.10 -41.26 -31.25
CA THR D 206 38.96 -41.84 -32.28
C THR D 206 38.62 -43.30 -32.52
N GLU D 207 38.40 -44.07 -31.45
CA GLU D 207 38.01 -45.46 -31.61
C GLU D 207 36.66 -45.58 -32.30
N ALA D 208 35.72 -44.67 -31.99
CA ALA D 208 34.40 -44.72 -32.60
C ALA D 208 34.48 -44.46 -34.09
N ILE D 209 35.23 -43.42 -34.50
CA ILE D 209 35.34 -43.13 -35.92
C ILE D 209 36.12 -44.23 -36.63
N GLU D 210 37.11 -44.83 -35.96
CA GLU D 210 37.82 -45.96 -36.56
C GLU D 210 36.90 -47.14 -36.80
N ALA D 211 36.03 -47.45 -35.82
CA ALA D 211 35.08 -48.53 -36.00
C ALA D 211 34.09 -48.23 -37.12
N TRP D 212 33.63 -46.97 -37.19
CA TRP D 212 32.70 -46.60 -38.26
C TRP D 212 33.36 -46.75 -39.63
N ILE D 213 34.63 -46.34 -39.75
CA ILE D 213 35.35 -46.51 -41.02
C ILE D 213 35.53 -48.00 -41.32
N ASN D 214 35.86 -48.79 -40.31
CA ASN D 214 36.08 -50.23 -40.52
C ASN D 214 34.80 -50.96 -40.89
N PHE D 215 33.64 -50.40 -40.53
CA PHE D 215 32.38 -51.04 -40.92
C PHE D 215 32.25 -51.12 -42.45
N ASN D 216 32.59 -50.03 -43.14
CA ASN D 216 32.56 -49.98 -44.60
C ASN D 216 33.76 -49.15 -45.05
N LYS D 217 34.88 -49.82 -45.31
CA LYS D 217 36.11 -49.13 -45.70
C LYS D 217 36.11 -48.70 -47.16
N GLU D 218 35.24 -49.28 -47.99
CA GLU D 218 35.29 -49.01 -49.42
C GLU D 218 34.79 -47.60 -49.75
N GLU D 219 33.65 -47.21 -49.16
CA GLU D 219 33.03 -45.94 -49.50
C GLU D 219 33.26 -44.85 -48.47
N ARG D 220 33.56 -45.19 -47.22
CA ARG D 220 33.78 -44.21 -46.17
C ARG D 220 35.25 -43.84 -46.01
N GLU D 221 36.13 -44.39 -46.84
CA GLU D 221 37.56 -44.08 -46.71
C GLU D 221 37.83 -42.61 -47.00
N ALA D 222 37.17 -42.05 -48.02
CA ALA D 222 37.36 -40.65 -48.36
C ALA D 222 36.87 -39.71 -47.27
N PHE D 223 35.93 -40.16 -46.43
CA PHE D 223 35.42 -39.33 -45.35
C PHE D 223 36.32 -39.34 -44.11
N ALA D 224 37.37 -40.16 -44.10
CA ALA D 224 38.18 -40.31 -42.90
C ALA D 224 38.87 -39.01 -42.53
N GLU D 225 39.44 -38.30 -43.50
CA GLU D 225 40.19 -37.09 -43.21
C GLU D 225 39.30 -36.02 -42.61
N SER D 226 38.07 -35.88 -43.12
CA SER D 226 37.17 -34.84 -42.64
C SER D 226 36.83 -35.05 -41.17
N LEU D 227 36.61 -36.30 -40.75
CA LEU D 227 36.31 -36.57 -39.35
C LEU D 227 37.48 -36.21 -38.46
N ARG D 228 38.71 -36.53 -38.86
CA ARG D 228 39.87 -36.17 -38.06
C ARG D 228 40.04 -34.66 -37.97
N THR D 229 39.83 -33.95 -39.09
CA THR D 229 39.96 -32.50 -39.06
C THR D 229 38.89 -31.84 -38.21
N SER D 230 37.66 -32.36 -38.24
CA SER D 230 36.54 -31.77 -37.52
C SER D 230 36.38 -32.32 -36.11
N LEU D 231 37.23 -33.24 -35.68
CA LEU D 231 37.13 -33.83 -34.35
C LEU D 231 37.77 -32.88 -33.35
N LYS D 232 36.93 -32.15 -32.63
CA LYS D 232 37.39 -31.25 -31.57
C LYS D 232 36.93 -31.80 -30.22
N GLU D 233 37.82 -31.73 -29.23
CA GLU D 233 37.53 -32.22 -27.89
C GLU D 233 37.54 -31.07 -26.89
N ILE D 234 36.89 -31.31 -25.75
CA ILE D 234 36.74 -30.30 -24.70
C ILE D 234 37.11 -30.92 -23.37
N GLY D 235 37.27 -30.07 -22.37
CA GLY D 235 37.58 -30.51 -21.02
C GLY D 235 36.34 -30.91 -20.24
N GLU D 236 36.55 -31.15 -18.95
CA GLU D 236 35.48 -31.60 -18.06
C GLU D 236 34.82 -30.39 -17.42
N ASN D 237 33.54 -30.19 -17.71
CA ASN D 237 32.76 -29.10 -17.13
C ASN D 237 31.56 -29.57 -16.34
N VAL D 238 31.24 -30.87 -16.36
CA VAL D 238 30.16 -31.42 -15.54
C VAL D 238 30.71 -31.54 -14.12
N HIS D 239 30.40 -30.54 -13.28
CA HIS D 239 31.03 -30.43 -11.98
C HIS D 239 29.97 -30.11 -10.92
N ILE D 240 30.27 -30.54 -9.69
CA ILE D 240 29.50 -30.17 -8.52
C ILE D 240 30.49 -29.60 -7.51
N TYR D 241 30.33 -28.32 -7.15
CA TYR D 241 31.20 -27.65 -6.20
C TYR D 241 30.48 -27.54 -4.87
N LEU D 242 30.83 -28.40 -3.93
CA LEU D 242 30.30 -28.31 -2.57
C LEU D 242 31.42 -27.94 -1.61
N ILE D 243 31.17 -26.92 -0.79
CA ILE D 243 32.11 -26.48 0.23
C ILE D 243 31.46 -26.69 1.59
N GLY D 244 32.30 -26.83 2.61
CA GLY D 244 31.77 -27.09 3.94
C GLY D 244 32.84 -26.95 4.99
N LYS D 245 32.39 -27.02 6.24
CA LYS D 245 33.26 -26.88 7.41
C LYS D 245 33.31 -28.21 8.15
N GLU D 246 34.52 -28.70 8.40
CA GLU D 246 34.67 -29.90 9.21
C GLU D 246 34.38 -29.60 10.67
N SER D 247 34.02 -30.65 11.41
CA SER D 247 33.66 -30.48 12.82
C SER D 247 34.84 -29.96 13.64
N SER D 248 36.03 -30.51 13.40
CA SER D 248 37.21 -30.17 14.18
C SER D 248 38.10 -29.12 13.52
N ARG D 249 37.71 -28.60 12.35
CA ARG D 249 38.51 -27.62 11.62
C ARG D 249 37.66 -26.39 11.32
N THR D 250 38.27 -25.22 11.47
CA THR D 250 37.59 -23.95 11.25
C THR D 250 37.84 -23.38 9.86
N HIS D 251 38.45 -24.15 8.97
CA HIS D 251 38.73 -23.71 7.61
C HIS D 251 37.77 -24.38 6.64
N SER D 252 37.10 -23.58 5.82
CA SER D 252 36.20 -24.12 4.82
C SER D 252 36.99 -24.78 3.71
N LEU D 253 36.57 -25.98 3.31
CA LEU D 253 37.24 -26.75 2.26
C LEU D 253 36.28 -26.92 1.09
N ALA D 254 36.72 -26.52 -0.10
CA ALA D 254 35.92 -26.59 -1.31
C ALA D 254 36.30 -27.84 -2.10
N VAL D 255 35.34 -28.72 -2.31
CA VAL D 255 35.55 -30.00 -2.98
C VAL D 255 34.92 -29.94 -4.36
N SER D 256 35.70 -30.30 -5.38
CA SER D 256 35.21 -30.36 -6.75
C SER D 256 34.97 -31.81 -7.15
N LEU D 257 33.81 -32.08 -7.74
CA LEU D 257 33.42 -33.43 -8.11
C LEU D 257 33.19 -33.52 -9.61
N HIS D 258 33.57 -34.66 -10.19
CA HIS D 258 33.27 -34.99 -11.57
C HIS D 258 32.48 -36.28 -11.59
N CYS D 259 31.29 -36.24 -12.22
CA CYS D 259 30.43 -37.41 -12.31
C CYS D 259 30.25 -37.75 -13.78
N ALA D 260 30.66 -38.96 -14.16
CA ALA D 260 30.62 -39.39 -15.54
C ALA D 260 29.26 -40.00 -15.87
N GLU D 261 29.10 -40.44 -17.12
CA GLU D 261 27.86 -41.03 -17.59
C GLU D 261 27.61 -42.41 -17.02
N ASP D 262 28.58 -43.01 -16.34
CA ASP D 262 28.45 -44.35 -15.78
C ASP D 262 27.74 -44.37 -14.43
N ASP D 263 26.98 -43.31 -14.12
CA ASP D 263 26.19 -43.22 -12.89
C ASP D 263 27.07 -43.30 -11.63
N SER D 264 28.30 -42.81 -11.73
CA SER D 264 29.23 -42.80 -10.61
C SER D 264 29.78 -41.40 -10.42
N ILE D 265 29.81 -40.95 -9.16
CA ILE D 265 30.32 -39.63 -8.80
C ILE D 265 31.55 -39.82 -7.92
N SER D 266 32.58 -38.99 -8.16
CA SER D 266 33.83 -39.12 -7.44
C SER D 266 34.47 -37.76 -7.28
N VAL D 267 35.41 -37.68 -6.34
CA VAL D 267 36.09 -36.42 -6.03
C VAL D 267 37.14 -36.14 -7.09
N SER D 268 37.12 -34.92 -7.63
CA SER D 268 38.12 -34.49 -8.60
C SER D 268 39.23 -33.64 -7.98
N GLY D 269 39.03 -33.11 -6.78
CA GLY D 269 40.03 -32.30 -6.13
C GLY D 269 39.46 -31.56 -4.96
N GLN D 270 40.37 -31.03 -4.13
CA GLN D 270 39.98 -30.28 -2.95
C GLN D 270 40.78 -29.00 -2.87
N ASN D 271 40.20 -27.99 -2.24
CA ASN D 271 40.85 -26.70 -2.02
C ASN D 271 40.45 -26.18 -0.65
N SER D 272 41.35 -25.45 -0.02
CA SER D 272 41.16 -24.97 1.34
C SER D 272 41.10 -23.45 1.35
N LEU D 273 40.10 -22.90 2.02
CA LEU D 273 39.93 -21.45 2.16
C LEU D 273 39.74 -21.11 3.62
N CYS D 274 40.40 -20.03 4.05
CA CYS D 274 40.42 -19.64 5.46
C CYS D 274 39.53 -18.44 5.75
N HIS D 275 38.58 -18.13 4.87
CA HIS D 275 37.71 -16.98 5.03
C HIS D 275 36.27 -17.43 5.20
N GLN D 276 35.56 -16.78 6.13
CA GLN D 276 34.14 -17.03 6.30
C GLN D 276 33.39 -16.56 5.05
N ILE D 277 32.48 -17.40 4.58
CA ILE D 277 31.83 -17.21 3.28
C ILE D 277 30.34 -17.00 3.49
N THR D 278 29.82 -15.91 2.91
CA THR D 278 28.40 -15.61 2.98
C THR D 278 27.64 -15.95 1.71
N ALA D 279 28.33 -16.07 0.58
CA ALA D 279 27.69 -16.45 -0.68
C ALA D 279 28.74 -17.06 -1.60
N ALA D 280 28.27 -17.83 -2.57
CA ALA D 280 29.14 -18.47 -3.54
C ALA D 280 28.33 -18.81 -4.77
N CYS D 281 29.03 -19.05 -5.87
CA CYS D 281 28.38 -19.34 -7.14
C CYS D 281 29.34 -20.13 -8.01
N LYS D 282 28.77 -20.87 -8.96
CA LYS D 282 29.54 -21.64 -9.93
C LYS D 282 29.25 -21.09 -11.32
N HIS D 283 30.21 -20.37 -11.87
CA HIS D 283 30.12 -19.82 -13.22
C HIS D 283 31.09 -20.57 -14.10
N GLY D 284 30.58 -21.14 -15.19
CA GLY D 284 31.42 -21.93 -16.07
C GLY D 284 32.01 -23.11 -15.32
N GLY D 285 33.33 -23.24 -15.39
CA GLY D 285 34.01 -24.34 -14.72
C GLY D 285 34.76 -23.92 -13.47
N ASP D 286 34.85 -22.63 -13.20
CA ASP D 286 35.60 -22.11 -12.07
C ASP D 286 34.66 -21.58 -10.99
N LEU D 287 35.19 -21.47 -9.78
CA LEU D 287 34.42 -21.12 -8.60
C LEU D 287 34.52 -19.63 -8.32
N TYR D 288 33.38 -19.02 -7.99
CA TYR D 288 33.31 -17.63 -7.57
C TYR D 288 32.76 -17.58 -6.16
N VAL D 289 33.47 -16.90 -5.26
CA VAL D 289 33.16 -16.90 -3.85
C VAL D 289 33.10 -15.45 -3.36
N VAL D 290 32.06 -15.12 -2.60
CA VAL D 290 31.90 -13.80 -2.00
C VAL D 290 32.06 -13.95 -0.49
N GLY D 291 32.97 -13.17 0.09
CA GLY D 291 33.21 -13.24 1.52
C GLY D 291 33.54 -11.91 2.14
N GLY D 292 34.39 -11.93 3.17
CA GLY D 292 34.75 -10.70 3.86
C GLY D 292 34.55 -10.80 5.35
N SER D 293 35.14 -9.86 6.10
CA SER D 293 35.02 -9.84 7.55
C SER D 293 34.06 -8.75 7.99
N ILE D 294 33.41 -9.00 9.12
CA ILE D 294 32.45 -8.02 9.66
C ILE D 294 33.21 -6.74 10.02
N PRO D 295 32.69 -5.55 9.71
CA PRO D 295 31.45 -5.27 8.98
C PRO D 295 31.67 -4.91 7.51
N ARG D 296 32.56 -5.61 6.80
CA ARG D 296 32.86 -5.32 5.40
C ARG D 296 32.81 -6.62 4.61
N PRO D 297 31.62 -7.21 4.44
CA PRO D 297 31.50 -8.51 3.75
C PRO D 297 31.25 -8.35 2.25
N ARG D 298 32.24 -7.81 1.54
CA ARG D 298 32.12 -7.60 0.10
C ARG D 298 33.42 -7.94 -0.61
N ARG D 299 34.20 -8.86 -0.03
CA ARG D 299 35.49 -9.24 -0.60
C ARG D 299 35.27 -10.38 -1.58
N MET D 300 35.19 -10.04 -2.86
CA MET D 300 35.07 -11.05 -3.90
C MET D 300 36.41 -11.73 -4.10
N TRP D 301 36.39 -13.05 -4.31
CA TRP D 301 37.62 -13.85 -4.29
C TRP D 301 38.22 -13.94 -5.68
N LYS D 302 39.50 -13.57 -5.78
CA LYS D 302 40.29 -13.71 -7.00
C LYS D 302 41.57 -14.51 -6.81
N CYS D 303 41.94 -14.85 -5.57
CA CYS D 303 43.23 -15.46 -5.27
C CYS D 303 43.03 -16.83 -4.65
N ASN D 304 43.74 -17.81 -5.19
CA ASN D 304 43.82 -19.16 -4.64
C ASN D 304 44.92 -19.90 -5.41
N ASN D 305 45.13 -21.17 -5.08
CA ASN D 305 46.15 -21.96 -5.75
C ASN D 305 45.73 -22.42 -7.14
N ALA D 306 44.46 -22.22 -7.51
CA ALA D 306 43.98 -22.60 -8.83
C ALA D 306 44.00 -21.46 -9.83
N THR D 307 44.03 -20.21 -9.35
CA THR D 307 44.06 -19.05 -10.23
C THR D 307 45.38 -18.28 -10.18
N VAL D 308 46.19 -18.51 -9.14
CA VAL D 308 47.50 -17.88 -8.91
C VAL D 308 47.53 -16.42 -9.37
N ASP D 309 46.54 -15.64 -8.95
CA ASP D 309 46.46 -14.23 -9.30
C ASP D 309 45.95 -13.44 -8.09
N TRP D 310 46.22 -12.14 -8.10
CA TRP D 310 45.81 -11.28 -7.01
C TRP D 310 45.28 -9.94 -7.51
N GLU D 311 44.65 -9.92 -8.68
CA GLU D 311 44.27 -8.66 -9.32
C GLU D 311 42.89 -8.18 -8.88
N TRP D 312 42.65 -8.16 -7.57
CA TRP D 312 41.54 -7.46 -6.95
C TRP D 312 40.21 -7.60 -7.69
N CYS D 313 39.65 -8.82 -7.75
CA CYS D 313 38.32 -9.01 -8.32
C CYS D 313 37.36 -8.01 -7.71
N ALA D 314 36.66 -7.27 -8.58
CA ALA D 314 35.87 -6.11 -8.21
C ALA D 314 34.96 -6.40 -7.02
N PRO D 315 35.21 -5.79 -5.87
CA PRO D 315 34.35 -6.01 -4.70
C PRO D 315 32.95 -5.48 -4.95
N LEU D 316 31.98 -6.10 -4.27
CA LEU D 316 30.61 -5.68 -4.41
C LEU D 316 30.44 -4.25 -3.90
N PRO D 317 29.72 -3.39 -4.61
CA PRO D 317 29.50 -2.02 -4.13
C PRO D 317 28.45 -1.89 -3.05
N ARG D 318 27.91 -2.99 -2.56
CA ARG D 318 26.91 -2.97 -1.49
C ARG D 318 27.27 -4.02 -0.45
N ASP D 319 27.10 -3.67 0.82
CA ASP D 319 27.38 -4.57 1.94
C ASP D 319 26.06 -5.24 2.32
N ARG D 320 25.87 -6.47 1.86
CA ARG D 320 24.65 -7.22 2.11
C ARG D 320 24.98 -8.62 2.56
N LEU D 321 24.03 -9.24 3.26
CA LEU D 321 24.14 -10.61 3.73
C LEU D 321 22.96 -11.42 3.19
N GLN D 322 23.19 -12.73 3.04
CA GLN D 322 22.18 -13.67 2.55
C GLN D 322 21.67 -13.28 1.17
N HIS D 323 22.53 -12.69 0.34
CA HIS D 323 22.17 -12.38 -1.02
C HIS D 323 22.35 -13.60 -1.92
N THR D 324 21.76 -13.53 -3.11
CA THR D 324 21.74 -14.65 -4.04
C THR D 324 22.71 -14.40 -5.18
N LEU D 325 23.62 -15.34 -5.40
CA LEU D 325 24.57 -15.28 -6.51
C LEU D 325 24.12 -16.27 -7.58
N VAL D 326 23.65 -15.74 -8.71
CA VAL D 326 23.18 -16.54 -9.82
C VAL D 326 24.01 -16.19 -11.05
N SER D 327 24.54 -17.20 -11.71
CA SER D 327 25.38 -17.01 -12.89
C SER D 327 24.55 -17.12 -14.15
N VAL D 328 24.72 -16.17 -15.06
CA VAL D 328 24.03 -16.17 -16.35
C VAL D 328 25.09 -16.32 -17.44
N PRO D 329 25.37 -17.53 -17.91
CA PRO D 329 26.43 -17.70 -18.92
C PRO D 329 26.10 -17.03 -20.25
N GLY D 330 24.83 -16.73 -20.51
CA GLY D 330 24.49 -16.04 -21.76
C GLY D 330 25.12 -14.66 -21.85
N LYS D 331 25.12 -13.92 -20.75
CA LYS D 331 25.71 -12.60 -20.71
C LYS D 331 27.07 -12.60 -20.01
N ASP D 332 27.58 -13.77 -19.63
CA ASP D 332 28.85 -13.89 -18.90
C ASP D 332 28.84 -13.01 -17.65
N ALA D 333 27.72 -13.02 -16.93
CA ALA D 333 27.51 -12.15 -15.79
C ALA D 333 27.09 -12.98 -14.57
N ILE D 334 27.37 -12.45 -13.39
CA ILE D 334 26.94 -13.02 -12.12
C ILE D 334 26.07 -11.99 -11.43
N TYR D 335 24.83 -12.36 -11.15
CA TYR D 335 23.86 -11.45 -10.55
C TYR D 335 23.80 -11.66 -9.05
N SER D 336 23.84 -10.56 -8.30
CA SER D 336 23.67 -10.58 -6.84
C SER D 336 22.34 -9.90 -6.53
N LEU D 337 21.33 -10.70 -6.23
CA LEU D 337 19.97 -10.22 -6.05
C LEU D 337 19.56 -10.31 -4.58
N GLY D 338 18.74 -9.35 -4.16
CA GLY D 338 18.18 -9.34 -2.83
C GLY D 338 19.25 -9.21 -1.76
N GLY D 339 18.98 -9.78 -0.60
CA GLY D 339 19.90 -9.77 0.51
C GLY D 339 19.33 -9.01 1.70
N LYS D 340 20.13 -8.99 2.77
CA LYS D 340 19.80 -8.28 3.99
C LYS D 340 20.99 -7.43 4.39
N THR D 341 20.75 -6.15 4.65
CA THR D 341 21.82 -5.22 4.98
C THR D 341 22.12 -5.25 6.47
N LEU D 342 23.24 -4.63 6.84
CA LEU D 342 23.69 -4.65 8.23
C LEU D 342 22.76 -3.88 9.16
N GLN D 343 21.88 -3.04 8.62
CA GLN D 343 20.90 -2.30 9.42
C GLN D 343 19.65 -3.11 9.71
N ASP D 344 19.72 -4.44 9.53
CA ASP D 344 18.58 -5.33 9.80
C ASP D 344 17.35 -4.95 8.99
N THR D 345 17.56 -4.52 7.74
CA THR D 345 16.47 -4.25 6.82
C THR D 345 16.73 -5.01 5.53
N LEU D 346 15.66 -5.61 4.99
CA LEU D 346 15.77 -6.37 3.76
C LEU D 346 16.03 -5.44 2.58
N SER D 347 16.74 -5.96 1.58
CA SER D 347 17.17 -5.17 0.44
C SER D 347 16.58 -5.75 -0.84
N ASN D 348 16.27 -4.87 -1.79
CA ASN D 348 15.78 -5.27 -3.10
C ASN D 348 16.72 -4.77 -4.20
N ALA D 349 18.02 -4.74 -3.93
CA ALA D 349 18.99 -4.27 -4.90
C ALA D 349 19.50 -5.43 -5.73
N VAL D 350 19.56 -5.21 -7.05
CA VAL D 350 20.09 -6.20 -7.99
C VAL D 350 21.28 -5.59 -8.70
N ILE D 351 22.42 -6.30 -8.67
CA ILE D 351 23.62 -5.91 -9.36
C ILE D 351 24.17 -7.11 -10.11
N TYR D 352 24.94 -6.84 -11.16
CA TYR D 352 25.55 -7.91 -11.95
C TYR D 352 27.02 -7.60 -12.18
N TYR D 353 27.78 -8.65 -12.45
CA TYR D 353 29.24 -8.57 -12.56
C TYR D 353 29.66 -9.23 -13.86
N ARG D 354 30.17 -8.44 -14.81
CA ARG D 354 30.64 -8.99 -16.07
C ARG D 354 32.07 -9.52 -15.90
N VAL D 355 32.27 -10.78 -16.28
CA VAL D 355 33.57 -11.41 -16.06
C VAL D 355 34.66 -10.74 -16.89
N GLY D 356 34.36 -10.41 -18.15
CA GLY D 356 35.34 -9.74 -18.99
C GLY D 356 35.54 -8.30 -18.64
N ASP D 357 34.48 -7.62 -18.19
CA ASP D 357 34.57 -6.21 -17.82
C ASP D 357 35.10 -6.00 -16.41
N ASN D 358 34.86 -6.95 -15.51
CA ASN D 358 35.30 -6.86 -14.12
C ASN D 358 34.77 -5.60 -13.44
N VAL D 359 33.52 -5.26 -13.74
CA VAL D 359 32.86 -4.08 -13.18
C VAL D 359 31.47 -4.48 -12.69
N TRP D 360 31.13 -4.07 -11.48
CA TRP D 360 29.80 -4.30 -10.92
C TRP D 360 28.87 -3.16 -11.33
N THR D 361 27.70 -3.50 -11.86
CA THR D 361 26.75 -2.51 -12.36
C THR D 361 25.39 -2.74 -11.70
N GLU D 362 24.76 -1.65 -11.27
CA GLU D 362 23.44 -1.75 -10.67
C GLU D 362 22.38 -1.98 -11.75
N THR D 363 21.25 -2.53 -11.32
CA THR D 363 20.15 -2.86 -12.22
C THR D 363 18.84 -2.56 -11.48
N THR D 364 17.71 -2.76 -12.17
CA THR D 364 16.42 -2.45 -11.59
C THR D 364 16.15 -3.30 -10.36
N GLN D 365 15.40 -2.74 -9.42
CA GLN D 365 15.12 -3.40 -8.16
C GLN D 365 14.06 -4.49 -8.33
N LEU D 366 13.98 -5.35 -7.32
CA LEU D 366 12.93 -6.36 -7.26
C LEU D 366 11.63 -5.74 -6.77
N GLU D 367 10.52 -6.43 -7.04
CA GLU D 367 9.22 -5.95 -6.58
C GLU D 367 9.11 -6.02 -5.06
N VAL D 368 9.67 -7.07 -4.45
CA VAL D 368 9.71 -7.21 -3.00
C VAL D 368 11.15 -7.46 -2.58
N ALA D 369 11.42 -7.17 -1.30
CA ALA D 369 12.75 -7.34 -0.73
C ALA D 369 12.79 -8.66 0.03
N VAL D 370 13.72 -9.53 -0.37
CA VAL D 370 13.85 -10.86 0.23
C VAL D 370 15.33 -11.15 0.49
N SER D 371 15.57 -12.09 1.39
CA SER D 371 16.91 -12.59 1.67
C SER D 371 16.85 -14.09 1.87
N GLY D 372 17.93 -14.77 1.49
CA GLY D 372 17.97 -16.22 1.58
C GLY D 372 17.17 -16.94 0.52
N ALA D 373 16.74 -16.25 -0.53
CA ALA D 373 15.93 -16.88 -1.56
C ALA D 373 16.81 -17.72 -2.48
N ALA D 374 16.29 -18.87 -2.89
CA ALA D 374 16.98 -19.72 -3.84
C ALA D 374 16.93 -19.10 -5.23
N GLY D 375 18.01 -19.25 -5.98
CA GLY D 375 18.12 -18.67 -7.31
C GLY D 375 18.32 -19.76 -8.36
N ALA D 376 17.72 -19.55 -9.52
CA ALA D 376 17.83 -20.50 -10.62
C ALA D 376 17.75 -19.73 -11.93
N ASN D 377 18.60 -20.12 -12.88
CA ASN D 377 18.63 -19.51 -14.21
C ASN D 377 18.04 -20.49 -15.22
N LEU D 378 17.01 -20.04 -15.93
CA LEU D 378 16.33 -20.85 -16.94
C LEU D 378 16.31 -20.08 -18.26
N ASN D 379 17.33 -20.28 -19.08
CA ASN D 379 17.44 -19.66 -20.41
C ASN D 379 17.36 -18.14 -20.31
N GLY D 380 18.14 -17.58 -19.40
CA GLY D 380 18.24 -16.13 -19.27
C GLY D 380 17.21 -15.49 -18.38
N ILE D 381 16.41 -16.26 -17.65
CA ILE D 381 15.44 -15.72 -16.70
C ILE D 381 15.77 -16.29 -15.33
N ILE D 382 15.91 -15.39 -14.35
CA ILE D 382 16.32 -15.75 -13.01
C ILE D 382 15.09 -15.85 -12.12
N TYR D 383 14.98 -16.93 -11.36
CA TYR D 383 13.86 -17.17 -10.46
C TYR D 383 14.34 -17.10 -9.02
N LEU D 384 13.72 -16.23 -8.24
CA LEU D 384 13.98 -16.14 -6.80
C LEU D 384 12.83 -16.82 -6.07
N LEU D 385 13.14 -17.88 -5.34
CA LEU D 385 12.13 -18.73 -4.72
C LEU D 385 12.32 -18.75 -3.21
N GLY D 386 11.25 -18.46 -2.47
CA GLY D 386 11.29 -18.55 -1.03
C GLY D 386 12.13 -17.45 -0.39
N GLY D 387 12.70 -17.78 0.77
CA GLY D 387 13.46 -16.82 1.54
C GLY D 387 12.66 -16.29 2.71
N GLU D 388 12.93 -15.05 3.10
CA GLU D 388 12.16 -14.39 4.15
C GLU D 388 11.79 -12.98 3.70
N GLU D 389 10.59 -12.56 4.08
CA GLU D 389 10.08 -11.24 3.74
C GLU D 389 9.60 -10.54 5.01
N ASN D 390 9.59 -9.22 4.97
CA ASN D 390 9.27 -8.44 6.16
C ASN D 390 7.77 -8.43 6.43
N ASP D 391 7.43 -8.53 7.71
CA ASP D 391 6.06 -8.36 8.19
C ASP D 391 6.15 -7.89 9.64
N LEU D 392 5.09 -7.23 10.11
CA LEU D 392 5.09 -6.66 11.45
C LEU D 392 6.30 -5.72 11.61
N ASP D 393 6.21 -4.58 10.92
CA ASP D 393 7.35 -4.07 10.15
C ASP D 393 8.53 -3.64 11.01
N PHE D 394 9.05 -4.58 11.78
CA PHE D 394 10.40 -4.53 12.31
C PHE D 394 11.07 -5.89 12.22
N PHE D 395 10.36 -6.92 11.76
CA PHE D 395 10.82 -8.30 11.75
C PHE D 395 10.57 -8.92 10.37
N THR D 396 10.99 -10.16 10.21
CA THR D 396 10.85 -10.88 8.95
C THR D 396 9.95 -12.10 9.13
N LYS D 397 9.43 -12.58 8.00
CA LYS D 397 8.53 -13.72 7.96
C LYS D 397 8.94 -14.62 6.80
N PRO D 398 8.87 -15.95 6.96
CA PRO D 398 9.22 -16.84 5.85
C PRO D 398 8.35 -16.60 4.63
N SER D 399 8.97 -16.67 3.45
CA SER D 399 8.33 -16.30 2.20
C SER D 399 8.11 -17.52 1.32
N ARG D 400 7.01 -17.49 0.56
CA ARG D 400 6.67 -18.50 -0.42
C ARG D 400 6.36 -17.85 -1.77
N LEU D 401 7.13 -16.83 -2.12
CA LEU D 401 6.93 -16.05 -3.33
C LEU D 401 7.86 -16.52 -4.44
N ILE D 402 7.46 -16.25 -5.67
CA ILE D 402 8.27 -16.48 -6.86
C ILE D 402 8.44 -15.15 -7.57
N GLN D 403 9.68 -14.81 -7.91
CA GLN D 403 9.98 -13.59 -8.66
C GLN D 403 10.84 -13.94 -9.86
N CYS D 404 10.55 -13.29 -10.98
CA CYS D 404 11.29 -13.48 -12.21
C CYS D 404 12.06 -12.21 -12.57
N PHE D 405 13.27 -12.39 -13.10
CA PHE D 405 14.11 -11.29 -13.54
C PHE D 405 14.65 -11.62 -14.93
N ASP D 406 14.03 -11.05 -15.95
CA ASP D 406 14.48 -11.25 -17.32
C ASP D 406 15.76 -10.47 -17.54
N THR D 407 16.86 -11.18 -17.77
CA THR D 407 18.15 -10.52 -17.97
C THR D 407 18.27 -9.82 -19.32
N GLU D 408 17.31 -10.03 -20.22
CA GLU D 408 17.32 -9.36 -21.52
C GLU D 408 16.59 -8.01 -21.45
N THR D 409 15.32 -8.02 -21.07
CA THR D 409 14.54 -6.80 -20.97
C THR D 409 14.75 -6.06 -19.65
N ASP D 410 15.45 -6.68 -18.69
CA ASP D 410 15.71 -6.07 -17.39
C ASP D 410 14.42 -5.65 -16.69
N LYS D 411 13.50 -6.61 -16.54
CA LYS D 411 12.22 -6.39 -15.90
C LYS D 411 11.98 -7.46 -14.85
N CYS D 412 11.31 -7.07 -13.77
CA CYS D 412 11.03 -7.97 -12.65
C CYS D 412 9.53 -8.09 -12.45
N HIS D 413 9.07 -9.32 -12.20
CA HIS D 413 7.66 -9.61 -12.02
C HIS D 413 7.48 -10.56 -10.84
N VAL D 414 6.28 -10.55 -10.28
CA VAL D 414 5.89 -11.44 -9.20
C VAL D 414 4.78 -12.34 -9.72
N LYS D 415 4.98 -13.64 -9.62
CA LYS D 415 4.00 -14.59 -10.14
C LYS D 415 2.74 -14.58 -9.29
N PRO D 416 1.56 -14.68 -9.89
CA PRO D 416 0.32 -14.67 -9.11
C PRO D 416 0.23 -15.83 -8.11
N TYR D 417 0.77 -16.99 -8.44
CA TYR D 417 0.71 -18.15 -7.57
C TYR D 417 1.87 -18.13 -6.57
N VAL D 418 1.83 -19.08 -5.64
CA VAL D 418 2.83 -19.18 -4.58
C VAL D 418 3.33 -20.61 -4.50
N LEU D 419 4.50 -20.77 -3.87
CA LEU D 419 5.10 -22.08 -3.71
C LEU D 419 4.30 -22.91 -2.69
N PRO D 420 4.28 -24.24 -2.84
CA PRO D 420 3.58 -25.08 -1.86
C PRO D 420 4.19 -25.03 -0.47
N PHE D 421 5.47 -24.70 -0.34
CA PHE D 421 6.10 -24.54 0.96
C PHE D 421 6.74 -23.17 1.06
N ALA D 422 7.13 -22.80 2.28
CA ALA D 422 7.73 -21.51 2.57
C ALA D 422 8.97 -21.69 3.43
N GLY D 423 9.88 -20.72 3.35
CA GLY D 423 11.06 -20.69 4.17
C GLY D 423 12.32 -20.72 3.32
N ARG D 424 13.32 -21.49 3.78
CA ARG D 424 14.60 -21.60 3.11
C ARG D 424 14.61 -22.83 2.22
N MET D 425 14.95 -22.65 0.95
CA MET D 425 14.89 -23.72 -0.03
C MET D 425 16.17 -23.74 -0.86
N HIS D 426 16.38 -24.86 -1.54
CA HIS D 426 17.49 -25.03 -2.48
C HIS D 426 16.91 -25.49 -3.81
N ALA D 427 17.31 -24.84 -4.90
CA ALA D 427 16.77 -25.10 -6.22
C ALA D 427 17.86 -25.58 -7.17
N ALA D 428 17.48 -26.47 -8.08
CA ALA D 428 18.37 -26.97 -9.11
C ALA D 428 17.61 -27.04 -10.43
N VAL D 429 18.23 -26.58 -11.51
CA VAL D 429 17.62 -26.61 -12.83
C VAL D 429 18.02 -27.91 -13.52
N HIS D 430 17.01 -28.70 -13.90
CA HIS D 430 17.23 -30.00 -14.53
C HIS D 430 16.26 -30.14 -15.70
N LYS D 431 16.78 -29.99 -16.93
CA LYS D 431 16.01 -30.23 -18.15
C LYS D 431 14.77 -29.31 -18.20
N ASP D 432 15.06 -28.01 -18.31
CA ASP D 432 14.07 -26.94 -18.41
C ASP D 432 13.03 -26.99 -17.29
N LEU D 433 13.38 -27.60 -16.16
CA LEU D 433 12.53 -27.65 -14.98
C LEU D 433 13.35 -27.29 -13.76
N VAL D 434 12.69 -26.71 -12.77
CA VAL D 434 13.32 -26.30 -11.52
C VAL D 434 12.87 -27.25 -10.42
N PHE D 435 13.83 -27.94 -9.80
CA PHE D 435 13.56 -28.84 -8.69
C PHE D 435 13.88 -28.10 -7.39
N ILE D 436 12.89 -28.00 -6.51
CA ILE D 436 13.01 -27.23 -5.27
C ILE D 436 12.81 -28.18 -4.10
N VAL D 437 13.71 -28.09 -3.12
CA VAL D 437 13.64 -28.89 -1.91
C VAL D 437 13.64 -27.93 -0.72
N ALA D 438 13.11 -28.41 0.40
CA ALA D 438 13.06 -27.62 1.63
C ALA D 438 12.96 -28.59 2.80
N GLU D 439 12.72 -28.04 4.00
CA GLU D 439 12.52 -28.89 5.16
C GLU D 439 11.17 -29.57 5.10
N GLY D 440 11.14 -30.87 5.39
CA GLY D 440 9.90 -31.62 5.39
C GLY D 440 9.92 -32.82 4.47
N ASP D 441 11.08 -33.10 3.87
CA ASP D 441 11.26 -34.27 3.00
C ASP D 441 10.24 -34.29 1.87
N SER D 442 9.99 -33.12 1.27
CA SER D 442 9.13 -32.99 0.10
C SER D 442 9.91 -32.30 -1.00
N LEU D 443 9.87 -32.86 -2.20
CA LEU D 443 10.55 -32.33 -3.36
C LEU D 443 9.53 -31.87 -4.38
N VAL D 444 9.73 -30.67 -4.92
CA VAL D 444 8.77 -30.03 -5.82
C VAL D 444 9.46 -29.76 -7.16
N CYS D 445 8.80 -30.14 -8.24
CA CYS D 445 9.25 -29.84 -9.58
C CYS D 445 8.41 -28.70 -10.15
N TYR D 446 9.07 -27.68 -10.67
CA TYR D 446 8.41 -26.46 -11.12
C TYR D 446 8.58 -26.34 -12.63
N ASN D 447 7.45 -26.16 -13.33
CA ASN D 447 7.43 -25.94 -14.78
C ASN D 447 6.97 -24.50 -15.02
N PRO D 448 7.90 -23.56 -15.14
CA PRO D 448 7.49 -22.15 -15.30
C PRO D 448 6.64 -21.88 -16.53
N LEU D 449 6.87 -22.62 -17.62
CA LEU D 449 6.11 -22.38 -18.85
C LEU D 449 4.64 -22.72 -18.66
N LEU D 450 4.34 -23.84 -17.99
CA LEU D 450 2.97 -24.21 -17.71
C LEU D 450 2.47 -23.68 -16.37
N ASP D 451 3.34 -23.06 -15.57
CA ASP D 451 2.98 -22.47 -14.29
C ASP D 451 2.34 -23.49 -13.35
N SER D 452 2.95 -24.68 -13.29
CA SER D 452 2.41 -25.78 -12.51
C SER D 452 3.52 -26.44 -11.69
N PHE D 453 3.11 -27.10 -10.62
CA PHE D 453 4.01 -27.83 -9.74
C PHE D 453 3.62 -29.30 -9.71
N THR D 454 4.62 -30.14 -9.43
CA THR D 454 4.38 -31.56 -9.20
C THR D 454 5.20 -31.81 -7.97
N ARG D 455 4.85 -32.79 -7.15
CA ARG D 455 5.56 -32.99 -5.86
C ARG D 455 5.89 -34.46 -5.64
N LEU D 456 7.15 -34.77 -5.38
CA LEU D 456 7.55 -36.16 -5.00
C LEU D 456 7.77 -36.15 -3.49
N CYS D 457 7.52 -37.26 -2.81
CA CYS D 457 7.80 -37.36 -1.36
C CYS D 457 9.15 -38.06 -1.14
N LEU D 458 10.17 -37.32 -0.68
CA LEU D 458 11.52 -37.88 -0.48
C LEU D 458 11.46 -38.88 0.70
N PRO D 459 12.41 -39.82 0.85
CA PRO D 459 12.33 -40.83 1.91
C PRO D 459 12.32 -40.22 3.30
N GLU D 460 11.19 -40.36 3.99
CA GLU D 460 10.99 -39.78 5.31
C GLU D 460 11.44 -40.71 6.43
N ALA D 461 12.32 -41.66 6.14
CA ALA D 461 12.83 -42.55 7.19
C ALA D 461 13.62 -41.78 8.23
N TRP D 462 14.29 -40.70 7.83
CA TRP D 462 15.05 -39.84 8.73
C TRP D 462 14.56 -38.40 8.52
N SER D 463 13.50 -38.03 9.23
CA SER D 463 12.94 -36.70 9.15
C SER D 463 12.90 -35.96 10.48
N SER D 464 13.07 -36.66 11.60
CA SER D 464 13.04 -35.98 12.90
C SER D 464 14.25 -35.06 13.07
N ALA D 465 15.37 -35.41 12.46
CA ALA D 465 16.58 -34.61 12.58
C ALA D 465 16.37 -33.25 11.91
N PRO D 466 16.75 -32.15 12.55
CA PRO D 466 16.64 -30.82 11.92
C PRO D 466 17.78 -30.57 10.93
N SER D 467 17.74 -31.33 9.83
CA SER D 467 18.79 -31.29 8.83
C SER D 467 18.26 -30.66 7.54
N LEU D 468 19.11 -29.86 6.90
CA LEU D 468 18.77 -29.23 5.63
C LEU D 468 19.11 -30.17 4.47
N TRP D 469 18.42 -29.96 3.35
CA TRP D 469 18.60 -30.78 2.16
C TRP D 469 19.11 -29.92 1.02
N LYS D 470 20.14 -30.40 0.33
CA LYS D 470 20.71 -29.74 -0.82
C LYS D 470 20.49 -30.60 -2.05
N ILE D 471 20.31 -29.96 -3.19
CA ILE D 471 19.97 -30.64 -4.44
C ILE D 471 20.90 -30.14 -5.53
N ALA D 472 21.37 -31.07 -6.38
CA ALA D 472 22.24 -30.73 -7.49
C ALA D 472 22.01 -31.74 -8.62
N SER D 473 21.64 -31.25 -9.79
CA SER D 473 21.34 -32.11 -10.93
C SER D 473 22.61 -32.55 -11.63
N CYS D 474 22.58 -33.75 -12.20
CA CYS D 474 23.74 -34.26 -12.94
C CYS D 474 23.28 -35.34 -13.92
N ASN D 475 23.29 -35.01 -15.21
CA ASN D 475 23.15 -35.97 -16.31
C ASN D 475 21.98 -36.94 -16.09
N GLY D 476 20.78 -36.38 -16.05
CA GLY D 476 19.59 -37.21 -15.96
C GLY D 476 19.33 -37.81 -14.60
N SER D 477 20.08 -37.42 -13.59
CA SER D 477 19.86 -37.88 -12.21
C SER D 477 20.01 -36.70 -11.28
N ILE D 478 19.33 -36.78 -10.14
CA ILE D 478 19.31 -35.73 -9.14
C ILE D 478 19.93 -36.28 -7.87
N TYR D 479 20.91 -35.54 -7.32
CA TYR D 479 21.58 -35.93 -6.08
C TYR D 479 21.08 -35.04 -4.96
N VAL D 480 20.68 -35.67 -3.85
CA VAL D 480 20.20 -34.96 -2.67
C VAL D 480 21.23 -35.14 -1.56
N PHE D 481 21.72 -34.02 -1.02
CA PHE D 481 22.78 -34.02 -0.03
C PHE D 481 22.21 -33.65 1.33
N ARG D 482 22.67 -34.36 2.37
CA ARG D 482 22.20 -34.16 3.73
C ARG D 482 23.15 -33.22 4.45
N ASP D 483 22.62 -32.13 5.01
CA ASP D 483 23.44 -31.15 5.70
C ASP D 483 24.07 -31.74 6.96
N ARG D 484 23.29 -32.49 7.74
CA ARG D 484 23.77 -33.08 8.99
C ARG D 484 24.15 -34.53 8.72
N TYR D 485 25.42 -34.74 8.37
CA TYR D 485 25.93 -36.08 8.12
C TYR D 485 26.14 -36.81 9.43
N LYS D 486 25.89 -38.13 9.41
CA LYS D 486 26.09 -38.95 10.59
C LYS D 486 27.55 -39.37 10.72
N LYS D 487 27.83 -40.16 11.74
CA LYS D 487 29.18 -40.65 11.99
C LYS D 487 29.43 -41.86 11.08
N GLY D 488 30.33 -41.70 10.11
CA GLY D 488 30.67 -42.76 9.19
C GLY D 488 29.67 -42.99 8.08
N ASP D 489 28.65 -42.14 7.96
CA ASP D 489 27.62 -42.28 6.94
C ASP D 489 27.59 -41.02 6.08
N ALA D 490 28.09 -41.13 4.85
CA ALA D 490 27.98 -40.05 3.88
C ALA D 490 26.62 -40.18 3.18
N ASN D 491 25.60 -39.63 3.83
CA ASN D 491 24.21 -39.83 3.40
C ASN D 491 23.94 -38.99 2.16
N THR D 492 24.14 -39.61 1.01
CA THR D 492 23.80 -39.01 -0.28
C THR D 492 22.80 -39.93 -0.98
N TYR D 493 21.80 -39.33 -1.60
CA TYR D 493 20.75 -40.05 -2.30
C TYR D 493 20.72 -39.64 -3.76
N LYS D 494 20.59 -40.62 -4.65
CA LYS D 494 20.42 -40.37 -6.07
C LYS D 494 18.97 -40.63 -6.45
N LEU D 495 18.34 -39.65 -7.09
CA LEU D 495 16.94 -39.74 -7.47
C LEU D 495 16.82 -39.72 -8.99
N ASP D 496 16.03 -40.65 -9.52
CA ASP D 496 15.71 -40.66 -10.95
C ASP D 496 14.30 -40.13 -11.12
N PRO D 497 14.11 -38.93 -11.66
CA PRO D 497 12.76 -38.32 -11.67
C PRO D 497 11.74 -39.08 -12.50
N ALA D 498 12.17 -39.92 -13.45
CA ALA D 498 11.22 -40.63 -14.29
C ALA D 498 10.39 -41.62 -13.48
N THR D 499 11.04 -42.48 -12.70
CA THR D 499 10.35 -43.50 -11.93
C THR D 499 10.32 -43.17 -10.43
N SER D 500 10.87 -42.03 -10.02
CA SER D 500 10.82 -41.57 -8.64
C SER D 500 11.45 -42.57 -7.69
N ALA D 501 12.53 -43.22 -8.13
CA ALA D 501 13.26 -44.19 -7.32
C ALA D 501 14.46 -43.51 -6.69
N VAL D 502 14.53 -43.52 -5.36
CA VAL D 502 15.62 -42.92 -4.61
C VAL D 502 16.52 -44.04 -4.13
N THR D 503 17.80 -43.97 -4.47
CA THR D 503 18.78 -44.98 -4.09
C THR D 503 19.85 -44.35 -3.20
N VAL D 504 20.87 -45.14 -2.89
CA VAL D 504 21.95 -44.73 -2.01
C VAL D 504 23.26 -44.85 -2.77
N THR D 505 24.14 -43.86 -2.60
CA THR D 505 25.33 -43.73 -3.43
C THR D 505 26.62 -43.85 -2.63
N ARG D 506 26.71 -44.88 -1.78
CA ARG D 506 27.94 -45.13 -1.05
C ARG D 506 29.11 -45.28 -2.02
N GLY D 507 30.22 -44.63 -1.68
CA GLY D 507 31.38 -44.60 -2.56
C GLY D 507 31.98 -43.22 -2.64
N ILE D 508 31.15 -42.20 -2.44
CA ILE D 508 31.62 -40.83 -2.38
C ILE D 508 32.07 -40.54 -0.95
N LYS D 509 33.36 -40.25 -0.79
CA LYS D 509 33.97 -40.16 0.54
C LYS D 509 34.06 -38.71 1.04
N VAL D 510 32.90 -38.04 1.15
CA VAL D 510 32.89 -36.69 1.70
C VAL D 510 33.20 -36.75 3.19
N LEU D 511 34.21 -35.98 3.61
CA LEU D 511 34.57 -35.87 5.01
C LEU D 511 33.96 -34.63 5.68
N LEU D 512 33.18 -33.85 4.93
CA LEU D 512 32.60 -32.64 5.47
C LEU D 512 31.43 -32.95 6.40
N THR D 513 31.59 -32.70 7.70
CA THR D 513 30.51 -32.92 8.65
C THR D 513 29.35 -31.98 8.36
N ASN D 514 29.63 -30.72 8.08
CA ASN D 514 28.61 -29.72 7.78
C ASN D 514 28.78 -29.24 6.34
N LEU D 515 27.67 -29.20 5.61
CA LEU D 515 27.64 -28.75 4.22
C LEU D 515 27.10 -27.33 4.20
N GLN D 516 27.93 -26.39 3.74
CA GLN D 516 27.53 -24.99 3.67
C GLN D 516 26.84 -24.67 2.34
N PHE D 517 27.52 -24.92 1.23
CA PHE D 517 27.01 -24.63 -0.09
C PHE D 517 27.16 -25.86 -0.99
N VAL D 518 26.15 -26.13 -1.80
CA VAL D 518 26.23 -27.11 -2.88
C VAL D 518 25.91 -26.36 -4.17
N LEU D 519 26.85 -26.34 -5.10
CA LEU D 519 26.78 -25.52 -6.29
C LEU D 519 26.88 -26.38 -7.54
N ALA D 520 26.05 -26.07 -8.53
CA ALA D 520 26.07 -26.79 -9.80
C ALA D 520 25.68 -25.87 -10.94
C1 IHP E . -11.30 26.50 21.21
C2 IHP E . -11.63 25.92 19.85
C3 IHP E . -10.40 25.94 18.96
C4 IHP E . -10.04 27.38 18.61
C5 IHP E . -10.53 28.33 19.68
C6 IHP E . -10.39 27.71 21.06
O11 IHP E . -10.62 25.50 22.00
P1 IHP E . -10.72 25.20 23.59
O21 IHP E . -12.16 24.80 23.85
O31 IHP E . -9.76 24.06 23.84
O41 IHP E . -10.32 26.47 24.30
O12 IHP E . -12.08 24.56 20.02
P2 IHP E . -13.56 23.99 20.36
O22 IHP E . -14.22 23.68 19.03
O32 IHP E . -13.35 22.76 21.22
O42 IHP E . -14.26 25.11 21.12
O13 IHP E . -10.66 25.19 17.76
P3 IHP E . -11.65 25.47 16.50
O23 IHP E . -12.37 24.16 16.28
O33 IHP E . -10.74 25.84 15.35
O43 IHP E . -12.58 26.59 16.89
O14 IHP E . -8.61 27.51 18.51
P4 IHP E . -7.66 27.30 17.20
O24 IHP E . -8.60 27.40 16.02
O34 IHP E . -6.62 28.40 17.22
O44 IHP E . -7.06 25.92 17.37
O15 IHP E . -9.72 29.53 19.62
P5 IHP E . -10.04 30.90 18.81
O25 IHP E . -11.30 31.45 19.41
O35 IHP E . -10.19 30.50 17.36
O45 IHP E . -8.83 31.80 19.04
O16 IHP E . -10.76 28.69 22.05
P6 IHP E . -9.83 29.57 23.04
O26 IHP E . -10.76 30.01 24.13
O36 IHP E . -8.73 28.65 23.52
O46 IHP E . -9.30 30.72 22.20
#